data_7KAY
#
_entry.id   7KAY
#
_cell.length_a   189.044
_cell.length_b   113.534
_cell.length_c   119.283
_cell.angle_alpha   90.000
_cell.angle_beta   117.040
_cell.angle_gamma   90.000
#
_symmetry.space_group_name_H-M   'C 1 2 1'
#
loop_
_entity.id
_entity.type
_entity.pdbx_description
1 polymer 'Oleate hydratase'
2 non-polymer 'OLEIC ACID'
3 non-polymer GLYCEROL
4 non-polymer 'POTASSIUM ION'
5 water water
#
_entity_poly.entity_id   1
_entity_poly.type   'polypeptide(L)'
_entity_poly.pdbx_seq_one_letter_code
;MGSSHHHHHHSSGLVPRGSHMYYSYGNYEAFARPKKPENVENKSAYLIGSGLASLAAACFLIRDGQMEGSKIHILEELPK
AGGSLDGENMPLKGYVVRGGRAMENHFECLWDLFRSIPSLEIDNASVLDEFYWLNKEDPNYSRCRVIEKQGQRLVTDGDF
TLTKTAIKEILDLCLTNEEDLDDVKITDVFSDDFFNSNFWIYWKTMFAFEPWHSAMEMRRYLMRFVHHISGLADFSALKF
TKYNQYESLVLPMVEYLKSHGVQFEYDVKVEDIKIDVTTSQKIAREILIDRNGNAESIKLTINDLVFVTNGSITESSTYG
DNDTPAPPTDELGGSWTLWKNLARQSPEFGNPDKFCQNIPKKSWFVSATSTTNNKEIIDTIESICKRDPLAGKTVTGGII
TINDSAWQMSFTINRQQQFKDQPENEISTWIYALYSDVNGDYIKKPITECSGNEICQEWLYHLGVSTDKIEDLAKHASNT
IPVYMPYITSYFMTRAIGDRPLVVPHQSQNLAFIGNFAETERDTVFTTEYSVRTAMEAVYQLLNIDRGIPEVINSPFDLR
VLMDAIYELNDHQDLREITKDSKMQKLALAGFLKKIKGTYIESLLKEHKLL
;
_entity_poly.pdbx_strand_id   A,B,C
#
# COMPACT_ATOMS: atom_id res chain seq x y z
N SER A 19 -40.33 39.98 7.47
CA SER A 19 -41.74 39.56 7.48
C SER A 19 -42.23 39.23 6.07
N HIS A 20 -41.60 39.85 5.08
CA HIS A 20 -41.93 39.61 3.69
C HIS A 20 -41.03 38.55 3.05
N MET A 21 -40.31 37.78 3.86
CA MET A 21 -39.51 36.66 3.38
C MET A 21 -39.29 35.72 4.54
N TYR A 22 -38.86 34.50 4.22
CA TYR A 22 -38.45 33.55 5.24
C TYR A 22 -37.23 32.80 4.75
N TYR A 23 -36.41 32.36 5.72
CA TYR A 23 -35.21 31.58 5.45
C TYR A 23 -35.52 30.09 5.51
N SER A 24 -34.86 29.32 4.67
CA SER A 24 -35.06 27.88 4.62
C SER A 24 -33.74 27.22 4.26
N TYR A 25 -33.74 25.89 4.29
CA TYR A 25 -32.63 25.11 3.77
C TYR A 25 -33.17 23.75 3.36
N GLY A 26 -32.39 23.01 2.59
CA GLY A 26 -32.79 21.70 2.11
C GLY A 26 -33.35 21.76 0.70
N ASN A 27 -33.57 20.57 0.14
CA ASN A 27 -33.91 20.42 -1.28
C ASN A 27 -35.35 20.83 -1.59
N TYR A 28 -36.27 20.67 -0.62
CA TYR A 28 -37.66 21.01 -0.87
C TYR A 28 -37.79 22.45 -1.36
N GLU A 29 -37.24 23.39 -0.60
CA GLU A 29 -37.31 24.80 -0.99
C GLU A 29 -36.36 25.11 -2.14
N ALA A 30 -35.25 24.38 -2.26
CA ALA A 30 -34.32 24.60 -3.36
C ALA A 30 -34.99 24.33 -4.71
N PHE A 31 -35.68 23.20 -4.82
CA PHE A 31 -36.23 22.78 -6.10
C PHE A 31 -37.60 23.37 -6.39
N ALA A 32 -38.29 23.87 -5.37
CA ALA A 32 -39.63 24.39 -5.58
C ALA A 32 -39.60 25.69 -6.40
N ARG A 33 -40.68 25.91 -7.16
CA ARG A 33 -40.86 27.11 -7.94
C ARG A 33 -41.93 27.99 -7.29
N PRO A 34 -41.71 29.28 -7.15
CA PRO A 34 -42.74 30.13 -6.55
C PRO A 34 -43.88 30.40 -7.52
N LYS A 35 -45.09 30.49 -6.98
CA LYS A 35 -46.19 31.03 -7.77
C LYS A 35 -45.84 32.42 -8.26
N LYS A 36 -46.43 32.82 -9.37
CA LYS A 36 -46.26 34.18 -9.84
C LYS A 36 -46.70 35.16 -8.76
N PRO A 37 -45.88 36.13 -8.38
CA PRO A 37 -46.27 37.05 -7.30
C PRO A 37 -47.42 37.93 -7.71
N GLU A 38 -48.11 38.45 -6.70
CA GLU A 38 -49.37 39.13 -6.95
C GLU A 38 -49.14 40.50 -7.58
N ASN A 39 -49.89 40.79 -8.64
CA ASN A 39 -49.90 42.09 -9.31
C ASN A 39 -48.59 42.43 -10.01
N VAL A 40 -47.72 41.46 -10.25
CA VAL A 40 -46.42 41.79 -10.84
C VAL A 40 -46.60 42.31 -12.26
N GLU A 41 -47.71 41.95 -12.92
CA GLU A 41 -47.97 42.43 -14.26
C GLU A 41 -48.11 43.95 -14.33
N ASN A 42 -48.32 44.61 -13.19
CA ASN A 42 -48.47 46.06 -13.15
C ASN A 42 -47.25 46.76 -12.57
N LYS A 43 -46.13 46.07 -12.48
CA LYS A 43 -44.96 46.61 -11.80
C LYS A 43 -43.80 46.71 -12.77
N SER A 44 -42.84 47.56 -12.41
CA SER A 44 -41.61 47.80 -13.16
C SER A 44 -40.44 47.80 -12.18
N ALA A 45 -39.22 47.72 -12.72
CA ALA A 45 -38.03 47.76 -11.88
C ALA A 45 -36.94 48.60 -12.50
N TYR A 46 -36.28 49.39 -11.66
CA TYR A 46 -35.11 50.15 -12.05
C TYR A 46 -33.94 49.68 -11.21
N LEU A 47 -32.87 49.27 -11.87
CA LEU A 47 -31.68 48.79 -11.18
C LEU A 47 -30.54 49.79 -11.40
N ILE A 48 -30.04 50.36 -10.31
CA ILE A 48 -29.01 51.40 -10.38
C ILE A 48 -27.65 50.72 -10.36
N GLY A 49 -26.91 50.81 -11.46
CA GLY A 49 -25.63 50.16 -11.56
C GLY A 49 -25.71 48.86 -12.35
N SER A 50 -24.57 48.44 -12.89
CA SER A 50 -24.52 47.24 -13.72
C SER A 50 -23.62 46.15 -13.13
N GLY A 51 -23.23 46.26 -11.87
CA GLY A 51 -22.45 45.22 -11.23
C GLY A 51 -23.28 43.96 -11.01
N LEU A 52 -22.65 43.01 -10.33
CA LEU A 52 -23.25 41.68 -10.21
C LEU A 52 -24.57 41.71 -9.43
N ALA A 53 -24.67 42.54 -8.40
CA ALA A 53 -25.92 42.57 -7.63
C ALA A 53 -27.09 43.03 -8.49
N SER A 54 -26.90 44.11 -9.26
CA SER A 54 -27.98 44.57 -10.14
C SER A 54 -28.38 43.49 -11.12
N LEU A 55 -27.38 42.89 -11.78
CA LEU A 55 -27.65 41.84 -12.76
C LEU A 55 -28.38 40.67 -12.12
N ALA A 56 -27.94 40.24 -10.94
CA ALA A 56 -28.62 39.13 -10.29
C ALA A 56 -30.05 39.50 -9.95
N ALA A 57 -30.28 40.73 -9.47
CA ALA A 57 -31.65 41.10 -9.12
C ALA A 57 -32.53 41.06 -10.36
N ALA A 58 -32.02 41.55 -11.49
CA ALA A 58 -32.78 41.48 -12.72
C ALA A 58 -33.10 40.05 -13.07
N CYS A 59 -32.13 39.14 -12.90
CA CYS A 59 -32.39 37.73 -13.21
C CYS A 59 -33.51 37.18 -12.33
N PHE A 60 -33.50 37.47 -11.03
CA PHE A 60 -34.56 36.99 -10.16
C PHE A 60 -35.91 37.62 -10.52
N LEU A 61 -35.90 38.88 -10.93
CA LEU A 61 -37.14 39.52 -11.38
C LEU A 61 -37.75 38.75 -12.55
N ILE A 62 -36.92 38.38 -13.52
CA ILE A 62 -37.38 37.59 -14.66
C ILE A 62 -37.84 36.21 -14.21
N ARG A 63 -36.96 35.48 -13.52
CA ARG A 63 -37.19 34.06 -13.30
C ARG A 63 -38.28 33.83 -12.26
N ASP A 64 -38.18 34.50 -11.11
CA ASP A 64 -39.09 34.24 -10.01
C ASP A 64 -40.15 35.30 -9.81
N GLY A 65 -39.84 36.57 -10.11
CA GLY A 65 -40.89 37.56 -10.14
C GLY A 65 -41.81 37.44 -11.34
N GLN A 66 -41.33 36.78 -12.39
CA GLN A 66 -42.06 36.70 -13.66
C GLN A 66 -42.45 38.11 -14.14
N MET A 67 -41.60 39.08 -13.84
CA MET A 67 -41.76 40.41 -14.38
C MET A 67 -41.35 40.43 -15.86
N GLU A 68 -42.07 41.22 -16.64
CA GLU A 68 -41.77 41.31 -18.07
C GLU A 68 -40.46 42.04 -18.28
N GLY A 69 -39.57 41.45 -19.09
CA GLY A 69 -38.25 42.02 -19.27
C GLY A 69 -38.27 43.46 -19.73
N SER A 70 -39.25 43.82 -20.57
CA SER A 70 -39.35 45.20 -21.06
C SER A 70 -39.59 46.18 -19.94
N LYS A 71 -40.14 45.74 -18.82
CA LYS A 71 -40.35 46.60 -17.66
C LYS A 71 -39.15 46.65 -16.73
N ILE A 72 -38.02 46.05 -17.11
CA ILE A 72 -36.83 46.01 -16.26
C ILE A 72 -35.76 46.86 -16.92
N HIS A 73 -35.30 47.88 -16.19
CA HIS A 73 -34.40 48.91 -16.69
C HIS A 73 -33.13 48.95 -15.86
N ILE A 74 -32.01 48.59 -16.47
CA ILE A 74 -30.71 48.63 -15.82
C ILE A 74 -30.01 49.90 -16.26
N LEU A 75 -29.69 50.77 -15.29
CA LEU A 75 -29.12 52.09 -15.56
C LEU A 75 -27.63 52.03 -15.25
N GLU A 76 -26.81 52.10 -16.30
CA GLU A 76 -25.37 52.02 -16.15
C GLU A 76 -24.73 53.34 -16.56
N GLU A 77 -23.80 53.80 -15.73
CA GLU A 77 -23.05 55.01 -16.01
C GLU A 77 -22.15 54.84 -17.22
N LEU A 78 -21.62 53.64 -17.47
CA LEU A 78 -20.69 53.43 -18.55
C LEU A 78 -21.42 53.43 -19.90
N PRO A 79 -20.67 53.64 -20.98
CA PRO A 79 -21.27 53.55 -22.33
C PRO A 79 -21.37 52.10 -22.78
N LYS A 80 -22.14 51.91 -23.85
CA LYS A 80 -22.32 50.59 -24.45
C LYS A 80 -20.99 50.01 -24.92
N PRO A 91 -8.90 53.85 -23.50
CA PRO A 91 -8.45 52.52 -23.92
C PRO A 91 -7.23 52.04 -23.13
N LEU A 92 -7.40 50.98 -22.33
CA LEU A 92 -6.31 50.49 -21.48
C LEU A 92 -5.19 49.91 -22.33
N LYS A 93 -3.97 49.98 -21.80
CA LYS A 93 -2.78 49.62 -22.57
C LYS A 93 -2.35 48.16 -22.39
N GLY A 94 -3.24 47.31 -21.92
CA GLY A 94 -2.92 45.90 -21.71
C GLY A 94 -4.02 45.22 -20.95
N TYR A 95 -3.87 43.91 -20.78
CA TYR A 95 -4.87 43.15 -20.04
C TYR A 95 -4.92 43.56 -18.57
N VAL A 96 -6.13 43.61 -18.02
CA VAL A 96 -6.31 43.88 -16.60
C VAL A 96 -7.22 42.82 -16.03
N VAL A 97 -6.78 42.16 -14.96
CA VAL A 97 -7.57 41.16 -14.23
C VAL A 97 -8.28 41.86 -13.09
N ARG A 98 -9.60 41.68 -13.00
CA ARG A 98 -10.41 42.39 -12.02
C ARG A 98 -10.52 41.66 -10.69
N GLY A 99 -11.73 41.62 -10.13
CA GLY A 99 -11.97 41.01 -8.83
C GLY A 99 -11.41 39.61 -8.69
N GLY A 100 -11.91 38.68 -9.51
CA GLY A 100 -11.31 37.37 -9.61
C GLY A 100 -11.29 36.56 -8.34
N ARG A 101 -12.06 36.95 -7.32
CA ARG A 101 -12.09 36.18 -6.09
C ARG A 101 -12.70 34.80 -6.32
N ALA A 102 -12.27 33.84 -5.52
CA ALA A 102 -12.72 32.47 -5.63
C ALA A 102 -14.16 32.33 -5.11
N MET A 103 -14.77 31.19 -5.40
CA MET A 103 -16.03 30.82 -4.78
C MET A 103 -15.83 29.54 -4.00
N GLU A 104 -16.89 29.10 -3.32
CA GLU A 104 -16.88 27.84 -2.61
C GLU A 104 -18.21 27.16 -2.86
N ASN A 105 -18.30 25.89 -2.44
CA ASN A 105 -19.52 25.14 -2.68
C ASN A 105 -20.71 25.78 -1.99
N HIS A 106 -20.54 26.39 -0.82
CA HIS A 106 -21.71 26.88 -0.07
C HIS A 106 -22.02 28.34 -0.34
N PHE A 107 -21.81 28.79 -1.58
CA PHE A 107 -22.42 30.01 -2.09
C PHE A 107 -23.87 29.69 -2.48
N GLU A 108 -24.73 29.56 -1.46
CA GLU A 108 -26.07 28.97 -1.63
C GLU A 108 -26.95 29.77 -2.60
N CYS A 109 -26.98 31.10 -2.47
CA CYS A 109 -27.82 31.88 -3.38
C CYS A 109 -27.22 31.95 -4.77
N LEU A 110 -25.90 32.09 -4.86
CA LEU A 110 -25.27 32.22 -6.17
C LEU A 110 -25.53 30.99 -7.03
N TRP A 111 -25.49 29.79 -6.43
CA TRP A 111 -25.74 28.60 -7.22
C TRP A 111 -27.23 28.45 -7.55
N ASP A 112 -28.12 28.93 -6.67
CA ASP A 112 -29.54 29.00 -7.02
C ASP A 112 -29.72 29.82 -8.29
N LEU A 113 -28.98 30.92 -8.41
CA LEU A 113 -29.09 31.75 -9.60
C LEU A 113 -28.47 31.06 -10.83
N PHE A 114 -27.21 30.63 -10.74
CA PHE A 114 -26.47 30.26 -11.94
C PHE A 114 -26.84 28.89 -12.47
N ARG A 115 -27.63 28.10 -11.76
CA ARG A 115 -28.23 26.92 -12.37
C ARG A 115 -29.24 27.28 -13.45
N SER A 116 -29.74 28.51 -13.48
CA SER A 116 -30.74 28.90 -14.48
C SER A 116 -30.15 29.73 -15.60
N ILE A 117 -28.85 30.03 -15.57
CA ILE A 117 -28.21 30.88 -16.57
C ILE A 117 -27.52 29.98 -17.58
N PRO A 118 -27.86 30.06 -18.87
CA PRO A 118 -27.20 29.20 -19.85
C PRO A 118 -25.71 29.51 -19.96
N SER A 119 -24.91 28.46 -20.01
CA SER A 119 -23.49 28.60 -20.33
C SER A 119 -23.34 29.14 -21.75
N LEU A 120 -22.33 29.98 -21.95
CA LEU A 120 -21.93 30.40 -23.29
C LEU A 120 -20.84 29.51 -23.88
N GLU A 121 -20.39 28.50 -23.14
CA GLU A 121 -19.29 27.64 -23.55
C GLU A 121 -19.74 26.23 -23.89
N ILE A 122 -20.75 25.70 -23.20
CA ILE A 122 -21.19 24.32 -23.38
C ILE A 122 -22.66 24.32 -23.76
N ASP A 123 -23.01 23.57 -24.78
CA ASP A 123 -24.39 23.47 -25.21
C ASP A 123 -25.25 22.79 -24.15
N ASN A 124 -26.48 23.27 -24.01
CA ASN A 124 -27.48 22.70 -23.12
C ASN A 124 -26.93 22.40 -21.73
N ALA A 125 -26.23 23.38 -21.18
CA ALA A 125 -25.72 23.32 -19.82
C ALA A 125 -25.78 24.71 -19.24
N SER A 126 -25.94 24.78 -17.91
CA SER A 126 -25.93 26.07 -17.23
C SER A 126 -24.50 26.48 -16.87
N VAL A 127 -24.38 27.75 -16.42
CA VAL A 127 -23.12 28.20 -15.85
C VAL A 127 -22.70 27.29 -14.69
N LEU A 128 -23.64 26.91 -13.83
CA LEU A 128 -23.30 26.01 -12.73
C LEU A 128 -22.73 24.70 -13.25
N ASP A 129 -23.36 24.11 -14.27
CA ASP A 129 -22.86 22.84 -14.80
C ASP A 129 -21.40 22.97 -15.24
N GLU A 130 -21.11 23.99 -16.05
CA GLU A 130 -19.77 24.19 -16.57
C GLU A 130 -18.77 24.38 -15.43
N PHE A 131 -19.16 25.17 -14.43
CA PHE A 131 -18.31 25.41 -13.27
C PHE A 131 -18.09 24.14 -12.47
N TYR A 132 -19.17 23.40 -12.21
CA TYR A 132 -19.11 22.18 -11.43
C TYR A 132 -18.20 21.15 -12.08
N TRP A 133 -18.40 20.92 -13.38
CA TRP A 133 -17.60 19.95 -14.09
C TRP A 133 -16.15 20.39 -14.18
N LEU A 134 -15.91 21.68 -14.40
CA LEU A 134 -14.53 22.17 -14.53
C LEU A 134 -13.75 21.94 -13.24
N ASN A 135 -14.35 22.27 -12.11
CA ASN A 135 -13.63 22.15 -10.85
C ASN A 135 -13.54 20.72 -10.35
N LYS A 136 -14.29 19.79 -10.95
CA LYS A 136 -14.01 18.37 -10.75
C LYS A 136 -12.95 17.86 -11.71
N GLU A 137 -12.90 18.38 -12.94
CA GLU A 137 -11.89 17.97 -13.90
C GLU A 137 -10.51 18.48 -13.47
N ASP A 138 -10.46 19.66 -12.86
CA ASP A 138 -9.21 20.35 -12.56
C ASP A 138 -9.38 21.01 -11.21
N PRO A 139 -9.33 20.22 -10.13
CA PRO A 139 -9.63 20.76 -8.80
C PRO A 139 -8.51 21.63 -8.27
N ASN A 140 -8.88 22.70 -7.57
CA ASN A 140 -7.92 23.69 -7.14
C ASN A 140 -7.19 23.27 -5.87
N TYR A 141 -5.89 23.52 -5.84
CA TYR A 141 -5.12 23.41 -4.62
C TYR A 141 -3.78 24.08 -4.88
N SER A 142 -3.13 24.49 -3.80
CA SER A 142 -1.86 25.19 -3.89
C SER A 142 -0.75 24.22 -3.54
N ARG A 143 0.32 24.23 -4.35
CA ARG A 143 1.51 23.47 -4.02
C ARG A 143 2.60 24.34 -3.39
N CYS A 144 2.33 25.63 -3.21
CA CYS A 144 3.28 26.55 -2.58
C CYS A 144 2.49 27.80 -2.24
N ARG A 145 2.17 27.95 -0.96
CA ARG A 145 1.30 29.02 -0.48
C ARG A 145 2.06 30.27 -0.05
N VAL A 146 3.26 30.13 0.52
CA VAL A 146 4.01 31.27 1.05
C VAL A 146 5.48 31.10 0.68
N ILE A 147 6.10 32.17 0.20
CA ILE A 147 7.53 32.17 -0.12
C ILE A 147 8.20 33.31 0.65
N GLU A 148 9.53 33.24 0.72
CA GLU A 148 10.31 34.26 1.40
C GLU A 148 11.74 34.15 0.91
N LYS A 149 12.56 35.14 1.27
CA LYS A 149 13.98 35.12 0.94
C LYS A 149 14.18 34.94 -0.57
N GLN A 150 13.42 35.71 -1.34
CA GLN A 150 13.53 35.73 -2.80
C GLN A 150 13.33 34.34 -3.41
N GLY A 151 12.20 33.72 -3.07
CA GLY A 151 11.75 32.55 -3.80
C GLY A 151 11.76 31.24 -3.04
N GLN A 152 12.17 31.22 -1.77
CA GLN A 152 12.14 30.01 -0.96
C GLN A 152 10.75 29.76 -0.40
N ARG A 153 10.31 28.51 -0.44
CA ARG A 153 9.05 28.18 0.23
C ARG A 153 9.22 28.35 1.74
N LEU A 154 8.20 28.92 2.38
CA LEU A 154 8.21 29.05 3.84
C LEU A 154 8.26 27.67 4.49
N VAL A 155 9.10 27.54 5.53
CA VAL A 155 9.42 26.22 6.06
C VAL A 155 8.23 25.62 6.80
N THR A 156 7.53 26.41 7.60
CA THR A 156 6.37 25.92 8.32
C THR A 156 5.09 25.97 7.49
N ASP A 157 5.20 26.17 6.17
CA ASP A 157 4.01 26.25 5.33
C ASP A 157 3.13 25.02 5.55
N GLY A 158 1.82 25.25 5.63
CA GLY A 158 0.86 24.21 5.87
C GLY A 158 0.35 24.18 7.31
N ASP A 159 1.10 24.78 8.24
CA ASP A 159 0.78 24.78 9.66
C ASP A 159 0.26 26.15 10.09
N PHE A 160 -0.69 26.13 11.03
CA PHE A 160 -1.28 27.38 11.51
C PHE A 160 -0.39 28.08 12.53
N THR A 161 0.48 27.34 13.20
CA THR A 161 1.36 27.84 14.29
C THR A 161 0.63 28.77 15.25
N LEU A 162 -0.56 28.34 15.68
CA LEU A 162 -1.33 29.06 16.67
C LEU A 162 -1.02 28.54 18.06
N THR A 163 -0.73 29.45 18.99
CA THR A 163 -0.66 29.06 20.39
C THR A 163 -2.05 28.94 21.00
N LYS A 164 -2.12 28.28 22.16
CA LYS A 164 -3.38 28.19 22.90
C LYS A 164 -3.97 29.57 23.17
N THR A 165 -3.13 30.56 23.44
CA THR A 165 -3.63 31.90 23.69
C THR A 165 -4.32 32.46 22.44
N ALA A 166 -3.71 32.23 21.28
CA ALA A 166 -4.28 32.75 20.04
C ALA A 166 -5.60 32.03 19.70
N ILE A 167 -5.66 30.71 19.95
CA ILE A 167 -6.86 29.95 19.68
C ILE A 167 -8.01 30.43 20.57
N LYS A 168 -7.73 30.68 21.85
CA LYS A 168 -8.78 31.20 22.74
C LYS A 168 -9.26 32.57 22.30
N GLU A 169 -8.36 33.39 21.74
CA GLU A 169 -8.79 34.70 21.21
C GLU A 169 -9.71 34.53 20.01
N ILE A 170 -9.40 33.57 19.12
CA ILE A 170 -10.30 33.28 18.01
C ILE A 170 -11.68 32.90 18.53
N LEU A 171 -11.73 31.92 19.43
CA LEU A 171 -13.03 31.48 19.93
C LEU A 171 -13.71 32.55 20.79
N ASP A 172 -12.94 33.35 21.53
CA ASP A 172 -13.55 34.44 22.29
C ASP A 172 -14.23 35.44 21.37
N LEU A 173 -13.63 35.72 20.21
CA LEU A 173 -14.27 36.62 19.25
C LEU A 173 -15.59 36.04 18.75
N CYS A 174 -15.58 34.79 18.27
CA CYS A 174 -16.83 34.17 17.84
C CYS A 174 -17.85 34.17 18.96
N LEU A 175 -17.42 34.07 20.22
CA LEU A 175 -18.35 34.06 21.34
C LEU A 175 -18.82 35.45 21.74
N THR A 176 -18.34 36.50 21.08
CA THR A 176 -18.84 37.85 21.32
C THR A 176 -20.04 38.13 20.44
N ASN A 177 -21.07 38.75 21.01
CA ASN A 177 -22.21 39.18 20.23
C ASN A 177 -21.79 40.22 19.21
N GLU A 178 -22.35 40.11 18.00
CA GLU A 178 -22.03 41.09 16.96
C GLU A 178 -22.33 42.51 17.45
N GLU A 179 -23.41 42.66 18.20
CA GLU A 179 -23.81 43.97 18.71
C GLU A 179 -22.78 44.59 19.64
N ASP A 180 -21.85 43.80 20.17
CA ASP A 180 -20.80 44.31 21.05
C ASP A 180 -19.54 44.64 20.28
N LEU A 181 -19.56 44.58 18.96
CA LEU A 181 -18.37 44.82 18.15
C LEU A 181 -18.44 46.12 17.36
N ASP A 182 -19.38 47.01 17.70
CA ASP A 182 -19.49 48.29 17.01
C ASP A 182 -18.14 49.02 17.02
N ASP A 183 -17.62 49.27 15.82
CA ASP A 183 -16.41 50.06 15.59
C ASP A 183 -15.16 49.45 16.19
N VAL A 184 -15.21 48.16 16.52
CA VAL A 184 -14.06 47.48 17.12
C VAL A 184 -13.12 47.00 16.03
N LYS A 185 -11.82 47.25 16.21
CA LYS A 185 -10.80 46.90 15.25
C LYS A 185 -10.29 45.47 15.47
N ILE A 186 -9.76 44.87 14.42
CA ILE A 186 -9.13 43.57 14.56
C ILE A 186 -8.01 43.62 15.60
N THR A 187 -7.24 44.70 15.63
CA THR A 187 -6.18 44.78 16.63
C THR A 187 -6.71 44.91 18.05
N ASP A 188 -7.99 45.27 18.23
CA ASP A 188 -8.58 45.37 19.56
C ASP A 188 -8.89 44.01 20.19
N VAL A 189 -8.89 42.92 19.41
CA VAL A 189 -9.37 41.65 19.93
C VAL A 189 -8.33 40.54 19.81
N PHE A 190 -7.19 40.80 19.20
CA PHE A 190 -6.13 39.81 19.09
C PHE A 190 -4.84 40.38 19.63
N SER A 191 -3.96 39.50 20.09
CA SER A 191 -2.68 39.94 20.64
C SER A 191 -1.51 39.35 19.86
N ASP A 192 -0.31 39.43 20.42
CA ASP A 192 0.90 39.16 19.64
C ASP A 192 0.94 37.73 19.13
N ASP A 193 0.55 36.76 19.95
CA ASP A 193 0.59 35.37 19.52
C ASP A 193 -0.18 35.18 18.20
N PHE A 194 -1.40 35.73 18.14
CA PHE A 194 -2.20 35.55 16.93
C PHE A 194 -1.56 36.21 15.73
N PHE A 195 -1.08 37.44 15.89
CA PHE A 195 -0.53 38.15 14.75
C PHE A 195 0.81 37.58 14.29
N ASN A 196 1.44 36.74 15.11
CA ASN A 196 2.65 36.04 14.70
C ASN A 196 2.37 34.66 14.10
N SER A 197 1.12 34.23 14.03
CA SER A 197 0.80 32.89 13.54
C SER A 197 0.85 32.84 12.01
N ASN A 198 1.08 31.63 11.50
CA ASN A 198 0.86 31.40 10.07
C ASN A 198 -0.61 31.60 9.70
N PHE A 199 -1.52 31.21 10.61
CA PHE A 199 -2.94 31.45 10.41
C PHE A 199 -3.20 32.88 9.94
N TRP A 200 -2.61 33.87 10.62
CA TRP A 200 -2.86 35.25 10.24
C TRP A 200 -2.26 35.58 8.88
N ILE A 201 -1.13 34.97 8.52
CA ILE A 201 -0.59 35.18 7.17
C ILE A 201 -1.60 34.69 6.13
N TYR A 202 -2.03 33.42 6.26
CA TYR A 202 -3.00 32.87 5.32
C TYR A 202 -4.25 33.73 5.27
N TRP A 203 -4.77 34.08 6.44
CA TRP A 203 -6.07 34.72 6.56
C TRP A 203 -6.07 36.13 5.97
N LYS A 204 -5.14 36.97 6.44
CA LYS A 204 -5.16 38.36 6.02
C LYS A 204 -4.94 38.51 4.52
N THR A 205 -4.09 37.65 3.94
CA THR A 205 -3.76 37.82 2.53
C THR A 205 -4.83 37.26 1.62
N MET A 206 -5.40 36.11 1.96
CA MET A 206 -6.42 35.53 1.08
C MET A 206 -7.69 36.37 1.08
N PHE A 207 -8.01 37.03 2.20
CA PHE A 207 -9.22 37.82 2.31
C PHE A 207 -8.97 39.32 2.24
N ALA A 208 -7.71 39.76 2.30
CA ALA A 208 -7.35 41.18 2.28
C ALA A 208 -7.87 41.92 3.51
N PHE A 209 -7.65 41.35 4.70
CA PHE A 209 -7.92 42.05 5.95
C PHE A 209 -6.70 42.87 6.34
N GLU A 210 -6.94 44.12 6.74
CA GLU A 210 -5.91 44.93 7.38
C GLU A 210 -6.10 44.91 8.88
N PRO A 211 -5.04 45.19 9.65
CA PRO A 211 -5.16 45.12 11.12
C PRO A 211 -6.20 46.06 11.68
N TRP A 212 -6.45 47.19 11.03
CA TRP A 212 -7.40 48.18 11.50
C TRP A 212 -8.82 47.95 11.00
N HIS A 213 -9.06 46.83 10.30
CA HIS A 213 -10.38 46.56 9.74
C HIS A 213 -11.34 46.03 10.81
N SER A 214 -12.57 45.74 10.37
CA SER A 214 -13.69 45.47 11.26
C SER A 214 -13.55 44.11 11.91
N ALA A 215 -13.49 44.08 13.25
CA ALA A 215 -13.52 42.80 13.94
C ALA A 215 -14.85 42.09 13.78
N MET A 216 -15.94 42.86 13.64
CA MET A 216 -17.26 42.30 13.37
C MET A 216 -17.25 41.48 12.08
N GLU A 217 -16.67 42.03 11.01
CA GLU A 217 -16.62 41.30 9.75
C GLU A 217 -15.67 40.12 9.83
N MET A 218 -14.54 40.28 10.52
CA MET A 218 -13.65 39.13 10.69
C MET A 218 -14.36 38.01 11.44
N ARG A 219 -15.19 38.35 12.43
CA ARG A 219 -15.97 37.33 13.14
C ARG A 219 -16.93 36.64 12.19
N ARG A 220 -17.65 37.42 11.37
CA ARG A 220 -18.53 36.80 10.38
C ARG A 220 -17.78 35.81 9.50
N TYR A 221 -16.58 36.18 9.04
CA TYR A 221 -15.79 35.29 8.19
C TYR A 221 -15.41 34.01 8.93
N LEU A 222 -14.96 34.13 10.19
CA LEU A 222 -14.58 32.93 10.95
C LEU A 222 -15.75 31.97 11.05
N MET A 223 -16.94 32.49 11.33
CA MET A 223 -18.10 31.62 11.46
C MET A 223 -18.58 31.14 10.10
N ARG A 224 -18.50 32.01 9.09
CA ARG A 224 -19.09 31.72 7.79
C ARG A 224 -18.36 30.58 7.08
N PHE A 225 -17.04 30.48 7.24
CA PHE A 225 -16.26 29.54 6.46
C PHE A 225 -15.63 28.45 7.31
N VAL A 226 -16.11 28.25 8.54
CA VAL A 226 -15.48 27.30 9.46
C VAL A 226 -15.45 25.88 8.88
N HIS A 227 -16.43 25.53 8.03
CA HIS A 227 -16.45 24.22 7.41
C HIS A 227 -15.29 23.99 6.45
N HIS A 228 -14.55 25.03 6.06
CA HIS A 228 -13.40 24.90 5.15
C HIS A 228 -12.05 25.12 5.84
N ILE A 229 -12.00 25.10 7.17
CA ILE A 229 -10.73 25.35 7.84
C ILE A 229 -9.65 24.39 7.37
N SER A 230 -10.00 23.15 7.05
CA SER A 230 -8.97 22.22 6.60
C SER A 230 -8.45 22.56 5.21
N GLY A 231 -9.09 23.47 4.50
CA GLY A 231 -8.59 23.92 3.21
C GLY A 231 -8.02 25.32 3.22
N LEU A 232 -7.71 25.89 4.38
CA LEU A 232 -7.27 27.28 4.42
C LEU A 232 -5.84 27.44 3.94
N ALA A 233 -4.95 26.51 4.33
CA ALA A 233 -3.55 26.67 3.96
C ALA A 233 -3.27 26.25 2.53
N ASP A 234 -3.96 25.24 2.01
CA ASP A 234 -3.64 24.74 0.68
C ASP A 234 -4.69 25.13 -0.35
N PHE A 235 -5.66 25.96 0.03
CA PHE A 235 -6.68 26.47 -0.89
C PHE A 235 -7.47 25.34 -1.56
N SER A 236 -7.57 24.16 -0.91
CA SER A 236 -8.32 23.08 -1.55
C SER A 236 -9.81 23.35 -1.56
N ALA A 237 -10.28 24.33 -0.80
CA ALA A 237 -11.70 24.63 -0.80
C ALA A 237 -12.11 25.65 -1.86
N LEU A 238 -11.14 26.23 -2.57
CA LEU A 238 -11.41 27.28 -3.55
C LEU A 238 -11.89 26.69 -4.87
N LYS A 239 -12.82 27.38 -5.51
CA LYS A 239 -13.27 27.01 -6.85
C LYS A 239 -13.30 28.26 -7.73
N PHE A 240 -12.93 28.08 -9.01
CA PHE A 240 -12.73 29.20 -9.92
C PHE A 240 -13.46 28.95 -11.24
N THR A 241 -13.90 30.04 -11.86
CA THR A 241 -14.49 29.94 -13.19
C THR A 241 -13.39 29.66 -14.22
N LYS A 242 -13.82 29.28 -15.43
CA LYS A 242 -12.89 29.00 -16.52
C LYS A 242 -12.13 30.26 -16.95
N TYR A 243 -12.82 31.38 -17.11
CA TYR A 243 -12.23 32.64 -17.55
C TYR A 243 -12.37 33.69 -16.45
N ASN A 244 -11.96 34.92 -16.75
CA ASN A 244 -12.14 36.01 -15.80
C ASN A 244 -13.62 36.17 -15.47
N GLN A 245 -13.90 36.86 -14.36
CA GLN A 245 -15.27 36.92 -13.85
C GLN A 245 -16.22 37.53 -14.86
N TYR A 246 -15.75 38.51 -15.62
CA TYR A 246 -16.62 39.17 -16.58
C TYR A 246 -17.08 38.20 -17.66
N GLU A 247 -16.16 37.42 -18.22
CA GLU A 247 -16.50 36.50 -19.30
C GLU A 247 -17.30 35.30 -18.80
N SER A 248 -17.05 34.84 -17.58
CA SER A 248 -17.65 33.60 -17.09
C SER A 248 -18.93 33.81 -16.28
N LEU A 249 -19.15 35.00 -15.72
CA LEU A 249 -20.32 35.27 -14.90
C LEU A 249 -21.18 36.40 -15.45
N VAL A 250 -20.57 37.54 -15.78
CA VAL A 250 -21.36 38.70 -16.19
C VAL A 250 -21.94 38.48 -17.58
N LEU A 251 -21.11 38.06 -18.53
CA LEU A 251 -21.62 37.89 -19.89
C LEU A 251 -22.71 36.86 -19.99
N PRO A 252 -22.62 35.67 -19.36
CA PRO A 252 -23.78 34.77 -19.37
C PRO A 252 -25.04 35.40 -18.83
N MET A 253 -24.95 36.18 -17.75
CA MET A 253 -26.15 36.84 -17.22
C MET A 253 -26.70 37.86 -18.21
N VAL A 254 -25.81 38.66 -18.81
CA VAL A 254 -26.25 39.70 -19.74
C VAL A 254 -26.98 39.07 -20.92
N GLU A 255 -26.43 37.99 -21.47
CA GLU A 255 -27.10 37.29 -22.56
C GLU A 255 -28.47 36.77 -22.12
N TYR A 256 -28.55 36.20 -20.92
CA TYR A 256 -29.85 35.76 -20.42
C TYR A 256 -30.83 36.93 -20.33
N LEU A 257 -30.40 38.04 -19.74
CA LEU A 257 -31.29 39.18 -19.57
C LEU A 257 -31.69 39.77 -20.92
N LYS A 258 -30.74 39.93 -21.84
CA LYS A 258 -31.09 40.45 -23.17
C LYS A 258 -32.03 39.51 -23.90
N SER A 259 -31.86 38.19 -23.75
CA SER A 259 -32.79 37.29 -24.41
C SER A 259 -34.19 37.39 -23.86
N HIS A 260 -34.38 37.95 -22.66
CA HIS A 260 -35.70 38.13 -22.09
C HIS A 260 -36.21 39.56 -22.25
N GLY A 261 -35.53 40.37 -23.05
CA GLY A 261 -35.99 41.71 -23.33
C GLY A 261 -35.68 42.77 -22.28
N VAL A 262 -34.77 42.50 -21.35
CA VAL A 262 -34.43 43.48 -20.33
C VAL A 262 -33.72 44.66 -20.97
N GLN A 263 -34.05 45.87 -20.52
CA GLN A 263 -33.53 47.10 -21.10
C GLN A 263 -32.28 47.55 -20.38
N PHE A 264 -31.18 47.73 -21.13
CA PHE A 264 -29.92 48.23 -20.60
C PHE A 264 -29.76 49.69 -21.04
N GLU A 265 -29.69 50.61 -20.07
CA GLU A 265 -29.59 52.04 -20.35
C GLU A 265 -28.18 52.51 -19.99
N TYR A 266 -27.43 52.94 -20.99
CA TYR A 266 -26.02 53.28 -20.78
C TYR A 266 -25.83 54.80 -20.73
N ASP A 267 -24.68 55.20 -20.19
CA ASP A 267 -24.37 56.62 -19.99
C ASP A 267 -25.44 57.34 -19.19
N VAL A 268 -25.99 56.64 -18.19
CA VAL A 268 -26.95 57.19 -17.25
C VAL A 268 -26.24 57.31 -15.91
N LYS A 269 -26.06 58.54 -15.43
CA LYS A 269 -25.55 58.80 -14.09
C LYS A 269 -26.73 59.14 -13.19
N VAL A 270 -26.95 58.32 -12.16
CA VAL A 270 -28.01 58.57 -11.19
C VAL A 270 -27.42 59.46 -10.09
N GLU A 271 -27.93 60.69 -9.97
CA GLU A 271 -27.39 61.62 -9.00
C GLU A 271 -28.13 61.58 -7.67
N ASP A 272 -29.45 61.35 -7.70
CA ASP A 272 -30.23 61.27 -6.48
C ASP A 272 -31.53 60.53 -6.77
N ILE A 273 -32.17 60.05 -5.71
CA ILE A 273 -33.51 59.51 -5.78
C ILE A 273 -34.30 60.21 -4.69
N LYS A 274 -35.34 60.95 -5.09
CA LYS A 274 -36.21 61.61 -4.11
C LYS A 274 -37.07 60.55 -3.44
N ILE A 275 -36.92 60.40 -2.13
CA ILE A 275 -37.67 59.41 -1.37
C ILE A 275 -38.56 60.14 -0.37
N ASP A 276 -39.84 59.78 -0.36
CA ASP A 276 -40.74 60.24 0.71
C ASP A 276 -40.57 59.32 1.92
N VAL A 277 -40.19 59.88 3.05
CA VAL A 277 -40.00 59.12 4.28
C VAL A 277 -41.00 59.69 5.29
N THR A 278 -42.19 59.09 5.36
CA THR A 278 -43.24 59.56 6.25
C THR A 278 -43.22 58.74 7.54
N THR A 279 -44.15 59.08 8.43
CA THR A 279 -44.32 58.30 9.66
C THR A 279 -44.81 56.89 9.38
N SER A 280 -45.27 56.59 8.16
CA SER A 280 -45.81 55.27 7.88
C SER A 280 -45.17 54.54 6.71
N GLN A 281 -44.50 55.24 5.80
CA GLN A 281 -44.01 54.61 4.57
C GLN A 281 -42.73 55.27 4.09
N LYS A 282 -41.95 54.50 3.34
CA LYS A 282 -40.83 55.01 2.56
C LYS A 282 -41.10 54.67 1.10
N ILE A 283 -41.20 55.70 0.26
CA ILE A 283 -41.59 55.50 -1.13
C ILE A 283 -40.65 56.32 -2.00
N ALA A 284 -39.95 55.66 -2.92
CA ALA A 284 -39.16 56.38 -3.89
C ALA A 284 -40.09 57.02 -4.92
N ARG A 285 -39.88 58.31 -5.17
CA ARG A 285 -40.76 59.10 -6.03
C ARG A 285 -40.13 59.48 -7.37
N GLU A 286 -38.82 59.67 -7.43
CA GLU A 286 -38.22 60.21 -8.64
C GLU A 286 -36.75 59.86 -8.69
N ILE A 287 -36.28 59.38 -9.84
CA ILE A 287 -34.86 59.17 -10.08
C ILE A 287 -34.33 60.36 -10.86
N LEU A 288 -33.37 61.08 -10.27
CA LEU A 288 -32.74 62.22 -10.91
C LEU A 288 -31.48 61.74 -11.60
N ILE A 289 -31.44 61.86 -12.93
CA ILE A 289 -30.34 61.29 -13.69
C ILE A 289 -29.74 62.34 -14.60
N ASP A 290 -28.51 62.09 -14.99
CA ASP A 290 -27.83 62.77 -16.08
C ASP A 290 -27.70 61.72 -17.18
N ARG A 291 -28.52 61.84 -18.23
CA ARG A 291 -28.42 60.80 -19.26
C ARG A 291 -27.16 61.07 -20.06
N ASN A 292 -27.24 61.12 -21.40
CA ASN A 292 -25.99 61.39 -22.10
C ASN A 292 -25.64 62.87 -21.99
N GLY A 293 -25.43 63.36 -20.77
CA GLY A 293 -25.12 64.75 -20.54
C GLY A 293 -26.29 65.62 -20.13
N ASN A 294 -27.52 65.18 -20.33
CA ASN A 294 -28.70 66.01 -20.11
C ASN A 294 -29.45 65.60 -18.84
N ALA A 295 -29.71 66.58 -17.98
CA ALA A 295 -30.50 66.34 -16.78
C ALA A 295 -31.91 65.85 -17.14
N GLU A 296 -32.32 64.75 -16.50
CA GLU A 296 -33.63 64.17 -16.74
C GLU A 296 -34.15 63.59 -15.44
N SER A 297 -35.39 63.13 -15.45
CA SER A 297 -35.99 62.60 -14.23
C SER A 297 -36.89 61.44 -14.62
N ILE A 298 -36.84 60.36 -13.84
CA ILE A 298 -37.74 59.22 -14.00
C ILE A 298 -38.74 59.26 -12.86
N LYS A 299 -40.01 59.48 -13.19
CA LYS A 299 -41.06 59.52 -12.19
C LYS A 299 -41.47 58.10 -11.81
N LEU A 300 -41.55 57.83 -10.50
CA LEU A 300 -41.88 56.51 -10.02
C LEU A 300 -43.23 56.52 -9.31
N THR A 301 -44.03 55.48 -9.53
CA THR A 301 -45.15 55.17 -8.66
C THR A 301 -44.72 54.08 -7.68
N ILE A 302 -45.64 53.74 -6.76
CA ILE A 302 -45.37 52.69 -5.78
C ILE A 302 -45.15 51.34 -6.44
N ASN A 303 -45.63 51.16 -7.67
CA ASN A 303 -45.42 49.92 -8.41
C ASN A 303 -44.12 49.91 -9.22
N ASP A 304 -43.30 50.95 -9.09
CA ASP A 304 -42.00 51.00 -9.75
C ASP A 304 -40.96 50.75 -8.68
N LEU A 305 -40.31 49.58 -8.75
CA LEU A 305 -39.30 49.21 -7.77
C LEU A 305 -37.95 49.77 -8.16
N VAL A 306 -37.17 50.20 -7.16
CA VAL A 306 -35.84 50.75 -7.40
C VAL A 306 -34.86 49.97 -6.53
N PHE A 307 -33.79 49.47 -7.16
CA PHE A 307 -32.77 48.67 -6.50
C PHE A 307 -31.46 49.44 -6.57
N VAL A 308 -30.99 49.93 -5.43
CA VAL A 308 -29.79 50.77 -5.36
C VAL A 308 -28.63 49.91 -4.88
N THR A 309 -27.58 49.82 -5.69
CA THR A 309 -26.30 49.30 -5.20
C THR A 309 -25.56 50.47 -4.55
N ASN A 310 -25.65 50.58 -3.23
CA ASN A 310 -25.08 51.74 -2.54
C ASN A 310 -23.59 51.53 -2.33
N GLY A 311 -22.78 52.47 -2.80
CA GLY A 311 -21.34 52.39 -2.60
C GLY A 311 -20.68 51.45 -3.59
N SER A 312 -19.36 51.60 -3.73
CA SER A 312 -18.63 50.76 -4.69
C SER A 312 -17.16 50.74 -4.32
N ILE A 313 -16.54 49.55 -4.36
CA ILE A 313 -15.11 49.47 -4.11
C ILE A 313 -14.28 49.83 -5.34
N THR A 314 -14.86 49.86 -6.53
CA THR A 314 -14.11 50.18 -7.74
C THR A 314 -14.32 51.61 -8.22
N GLU A 315 -15.16 52.37 -7.54
CA GLU A 315 -15.37 53.76 -7.95
C GLU A 315 -14.06 54.54 -7.93
N SER A 316 -13.92 55.46 -8.88
CA SER A 316 -12.78 56.38 -8.97
C SER A 316 -11.45 55.67 -9.23
N SER A 317 -11.48 54.44 -9.74
CA SER A 317 -10.26 53.75 -10.11
C SER A 317 -9.51 54.50 -11.21
N THR A 318 -8.19 54.54 -11.09
CA THR A 318 -7.34 55.09 -12.14
C THR A 318 -6.35 54.04 -12.61
N TYR A 319 -5.82 54.23 -13.82
CA TYR A 319 -4.99 53.24 -14.48
C TYR A 319 -3.66 53.85 -14.91
N GLY A 320 -2.60 53.10 -14.72
CA GLY A 320 -1.29 53.44 -15.23
C GLY A 320 -0.95 52.59 -16.44
N ASP A 321 0.35 52.44 -16.69
CA ASP A 321 0.78 51.50 -17.73
C ASP A 321 2.19 51.04 -17.39
N ASN A 322 2.84 50.39 -18.36
CA ASN A 322 4.17 49.84 -18.07
C ASN A 322 5.12 50.92 -17.57
N ASP A 323 4.92 52.17 -17.99
CA ASP A 323 5.86 53.23 -17.66
C ASP A 323 5.26 54.32 -16.80
N THR A 324 4.00 54.20 -16.39
CA THR A 324 3.32 55.25 -15.66
C THR A 324 2.60 54.68 -14.44
N PRO A 325 2.82 55.24 -13.25
CA PRO A 325 2.00 54.82 -12.10
C PRO A 325 0.53 55.19 -12.31
N ALA A 326 -0.35 54.45 -11.65
CA ALA A 326 -1.74 54.84 -11.60
C ALA A 326 -1.87 56.05 -10.69
N PRO A 327 -2.41 57.17 -11.17
CA PRO A 327 -2.44 58.40 -10.34
C PRO A 327 -3.34 58.23 -9.13
N PRO A 328 -2.81 58.41 -7.92
CA PRO A 328 -3.65 58.31 -6.72
C PRO A 328 -4.77 59.33 -6.79
N THR A 329 -5.88 59.02 -6.12
CA THR A 329 -7.02 59.93 -6.14
C THR A 329 -7.85 59.71 -4.90
N ASP A 330 -8.58 60.76 -4.52
CA ASP A 330 -9.50 60.74 -3.39
C ASP A 330 -10.91 61.11 -3.84
N GLU A 331 -11.15 61.13 -5.14
CA GLU A 331 -12.43 61.53 -5.69
C GLU A 331 -13.55 60.64 -5.18
N LEU A 332 -14.60 61.26 -4.64
CA LEU A 332 -15.89 60.58 -4.56
C LEU A 332 -16.47 60.51 -5.96
N GLY A 333 -16.77 59.32 -6.42
CA GLY A 333 -17.41 59.15 -7.71
C GLY A 333 -18.92 59.27 -7.59
N GLY A 334 -19.60 58.83 -8.64
CA GLY A 334 -21.05 58.90 -8.63
C GLY A 334 -21.67 57.95 -7.62
N SER A 335 -21.06 56.78 -7.43
CA SER A 335 -21.62 55.81 -6.50
C SER A 335 -21.64 56.36 -5.08
N TRP A 336 -20.52 56.92 -4.61
CA TRP A 336 -20.49 57.41 -3.24
C TRP A 336 -21.30 58.69 -3.09
N THR A 337 -21.32 59.53 -4.12
CA THR A 337 -22.14 60.72 -4.05
C THR A 337 -23.62 60.36 -3.95
N LEU A 338 -24.06 59.34 -4.69
CA LEU A 338 -25.46 58.93 -4.62
C LEU A 338 -25.82 58.41 -3.23
N TRP A 339 -24.98 57.55 -2.66
CA TRP A 339 -25.30 57.05 -1.31
C TRP A 339 -25.39 58.20 -0.32
N LYS A 340 -24.45 59.14 -0.40
CA LYS A 340 -24.50 60.31 0.47
C LYS A 340 -25.82 61.06 0.31
N ASN A 341 -26.28 61.24 -0.94
CA ASN A 341 -27.55 61.94 -1.17
C ASN A 341 -28.74 61.18 -0.63
N LEU A 342 -28.68 59.86 -0.62
CA LEU A 342 -29.76 59.09 -0.01
C LEU A 342 -29.69 59.14 1.51
N ALA A 343 -28.48 59.08 2.06
CA ALA A 343 -28.35 59.06 3.52
C ALA A 343 -28.85 60.36 4.13
N ARG A 344 -28.80 61.46 3.37
CA ARG A 344 -29.32 62.75 3.81
C ARG A 344 -30.83 62.71 3.99
N GLN A 345 -31.50 61.64 3.54
CA GLN A 345 -32.95 61.56 3.61
C GLN A 345 -33.45 60.64 4.71
N SER A 346 -32.58 59.82 5.31
CA SER A 346 -32.94 59.05 6.49
C SER A 346 -31.70 58.36 7.04
N PRO A 347 -31.50 58.36 8.35
CA PRO A 347 -30.40 57.55 8.91
C PRO A 347 -30.59 56.06 8.62
N GLU A 348 -31.81 55.62 8.36
CA GLU A 348 -32.06 54.23 7.98
C GLU A 348 -31.45 53.86 6.64
N PHE A 349 -30.93 54.81 5.88
CA PHE A 349 -30.29 54.51 4.60
C PHE A 349 -28.78 54.41 4.73
N GLY A 350 -28.26 54.37 5.95
CA GLY A 350 -26.88 54.03 6.16
C GLY A 350 -25.99 55.25 6.29
N ASN A 351 -24.71 54.98 6.46
CA ASN A 351 -23.71 55.99 6.80
C ASN A 351 -22.52 55.79 5.87
N PRO A 352 -22.58 56.31 4.65
CA PRO A 352 -21.48 56.03 3.70
C PRO A 352 -20.13 56.52 4.18
N ASP A 353 -20.09 57.58 5.01
CA ASP A 353 -18.80 58.16 5.40
C ASP A 353 -17.96 57.19 6.22
N LYS A 354 -18.61 56.27 6.94
CA LYS A 354 -17.86 55.24 7.65
C LYS A 354 -16.99 54.42 6.70
N PHE A 355 -17.41 54.31 5.43
CA PHE A 355 -16.74 53.42 4.50
C PHE A 355 -15.86 54.13 3.50
N CYS A 356 -16.18 55.37 3.11
CA CYS A 356 -15.40 56.03 2.07
C CYS A 356 -14.56 57.20 2.57
N GLN A 357 -14.58 57.50 3.86
CA GLN A 357 -13.76 58.58 4.42
C GLN A 357 -12.74 58.02 5.40
N ASN A 358 -11.64 58.74 5.55
CA ASN A 358 -10.61 58.40 6.54
C ASN A 358 -10.05 56.99 6.32
N ILE A 359 -9.89 56.59 5.07
CA ILE A 359 -9.23 55.32 4.79
C ILE A 359 -7.74 55.52 5.00
N PRO A 360 -7.08 54.70 5.83
CA PRO A 360 -5.67 54.94 6.12
C PRO A 360 -4.81 54.88 4.85
N LYS A 361 -3.80 55.75 4.81
CA LYS A 361 -2.95 55.80 3.63
C LYS A 361 -2.08 54.54 3.48
N LYS A 362 -1.95 53.72 4.52
CA LYS A 362 -1.27 52.44 4.37
C LYS A 362 -2.14 51.38 3.69
N SER A 363 -3.45 51.61 3.57
CA SER A 363 -4.35 50.58 3.05
C SER A 363 -3.95 50.14 1.65
N TRP A 364 -4.35 48.91 1.30
CA TRP A 364 -4.32 48.45 -0.08
C TRP A 364 -5.02 49.44 -0.99
N PHE A 365 -4.31 49.91 -2.02
CA PHE A 365 -4.85 50.72 -3.12
C PHE A 365 -4.54 50.14 -4.48
N VAL A 366 -3.36 49.56 -4.67
CA VAL A 366 -2.86 49.23 -6.01
C VAL A 366 -2.93 47.74 -6.25
N SER A 367 -3.45 47.36 -7.41
CA SER A 367 -3.28 46.03 -7.98
C SER A 367 -2.68 46.19 -9.36
N ALA A 368 -2.03 45.14 -9.84
CA ALA A 368 -1.42 45.19 -11.17
C ALA A 368 -1.62 43.85 -11.86
N THR A 369 -1.78 43.91 -13.18
CA THR A 369 -1.85 42.73 -14.01
C THR A 369 -0.61 42.71 -14.90
N SER A 370 0.25 41.70 -14.72
CA SER A 370 1.51 41.63 -15.44
C SER A 370 1.41 40.50 -16.45
N THR A 371 1.58 40.83 -17.74
CA THR A 371 1.40 39.89 -18.84
C THR A 371 2.73 39.65 -19.53
N THR A 372 3.05 38.38 -19.80
CA THR A 372 4.31 38.06 -20.47
C THR A 372 4.17 36.77 -21.25
N ASN A 373 5.03 36.63 -22.28
CA ASN A 373 5.24 35.36 -22.95
C ASN A 373 6.68 34.91 -22.80
N ASN A 374 7.43 35.56 -21.91
CA ASN A 374 8.85 35.34 -21.75
C ASN A 374 9.12 34.06 -20.99
N LYS A 375 10.00 33.21 -21.55
CA LYS A 375 10.18 31.88 -20.97
C LYS A 375 10.96 31.92 -19.67
N GLU A 376 11.85 32.89 -19.50
CA GLU A 376 12.58 32.98 -18.23
C GLU A 376 11.62 33.25 -17.07
N ILE A 377 10.69 34.18 -17.27
CA ILE A 377 9.73 34.48 -16.19
C ILE A 377 8.83 33.29 -15.95
N ILE A 378 8.29 32.71 -17.03
CA ILE A 378 7.34 31.61 -16.87
C ILE A 378 8.03 30.40 -16.23
N ASP A 379 9.28 30.12 -16.63
CA ASP A 379 10.00 29.02 -16.02
C ASP A 379 10.29 29.28 -14.55
N THR A 380 10.57 30.53 -14.20
CA THR A 380 10.74 30.86 -12.79
C THR A 380 9.46 30.58 -12.00
N ILE A 381 8.32 31.02 -12.52
CA ILE A 381 7.04 30.72 -11.87
C ILE A 381 6.86 29.21 -11.75
N GLU A 382 7.15 28.48 -12.82
CA GLU A 382 7.00 27.02 -12.77
C GLU A 382 7.83 26.42 -11.63
N SER A 383 9.05 26.92 -11.42
CA SER A 383 9.92 26.34 -10.40
C SER A 383 9.40 26.59 -8.99
N ILE A 384 8.57 27.61 -8.80
CA ILE A 384 8.00 27.91 -7.50
C ILE A 384 6.67 27.20 -7.29
N CYS A 385 5.75 27.30 -8.25
CA CYS A 385 4.43 26.73 -8.04
C CYS A 385 4.32 25.27 -8.44
N LYS A 386 5.35 24.73 -9.09
CA LYS A 386 5.48 23.34 -9.50
C LYS A 386 4.57 22.91 -10.64
N ARG A 387 3.86 23.85 -11.27
CA ARG A 387 3.02 23.54 -12.41
C ARG A 387 3.40 24.41 -13.60
N ASP A 388 3.18 23.89 -14.79
CA ASP A 388 3.41 24.64 -16.03
C ASP A 388 2.34 25.73 -16.19
N PRO A 389 2.70 27.01 -16.13
CA PRO A 389 1.67 28.06 -16.23
C PRO A 389 0.91 28.04 -17.54
N LEU A 390 1.49 27.49 -18.60
CA LEU A 390 0.86 27.49 -19.92
C LEU A 390 0.06 26.22 -20.20
N ALA A 391 -0.07 25.31 -19.25
CA ALA A 391 -0.75 24.06 -19.52
C ALA A 391 -2.26 24.23 -19.62
N GLY A 392 -2.83 25.31 -19.11
CA GLY A 392 -4.26 25.52 -19.14
C GLY A 392 -5.02 24.95 -17.96
N LYS A 393 -4.32 24.53 -16.93
CA LYS A 393 -4.95 24.06 -15.70
C LYS A 393 -4.51 24.97 -14.57
N THR A 394 -4.87 24.61 -13.35
CA THR A 394 -4.44 25.37 -12.19
C THR A 394 -2.95 25.65 -12.26
N VAL A 395 -2.54 26.85 -11.85
CA VAL A 395 -1.13 27.24 -11.83
C VAL A 395 -0.67 27.46 -10.40
N THR A 396 -1.03 28.59 -9.80
CA THR A 396 -0.68 28.80 -8.40
C THR A 396 -1.77 28.32 -7.43
N GLY A 397 -2.99 28.08 -7.91
CA GLY A 397 -4.06 27.59 -7.05
C GLY A 397 -4.60 28.64 -6.11
N GLY A 398 -4.44 29.91 -6.46
CA GLY A 398 -4.68 31.01 -5.54
C GLY A 398 -3.38 31.76 -5.29
N ILE A 399 -3.49 32.80 -4.46
CA ILE A 399 -2.34 33.70 -4.29
C ILE A 399 -1.18 32.95 -3.65
N ILE A 400 0.03 33.33 -4.06
CA ILE A 400 1.25 33.07 -3.33
C ILE A 400 1.60 34.34 -2.57
N THR A 401 1.84 34.22 -1.26
CA THR A 401 2.18 35.37 -0.43
C THR A 401 3.69 35.44 -0.22
N ILE A 402 4.26 36.63 -0.44
CA ILE A 402 5.67 36.88 -0.16
C ILE A 402 5.74 37.42 1.26
N ASN A 403 6.02 36.52 2.20
CA ASN A 403 5.85 36.84 3.61
C ASN A 403 6.79 37.95 4.08
N ASP A 404 7.99 38.03 3.53
CA ASP A 404 8.95 39.03 3.97
C ASP A 404 9.03 40.24 3.04
N SER A 405 8.00 40.48 2.21
CA SER A 405 7.98 41.65 1.35
C SER A 405 7.53 42.87 2.14
N ALA A 406 8.25 43.98 1.97
CA ALA A 406 7.88 45.20 2.66
C ALA A 406 6.46 45.64 2.30
N TRP A 407 6.07 45.45 1.04
CA TRP A 407 4.72 45.78 0.59
C TRP A 407 3.66 44.81 1.09
N GLN A 408 4.06 43.66 1.63
CA GLN A 408 3.15 42.55 1.90
C GLN A 408 2.38 42.20 0.63
N MET A 409 3.15 41.82 -0.37
CA MET A 409 2.66 41.54 -1.71
C MET A 409 2.29 40.07 -1.84
N SER A 410 1.20 39.82 -2.57
CA SER A 410 0.82 38.48 -3.01
C SER A 410 0.50 38.54 -4.48
N PHE A 411 0.52 37.38 -5.15
CA PHE A 411 0.21 37.33 -6.56
C PHE A 411 -0.41 35.97 -6.88
N THR A 412 -1.23 35.94 -7.91
CA THR A 412 -1.83 34.68 -8.33
C THR A 412 -1.78 34.54 -9.83
N ILE A 413 -1.78 33.29 -10.27
CA ILE A 413 -1.92 32.97 -11.69
C ILE A 413 -3.02 31.93 -11.80
N ASN A 414 -4.15 32.33 -12.36
CA ASN A 414 -5.27 31.41 -12.55
C ASN A 414 -5.02 30.51 -13.75
N ARG A 415 -5.95 29.60 -14.03
CA ARG A 415 -5.90 28.84 -15.28
C ARG A 415 -5.73 29.81 -16.45
N GLN A 416 -4.75 29.52 -17.31
CA GLN A 416 -4.39 30.40 -18.42
C GLN A 416 -4.86 29.82 -19.74
N GLN A 417 -5.31 30.67 -20.67
CA GLN A 417 -5.41 32.11 -20.46
C GLN A 417 -6.76 32.48 -19.88
N GLN A 418 -6.80 33.58 -19.11
CA GLN A 418 -8.03 34.04 -18.47
C GLN A 418 -8.89 34.89 -19.40
N PHE A 419 -8.40 35.23 -20.59
CA PHE A 419 -9.15 35.99 -21.58
C PHE A 419 -9.24 35.15 -22.85
N LYS A 420 -10.46 35.03 -23.38
CA LYS A 420 -10.70 34.09 -24.47
C LYS A 420 -9.83 34.39 -25.68
N ASP A 421 -9.56 35.67 -25.96
CA ASP A 421 -8.84 36.03 -27.17
C ASP A 421 -7.36 36.30 -26.92
N GLN A 422 -6.81 35.81 -25.80
CA GLN A 422 -5.40 36.03 -25.51
C GLN A 422 -4.53 34.93 -26.14
N PRO A 423 -3.36 35.31 -26.67
CA PRO A 423 -2.46 34.30 -27.25
C PRO A 423 -2.13 33.20 -26.26
N GLU A 424 -1.98 31.98 -26.79
CA GLU A 424 -1.74 30.79 -26.00
C GLU A 424 -0.31 30.69 -25.45
N ASN A 425 0.60 31.60 -25.78
CA ASN A 425 1.93 31.56 -25.17
C ASN A 425 2.11 32.64 -24.12
N GLU A 426 1.02 33.25 -23.66
CA GLU A 426 1.05 34.34 -22.70
C GLU A 426 0.41 33.91 -21.38
N ILE A 427 0.94 34.41 -20.28
CA ILE A 427 0.27 34.35 -18.99
C ILE A 427 0.03 35.77 -18.52
N SER A 428 -1.00 35.93 -17.68
CA SER A 428 -1.26 37.17 -16.98
C SER A 428 -1.26 36.88 -15.49
N THR A 429 -0.45 37.62 -14.74
CA THR A 429 -0.31 37.48 -13.31
C THR A 429 -0.97 38.66 -12.62
N TRP A 430 -1.76 38.39 -11.59
CA TRP A 430 -2.38 39.43 -10.77
C TRP A 430 -1.60 39.59 -9.48
N ILE A 431 -1.26 40.82 -9.13
CA ILE A 431 -0.38 41.17 -8.02
C ILE A 431 -1.07 42.24 -7.17
N TYR A 432 -0.98 42.12 -5.85
CA TYR A 432 -1.47 43.20 -5.01
C TYR A 432 -0.59 43.33 -3.76
N ALA A 433 -0.67 44.51 -3.14
CA ALA A 433 0.12 44.84 -1.96
C ALA A 433 -0.80 45.33 -0.87
N LEU A 434 -0.73 44.71 0.32
CA LEU A 434 -1.54 45.16 1.44
C LEU A 434 -1.07 46.47 2.04
N TYR A 435 0.22 46.83 1.89
CA TYR A 435 0.78 48.06 2.47
C TYR A 435 1.17 49.01 1.34
N SER A 436 0.60 50.21 1.35
CA SER A 436 0.76 51.15 0.23
C SER A 436 1.72 52.30 0.51
N ASP A 437 2.16 52.49 1.75
CA ASP A 437 2.96 53.65 2.12
C ASP A 437 4.36 53.28 2.61
N VAL A 438 4.93 52.19 2.09
CA VAL A 438 6.23 51.69 2.58
C VAL A 438 7.09 51.34 1.38
N ASN A 439 8.39 51.68 1.48
CA ASN A 439 9.33 51.42 0.39
C ASN A 439 9.45 49.92 0.13
N GLY A 440 9.52 49.55 -1.13
CA GLY A 440 9.79 48.17 -1.50
C GLY A 440 11.21 47.75 -1.15
N ASP A 441 11.46 46.45 -1.27
CA ASP A 441 12.76 45.87 -0.95
C ASP A 441 13.77 45.99 -2.07
N TYR A 442 13.30 45.99 -3.31
CA TYR A 442 14.16 46.17 -4.48
C TYR A 442 13.93 47.52 -5.14
N ILE A 443 12.67 47.89 -5.35
CA ILE A 443 12.31 49.24 -5.79
C ILE A 443 11.96 50.02 -4.53
N LYS A 444 12.83 50.97 -4.14
CA LYS A 444 12.76 51.59 -2.81
C LYS A 444 11.75 52.73 -2.80
N LYS A 445 10.52 52.41 -3.16
CA LYS A 445 9.41 53.35 -3.26
C LYS A 445 8.13 52.68 -2.83
N PRO A 446 7.17 53.43 -2.29
CA PRO A 446 5.85 52.87 -2.05
C PRO A 446 5.21 52.45 -3.37
N ILE A 447 4.34 51.44 -3.30
CA ILE A 447 3.74 50.94 -4.54
C ILE A 447 2.97 52.03 -5.25
N THR A 448 2.35 52.96 -4.50
CA THR A 448 1.56 54.01 -5.15
C THR A 448 2.40 54.90 -6.05
N GLU A 449 3.72 54.87 -5.91
CA GLU A 449 4.61 55.70 -6.72
C GLU A 449 5.25 54.92 -7.87
N CYS A 450 4.85 53.66 -8.08
CA CYS A 450 5.52 52.79 -9.03
C CYS A 450 4.76 52.66 -10.34
N SER A 451 5.50 52.70 -11.44
CA SER A 451 4.96 52.30 -12.73
C SER A 451 4.66 50.80 -12.74
N GLY A 452 3.96 50.35 -13.78
CA GLY A 452 3.77 48.92 -13.97
C GLY A 452 5.08 48.16 -13.99
N ASN A 453 6.07 48.66 -14.72
CA ASN A 453 7.31 47.91 -14.80
C ASN A 453 8.06 47.90 -13.47
N GLU A 454 7.91 48.94 -12.65
CA GLU A 454 8.53 48.92 -11.32
C GLU A 454 7.85 47.94 -10.38
N ILE A 455 6.52 47.83 -10.43
CA ILE A 455 5.84 46.80 -9.65
C ILE A 455 6.33 45.41 -10.08
N CYS A 456 6.45 45.21 -11.39
CA CYS A 456 6.90 43.91 -11.89
C CYS A 456 8.33 43.61 -11.45
N GLN A 457 9.18 44.63 -11.39
CA GLN A 457 10.55 44.44 -10.93
C GLN A 457 10.59 44.01 -9.46
N GLU A 458 9.80 44.67 -8.61
CA GLU A 458 9.76 44.26 -7.20
C GLU A 458 9.31 42.82 -7.08
N TRP A 459 8.31 42.43 -7.89
CA TRP A 459 7.81 41.06 -7.86
C TRP A 459 8.86 40.07 -8.35
N LEU A 460 9.47 40.34 -9.50
CA LEU A 460 10.51 39.47 -10.03
C LEU A 460 11.65 39.27 -9.03
N TYR A 461 12.02 40.33 -8.31
CA TYR A 461 13.02 40.22 -7.25
C TYR A 461 12.61 39.17 -6.23
N HIS A 462 11.36 39.23 -5.78
CA HIS A 462 10.87 38.28 -4.79
C HIS A 462 10.63 36.91 -5.37
N LEU A 463 10.58 36.77 -6.70
CA LEU A 463 10.59 35.44 -7.27
C LEU A 463 11.98 34.81 -7.25
N GLY A 464 13.03 35.59 -6.96
CA GLY A 464 14.38 35.09 -7.07
C GLY A 464 15.04 35.29 -8.40
N VAL A 465 14.43 36.06 -9.31
CA VAL A 465 15.08 36.31 -10.59
C VAL A 465 16.40 37.04 -10.36
N SER A 466 17.40 36.71 -11.17
CA SER A 466 18.72 37.29 -10.99
C SER A 466 18.65 38.81 -11.17
N THR A 467 19.27 39.55 -10.25
CA THR A 467 19.07 40.99 -10.24
C THR A 467 19.61 41.68 -11.48
N ASP A 468 20.52 41.04 -12.22
CA ASP A 468 21.00 41.64 -13.47
C ASP A 468 20.03 41.45 -14.63
N LYS A 469 18.96 40.67 -14.46
CA LYS A 469 17.96 40.50 -15.51
C LYS A 469 16.63 41.16 -15.19
N ILE A 470 16.38 41.53 -13.93
CA ILE A 470 15.06 42.00 -13.51
C ILE A 470 14.62 43.20 -14.34
N GLU A 471 15.46 44.22 -14.46
CA GLU A 471 15.06 45.43 -15.17
C GLU A 471 14.63 45.12 -16.60
N ASP A 472 15.45 44.38 -17.34
CA ASP A 472 15.12 44.06 -18.72
C ASP A 472 13.82 43.25 -18.81
N LEU A 473 13.69 42.21 -17.98
CA LEU A 473 12.51 41.36 -18.08
C LEU A 473 11.23 42.11 -17.73
N ALA A 474 11.31 43.09 -16.83
CA ALA A 474 10.11 43.85 -16.47
C ALA A 474 9.78 44.87 -17.55
N LYS A 475 10.79 45.59 -18.06
CA LYS A 475 10.54 46.70 -18.94
C LYS A 475 10.23 46.25 -20.36
N HIS A 476 10.96 45.25 -20.87
CA HIS A 476 10.86 44.89 -22.28
C HIS A 476 10.17 43.55 -22.52
N ALA A 477 10.17 42.65 -21.55
CA ALA A 477 9.62 41.31 -21.74
C ALA A 477 8.23 41.14 -21.14
N SER A 478 7.73 42.14 -20.41
CA SER A 478 6.43 42.09 -19.75
C SER A 478 5.69 43.40 -20.00
N ASN A 479 4.36 43.34 -19.87
CA ASN A 479 3.52 44.53 -19.91
C ASN A 479 2.66 44.49 -18.66
N THR A 480 2.82 45.47 -17.78
CA THR A 480 2.18 45.47 -16.47
C THR A 480 1.32 46.72 -16.31
N ILE A 481 0.02 46.52 -16.04
CA ILE A 481 -0.94 47.60 -15.92
C ILE A 481 -1.31 47.75 -14.43
N PRO A 482 -0.92 48.83 -13.78
CA PRO A 482 -1.35 49.05 -12.39
C PRO A 482 -2.69 49.77 -12.34
N VAL A 483 -3.44 49.48 -11.28
CA VAL A 483 -4.71 50.14 -11.03
C VAL A 483 -4.72 50.67 -9.60
N TYR A 484 -5.11 51.92 -9.45
CA TYR A 484 -5.25 52.55 -8.14
C TYR A 484 -6.74 52.62 -7.83
N MET A 485 -7.12 52.01 -6.71
CA MET A 485 -8.53 51.92 -6.33
C MET A 485 -8.70 52.52 -4.94
N PRO A 486 -9.15 53.78 -4.82
CA PRO A 486 -9.22 54.39 -3.49
C PRO A 486 -10.07 53.62 -2.49
N TYR A 487 -11.08 52.88 -2.94
CA TYR A 487 -12.06 52.27 -2.05
C TYR A 487 -11.98 50.75 -2.01
N ILE A 488 -10.86 50.16 -2.44
CA ILE A 488 -10.84 48.70 -2.58
C ILE A 488 -10.96 48.03 -1.22
N THR A 489 -10.52 48.68 -0.14
CA THR A 489 -10.66 48.14 1.22
C THR A 489 -11.94 48.60 1.93
N SER A 490 -12.85 49.26 1.22
CA SER A 490 -13.97 49.94 1.86
C SER A 490 -14.96 48.99 2.53
N TYR A 491 -15.14 47.78 1.99
CA TYR A 491 -16.12 46.85 2.58
C TYR A 491 -15.82 46.56 4.05
N PHE A 492 -14.55 46.55 4.41
CA PHE A 492 -14.05 46.05 5.69
C PHE A 492 -13.81 47.14 6.73
N MET A 493 -14.07 48.40 6.40
CA MET A 493 -13.90 49.47 7.37
C MET A 493 -14.71 49.20 8.63
N THR A 494 -14.16 49.60 9.79
CA THR A 494 -14.87 49.42 11.05
C THR A 494 -16.24 50.08 10.95
N ARG A 495 -17.25 49.38 11.45
CA ARG A 495 -18.62 49.81 11.28
C ARG A 495 -19.40 49.50 12.55
N ALA A 496 -20.57 50.13 12.65
CA ALA A 496 -21.54 49.88 13.70
C ALA A 496 -22.83 49.37 13.06
N ILE A 497 -23.57 48.54 13.80
CA ILE A 497 -24.90 48.19 13.34
C ILE A 497 -25.66 49.48 13.05
N GLY A 498 -26.30 49.53 11.87
CA GLY A 498 -26.96 50.73 11.41
C GLY A 498 -26.22 51.49 10.32
N ASP A 499 -24.90 51.28 10.20
CA ASP A 499 -24.13 51.97 9.15
C ASP A 499 -24.49 51.45 7.76
N ARG A 500 -24.99 50.22 7.66
CA ARG A 500 -25.43 49.69 6.39
C ARG A 500 -26.93 49.63 6.36
N PRO A 501 -27.58 50.07 5.28
CA PRO A 501 -29.05 49.97 5.23
C PRO A 501 -29.51 48.52 5.13
N LEU A 502 -30.65 48.24 5.75
CA LEU A 502 -31.34 46.98 5.47
C LEU A 502 -31.57 46.83 3.98
N VAL A 503 -31.54 45.58 3.49
CA VAL A 503 -31.86 45.32 2.10
C VAL A 503 -33.21 45.95 1.76
N VAL A 504 -34.21 45.74 2.60
CA VAL A 504 -35.46 46.50 2.48
C VAL A 504 -35.69 47.25 3.79
N PRO A 505 -35.40 48.55 3.82
CA PRO A 505 -35.59 49.31 5.06
C PRO A 505 -37.03 49.23 5.55
N HIS A 506 -37.19 49.44 6.85
CA HIS A 506 -38.50 49.29 7.47
C HIS A 506 -39.51 50.23 6.81
N GLN A 507 -40.68 49.68 6.46
CA GLN A 507 -41.77 50.41 5.83
C GLN A 507 -41.47 50.85 4.40
N SER A 508 -40.36 50.39 3.81
CA SER A 508 -40.09 50.73 2.43
C SER A 508 -41.08 49.99 1.53
N GLN A 509 -41.69 50.71 0.59
CA GLN A 509 -42.68 50.14 -0.32
C GLN A 509 -42.09 49.71 -1.65
N ASN A 510 -41.13 50.47 -2.17
CA ASN A 510 -40.63 50.18 -3.51
C ASN A 510 -39.12 50.44 -3.61
N LEU A 511 -38.39 50.41 -2.51
CA LEU A 511 -36.96 50.73 -2.51
C LEU A 511 -36.18 49.65 -1.77
N ALA A 512 -35.09 49.19 -2.37
CA ALA A 512 -34.21 48.20 -1.74
C ALA A 512 -32.77 48.61 -1.99
N PHE A 513 -31.91 48.20 -1.07
CA PHE A 513 -30.46 48.35 -1.21
C PHE A 513 -29.86 46.97 -1.40
N ILE A 514 -28.96 46.83 -2.38
CA ILE A 514 -28.33 45.55 -2.67
C ILE A 514 -26.82 45.74 -2.80
N GLY A 515 -26.09 44.63 -2.77
CA GLY A 515 -24.65 44.69 -2.84
C GLY A 515 -24.00 44.64 -1.48
N ASN A 516 -22.67 44.81 -1.50
CA ASN A 516 -21.85 44.52 -0.33
C ASN A 516 -21.77 45.67 0.67
N PHE A 517 -22.57 46.75 0.52
CA PHE A 517 -22.75 47.70 1.60
C PHE A 517 -24.19 47.71 2.12
N ALA A 518 -24.99 46.71 1.77
CA ALA A 518 -26.30 46.51 2.37
C ALA A 518 -26.18 45.48 3.50
N GLU A 519 -27.18 45.45 4.37
CA GLU A 519 -27.14 44.68 5.60
C GLU A 519 -28.04 43.46 5.53
N THR A 520 -27.48 42.28 5.83
CA THR A 520 -28.27 41.07 6.03
C THR A 520 -27.53 40.22 7.05
N GLU A 521 -28.23 39.23 7.60
CA GLU A 521 -27.70 38.45 8.71
C GLU A 521 -26.57 37.52 8.25
N ARG A 522 -25.61 37.37 9.16
CA ARG A 522 -24.44 36.49 9.10
C ARG A 522 -23.60 36.28 7.83
N ASP A 523 -24.00 36.81 6.68
CA ASP A 523 -23.17 36.56 5.50
C ASP A 523 -22.03 37.58 5.41
N THR A 524 -21.01 37.21 4.63
CA THR A 524 -19.75 37.94 4.57
C THR A 524 -19.64 38.76 3.29
N VAL A 525 -19.23 40.02 3.43
CA VAL A 525 -19.08 40.92 2.29
C VAL A 525 -17.72 40.67 1.65
N PHE A 526 -17.45 41.39 0.56
CA PHE A 526 -16.36 41.07 -0.36
C PHE A 526 -16.52 39.67 -0.94
N THR A 527 -17.77 39.25 -1.23
CA THR A 527 -18.02 38.00 -1.92
C THR A 527 -19.15 38.19 -2.93
N THR A 528 -19.05 37.48 -4.05
CA THR A 528 -20.13 37.48 -5.02
C THR A 528 -21.40 36.88 -4.43
N GLU A 529 -21.26 35.93 -3.49
CA GLU A 529 -22.45 35.36 -2.82
C GLU A 529 -23.27 36.46 -2.13
N TYR A 530 -22.61 37.40 -1.47
CA TYR A 530 -23.32 38.49 -0.78
C TYR A 530 -24.10 39.33 -1.78
N SER A 531 -23.50 39.63 -2.94
CA SER A 531 -24.21 40.35 -3.98
C SER A 531 -25.47 39.61 -4.41
N VAL A 532 -25.37 38.30 -4.64
CA VAL A 532 -26.54 37.56 -5.11
C VAL A 532 -27.56 37.43 -3.99
N ARG A 533 -27.10 37.23 -2.75
CA ARG A 533 -28.03 37.09 -1.64
C ARG A 533 -28.87 38.35 -1.46
N THR A 534 -28.22 39.50 -1.40
CA THR A 534 -28.96 40.75 -1.23
C THR A 534 -29.92 40.96 -2.41
N ALA A 535 -29.47 40.66 -3.62
CA ALA A 535 -30.36 40.75 -4.78
C ALA A 535 -31.59 39.89 -4.60
N MET A 536 -31.38 38.63 -4.20
CA MET A 536 -32.51 37.72 -4.04
C MET A 536 -33.44 38.18 -2.93
N GLU A 537 -32.88 38.60 -1.79
CA GLU A 537 -33.70 39.04 -0.68
C GLU A 537 -34.48 40.31 -1.03
N ALA A 538 -33.87 41.24 -1.78
CA ALA A 538 -34.57 42.45 -2.18
C ALA A 538 -35.76 42.13 -3.08
N VAL A 539 -35.54 41.30 -4.10
CA VAL A 539 -36.62 40.98 -5.04
C VAL A 539 -37.74 40.21 -4.34
N TYR A 540 -37.38 39.20 -3.56
CA TYR A 540 -38.39 38.39 -2.88
C TYR A 540 -39.23 39.22 -1.92
N GLN A 541 -38.59 40.15 -1.20
CA GLN A 541 -39.32 40.97 -0.24
C GLN A 541 -40.22 41.98 -0.94
N LEU A 542 -39.69 42.70 -1.93
CA LEU A 542 -40.49 43.73 -2.57
C LEU A 542 -41.64 43.14 -3.38
N LEU A 543 -41.47 41.95 -3.95
CA LEU A 543 -42.56 41.29 -4.67
C LEU A 543 -43.33 40.27 -3.82
N ASN A 544 -42.97 40.10 -2.55
CA ASN A 544 -43.57 39.09 -1.67
C ASN A 544 -43.67 37.73 -2.36
N ILE A 545 -42.52 37.24 -2.78
CA ILE A 545 -42.43 35.97 -3.48
C ILE A 545 -42.55 34.84 -2.45
N ASP A 546 -43.44 33.88 -2.74
CA ASP A 546 -43.77 32.80 -1.80
C ASP A 546 -42.83 31.61 -2.02
N ARG A 547 -41.55 31.82 -1.67
CA ARG A 547 -40.57 30.74 -1.70
C ARG A 547 -39.45 31.12 -0.74
N GLY A 548 -38.83 30.10 -0.13
CA GLY A 548 -37.80 30.36 0.87
C GLY A 548 -36.51 30.86 0.25
N ILE A 549 -35.80 31.71 1.01
CA ILE A 549 -34.42 32.12 0.70
C ILE A 549 -33.49 31.18 1.46
N PRO A 550 -32.47 30.58 0.83
CA PRO A 550 -31.57 29.73 1.59
C PRO A 550 -30.81 30.54 2.63
N GLU A 551 -30.81 30.06 3.88
CA GLU A 551 -30.02 30.70 4.91
C GLU A 551 -28.53 30.57 4.61
N VAL A 552 -27.74 31.49 5.19
CA VAL A 552 -26.30 31.26 5.25
C VAL A 552 -26.06 29.86 5.82
N ILE A 553 -25.15 29.11 5.19
CA ILE A 553 -25.00 27.70 5.54
C ILE A 553 -24.81 27.55 7.06
N ASN A 554 -25.41 26.51 7.63
CA ASN A 554 -25.49 26.39 9.08
C ASN A 554 -24.23 25.82 9.71
N SER A 555 -23.05 25.98 9.08
CA SER A 555 -21.89 25.25 9.60
C SER A 555 -21.46 25.66 11.00
N PRO A 556 -21.57 26.93 11.43
CA PRO A 556 -21.14 27.26 12.80
C PRO A 556 -22.03 26.66 13.88
N PHE A 557 -23.21 26.13 13.53
CA PHE A 557 -24.09 25.49 14.48
C PHE A 557 -24.00 23.97 14.42
N ASP A 558 -23.16 23.43 13.55
CA ASP A 558 -23.10 21.99 13.32
C ASP A 558 -21.99 21.38 14.17
N LEU A 559 -22.36 20.56 15.15
CA LEU A 559 -21.39 20.01 16.10
C LEU A 559 -20.26 19.28 15.40
N ARG A 560 -20.56 18.61 14.29
CA ARG A 560 -19.53 17.88 13.57
C ARG A 560 -18.49 18.85 13.02
N VAL A 561 -18.95 19.98 12.48
CA VAL A 561 -18.02 20.97 11.94
C VAL A 561 -17.21 21.61 13.05
N LEU A 562 -17.85 21.87 14.19
CA LEU A 562 -17.13 22.48 15.31
C LEU A 562 -16.07 21.54 15.86
N MET A 563 -16.35 20.23 15.89
CA MET A 563 -15.32 19.28 16.30
C MET A 563 -14.14 19.30 15.34
N ASP A 564 -14.42 19.30 14.03
CA ASP A 564 -13.33 19.38 13.06
C ASP A 564 -12.52 20.65 13.27
N ALA A 565 -13.19 21.77 13.58
CA ALA A 565 -12.46 23.03 13.73
C ALA A 565 -11.47 22.97 14.88
N ILE A 566 -11.91 22.45 16.04
CA ILE A 566 -10.99 22.30 17.16
C ILE A 566 -9.78 21.47 16.77
N TYR A 567 -10.02 20.37 16.07
CA TYR A 567 -8.92 19.49 15.67
C TYR A 567 -7.95 20.22 14.72
N GLU A 568 -8.49 20.92 13.73
CA GLU A 568 -7.63 21.61 12.78
C GLU A 568 -6.94 22.81 13.42
N LEU A 569 -7.68 23.57 14.23
CA LEU A 569 -7.11 24.78 14.83
C LEU A 569 -5.94 24.44 15.73
N ASN A 570 -6.01 23.32 16.44
CA ASN A 570 -4.91 22.86 17.27
C ASN A 570 -3.90 22.04 16.49
N ASP A 571 -3.78 22.30 15.18
CA ASP A 571 -2.91 21.59 14.24
C ASP A 571 -2.94 20.08 14.48
N HIS A 572 -4.17 19.53 14.46
CA HIS A 572 -4.38 18.08 14.40
C HIS A 572 -3.95 17.37 15.68
N GLN A 573 -4.37 17.90 16.81
CA GLN A 573 -4.15 17.23 18.09
C GLN A 573 -5.49 16.87 18.73
N ASP A 574 -5.50 15.78 19.50
CA ASP A 574 -6.72 15.38 20.19
C ASP A 574 -6.81 16.10 21.54
N LEU A 575 -7.94 15.88 22.22
CA LEU A 575 -8.25 16.64 23.42
C LEU A 575 -7.24 16.41 24.54
N ARG A 576 -6.55 15.27 24.55
CA ARG A 576 -5.56 15.02 25.58
C ARG A 576 -4.28 15.80 25.34
N GLU A 577 -3.80 15.83 24.08
CA GLU A 577 -2.66 16.66 23.75
C GLU A 577 -2.96 18.14 23.95
N ILE A 578 -4.15 18.57 23.53
CA ILE A 578 -4.53 19.97 23.69
C ILE A 578 -4.42 20.41 25.14
N THR A 579 -4.91 19.57 26.06
CA THR A 579 -4.99 19.93 27.47
C THR A 579 -3.77 19.49 28.27
N LYS A 580 -2.79 18.85 27.64
CA LYS A 580 -1.78 18.11 28.39
C LYS A 580 -1.03 19.00 29.37
N ASP A 581 -0.62 20.19 28.93
CA ASP A 581 0.25 21.05 29.72
C ASP A 581 -0.52 21.98 30.66
N SER A 582 -1.78 21.69 30.96
CA SER A 582 -2.56 22.51 31.89
C SER A 582 -3.32 21.59 32.84
N LYS A 583 -2.94 21.61 34.11
CA LYS A 583 -3.57 20.76 35.12
C LYS A 583 -5.08 21.00 35.23
N MET A 584 -5.47 22.27 35.31
CA MET A 584 -6.89 22.62 35.42
C MET A 584 -7.72 21.98 34.32
N GLN A 585 -7.26 22.14 33.08
CA GLN A 585 -7.95 21.58 31.92
C GLN A 585 -7.81 20.07 31.90
N LYS A 586 -6.59 19.57 32.07
CA LYS A 586 -6.30 18.14 32.11
C LYS A 586 -7.27 17.38 33.01
N LEU A 587 -7.80 18.07 34.03
CA LEU A 587 -8.72 17.45 34.98
C LEU A 587 -10.18 17.61 34.57
N ALA A 588 -10.57 18.81 34.09
CA ALA A 588 -11.91 18.98 33.57
C ALA A 588 -12.17 18.03 32.41
N LEU A 589 -11.12 17.70 31.64
CA LEU A 589 -11.26 16.76 30.54
C LEU A 589 -11.46 15.34 31.06
N ALA A 590 -10.71 14.95 32.09
CA ALA A 590 -10.88 13.61 32.64
C ALA A 590 -12.27 13.42 33.24
N GLY A 591 -12.82 14.47 33.84
CA GLY A 591 -14.19 14.39 34.33
C GLY A 591 -15.20 14.32 33.19
N PHE A 592 -14.92 15.02 32.10
CA PHE A 592 -15.80 14.95 30.93
C PHE A 592 -15.77 13.56 30.32
N LEU A 593 -14.58 13.00 30.11
CA LEU A 593 -14.48 11.69 29.50
C LEU A 593 -15.13 10.62 30.37
N LYS A 594 -15.06 10.78 31.69
CA LYS A 594 -15.73 9.83 32.58
C LYS A 594 -17.23 9.78 32.32
N LYS A 595 -17.85 10.95 32.13
CA LYS A 595 -19.30 10.98 31.95
C LYS A 595 -19.73 10.45 30.59
N ILE A 596 -18.92 10.67 29.55
CA ILE A 596 -19.33 10.34 28.18
C ILE A 596 -18.77 9.01 27.71
N LYS A 597 -18.03 8.30 28.55
CA LYS A 597 -17.39 7.06 28.14
C LYS A 597 -18.41 6.04 27.66
N GLY A 598 -18.15 5.44 26.51
CA GLY A 598 -19.03 4.44 25.93
C GLY A 598 -20.29 4.98 25.29
N THR A 599 -20.45 6.30 25.22
CA THR A 599 -21.65 6.91 24.65
C THR A 599 -21.41 7.37 23.23
N TYR A 600 -22.51 7.81 22.60
CA TYR A 600 -22.47 8.36 21.25
C TYR A 600 -21.56 9.58 21.16
N ILE A 601 -21.47 10.37 22.23
CA ILE A 601 -20.59 11.53 22.18
C ILE A 601 -19.14 11.11 22.03
N GLU A 602 -18.75 10.02 22.67
CA GLU A 602 -17.37 9.57 22.57
C GLU A 602 -17.05 9.06 21.17
N SER A 603 -17.96 8.27 20.57
CA SER A 603 -17.76 7.82 19.21
C SER A 603 -17.68 8.99 18.25
N LEU A 604 -18.52 10.01 18.45
CA LEU A 604 -18.44 11.21 17.62
C LEU A 604 -17.08 11.88 17.74
N LEU A 605 -16.60 12.05 18.97
CA LEU A 605 -15.31 12.69 19.18
C LEU A 605 -14.20 11.87 18.55
N LYS A 606 -14.30 10.55 18.60
CA LYS A 606 -13.30 9.70 17.95
C LYS A 606 -13.41 9.79 16.44
N GLU A 607 -14.63 9.84 15.91
CA GLU A 607 -14.77 9.97 14.46
C GLU A 607 -14.13 11.25 13.96
N HIS A 608 -14.20 12.33 14.75
CA HIS A 608 -13.62 13.60 14.36
C HIS A 608 -12.25 13.82 14.97
N LYS A 609 -11.60 12.73 15.40
CA LYS A 609 -10.19 12.67 15.76
C LYS A 609 -9.86 13.44 17.02
N LEU A 610 -10.85 13.84 17.80
CA LEU A 610 -10.57 14.51 19.06
C LEU A 610 -10.29 13.54 20.19
N LEU A 611 -10.57 12.26 19.99
CA LEU A 611 -10.27 11.23 20.98
C LEU A 611 -9.65 10.02 20.29
N SER B 19 -7.33 -2.96 -1.78
CA SER B 19 -6.47 -2.73 -2.94
C SER B 19 -6.80 -3.72 -4.06
N HIS B 20 -6.07 -3.58 -5.17
CA HIS B 20 -6.24 -4.45 -6.32
C HIS B 20 -5.20 -5.55 -6.37
N MET B 21 -4.59 -5.86 -5.22
CA MET B 21 -3.64 -6.95 -5.08
C MET B 21 -3.61 -7.37 -3.61
N TYR B 22 -2.98 -8.52 -3.35
CA TYR B 22 -2.76 -8.96 -1.98
C TYR B 22 -1.43 -9.67 -1.92
N TYR B 23 -0.80 -9.64 -0.75
CA TYR B 23 0.48 -10.29 -0.53
C TYR B 23 0.27 -11.70 0.02
N SER B 24 1.20 -12.58 -0.31
CA SER B 24 1.13 -13.97 0.11
C SER B 24 2.54 -14.51 0.31
N TYR B 25 2.62 -15.74 0.85
CA TYR B 25 3.88 -16.46 0.85
C TYR B 25 3.56 -17.94 0.90
N GLY B 26 4.55 -18.76 0.55
CA GLY B 26 4.38 -20.19 0.56
C GLY B 26 4.06 -20.75 -0.82
N ASN B 27 4.04 -22.08 -0.89
CA ASN B 27 4.02 -22.78 -2.18
C ASN B 27 2.67 -22.75 -2.87
N TYR B 28 1.57 -22.67 -2.12
CA TYR B 28 0.23 -22.64 -2.71
C TYR B 28 0.11 -21.50 -3.71
N GLU B 29 0.38 -20.27 -3.27
CA GLU B 29 0.29 -19.12 -4.15
C GLU B 29 1.45 -19.09 -5.15
N ALA B 30 2.62 -19.63 -4.77
CA ALA B 30 3.75 -19.62 -5.68
C ALA B 30 3.46 -20.45 -6.92
N PHE B 31 2.88 -21.64 -6.73
CA PHE B 31 2.65 -22.58 -7.81
C PHE B 31 1.34 -22.38 -8.56
N ALA B 32 0.34 -21.75 -7.94
CA ALA B 32 -0.95 -21.60 -8.60
C ALA B 32 -0.87 -20.58 -9.74
N ARG B 33 -1.70 -20.79 -10.75
CA ARG B 33 -1.88 -19.99 -11.97
C ARG B 33 -3.10 -19.09 -11.82
N PRO B 34 -2.99 -17.80 -12.15
CA PRO B 34 -4.18 -16.94 -12.13
C PRO B 34 -5.08 -17.22 -13.32
N LYS B 35 -6.38 -17.16 -13.07
CA LYS B 35 -7.33 -17.09 -14.16
C LYS B 35 -7.01 -15.91 -15.06
N LYS B 36 -7.40 -16.02 -16.33
CA LYS B 36 -7.21 -14.90 -17.25
C LYS B 36 -7.99 -13.69 -16.76
N PRO B 37 -7.36 -12.52 -16.63
CA PRO B 37 -8.05 -11.38 -16.03
C PRO B 37 -9.15 -10.82 -16.93
N GLU B 38 -10.12 -10.17 -16.30
CA GLU B 38 -11.34 -9.78 -17.01
C GLU B 38 -11.04 -8.67 -18.02
N ASN B 39 -11.51 -8.90 -19.26
CA ASN B 39 -11.50 -7.93 -20.34
C ASN B 39 -10.11 -7.67 -20.93
N VAL B 40 -9.13 -8.51 -20.60
CA VAL B 40 -7.77 -8.23 -21.06
C VAL B 40 -7.70 -8.25 -22.58
N GLU B 41 -8.60 -8.97 -23.24
CA GLU B 41 -8.58 -9.03 -24.69
C GLU B 41 -8.76 -7.66 -25.34
N ASN B 42 -9.31 -6.69 -24.61
CA ASN B 42 -9.55 -5.35 -25.14
C ASN B 42 -8.55 -4.32 -24.65
N LYS B 43 -7.42 -4.75 -24.10
CA LYS B 43 -6.48 -3.84 -23.47
C LYS B 43 -5.13 -3.91 -24.18
N SER B 44 -4.38 -2.84 -24.05
CA SER B 44 -3.05 -2.69 -24.63
C SER B 44 -2.12 -2.17 -23.55
N ALA B 45 -0.82 -2.20 -23.84
CA ALA B 45 0.18 -1.74 -22.88
C ALA B 45 1.32 -1.03 -23.60
N TYR B 46 1.73 0.09 -23.03
CA TYR B 46 2.88 0.86 -23.47
C TYR B 46 3.87 0.91 -22.33
N LEU B 47 5.10 0.46 -22.58
CA LEU B 47 6.14 0.44 -21.58
C LEU B 47 7.25 1.37 -22.05
N ILE B 48 7.57 2.37 -21.24
CA ILE B 48 8.50 3.42 -21.65
C ILE B 48 9.91 2.97 -21.26
N GLY B 49 10.73 2.69 -22.25
CA GLY B 49 12.09 2.22 -22.07
C GLY B 49 12.20 0.71 -22.18
N SER B 50 13.43 0.23 -22.36
CA SER B 50 13.74 -1.19 -22.42
C SER B 50 14.49 -1.69 -21.19
N GLY B 51 14.45 -0.94 -20.10
CA GLY B 51 15.12 -1.37 -18.87
C GLY B 51 14.49 -2.62 -18.29
N LEU B 52 15.14 -3.13 -17.24
CA LEU B 52 14.73 -4.41 -16.69
C LEU B 52 13.29 -4.38 -16.19
N ALA B 53 12.89 -3.31 -15.49
CA ALA B 53 11.52 -3.26 -15.00
C ALA B 53 10.51 -3.31 -16.15
N SER B 54 10.77 -2.56 -17.23
CA SER B 54 9.86 -2.57 -18.38
C SER B 54 9.75 -3.96 -18.97
N LEU B 55 10.90 -4.62 -19.15
CA LEU B 55 10.89 -5.96 -19.73
C LEU B 55 10.17 -6.94 -18.82
N ALA B 56 10.39 -6.84 -17.51
CA ALA B 56 9.67 -7.71 -16.58
C ALA B 56 8.18 -7.47 -16.67
N ALA B 57 7.76 -6.20 -16.71
CA ALA B 57 6.33 -5.92 -16.80
C ALA B 57 5.74 -6.56 -18.05
N ALA B 58 6.46 -6.47 -19.18
CA ALA B 58 6.00 -7.11 -20.41
C ALA B 58 5.90 -8.63 -20.23
N CYS B 59 6.87 -9.23 -19.54
CA CYS B 59 6.77 -10.67 -19.29
C CYS B 59 5.54 -11.02 -18.45
N PHE B 60 5.24 -10.24 -17.40
CA PHE B 60 4.06 -10.56 -16.61
C PHE B 60 2.77 -10.31 -17.40
N LEU B 61 2.74 -9.31 -18.27
CA LEU B 61 1.58 -9.09 -19.13
C LEU B 61 1.32 -10.30 -20.01
N ILE B 62 2.36 -10.85 -20.61
CA ILE B 62 2.22 -12.06 -21.44
C ILE B 62 1.79 -13.25 -20.59
N ARG B 63 2.54 -13.55 -19.52
CA ARG B 63 2.39 -14.83 -18.83
C ARG B 63 1.16 -14.86 -17.94
N ASP B 64 0.95 -13.83 -17.14
CA ASP B 64 -0.15 -13.80 -16.19
C ASP B 64 -1.30 -12.94 -16.65
N GLY B 65 -1.02 -11.87 -17.39
CA GLY B 65 -2.10 -11.11 -17.97
C GLY B 65 -2.75 -11.81 -19.14
N GLN B 66 -2.02 -12.70 -19.81
CA GLN B 66 -2.46 -13.29 -21.07
C GLN B 66 -2.84 -12.20 -22.07
N MET B 67 -2.11 -11.10 -22.04
CA MET B 67 -2.26 -10.06 -23.04
C MET B 67 -1.54 -10.51 -24.31
N GLU B 68 -2.13 -10.21 -25.46
CA GLU B 68 -1.52 -10.56 -26.73
C GLU B 68 -0.24 -9.74 -26.95
N GLY B 69 0.83 -10.41 -27.36
CA GLY B 69 2.09 -9.71 -27.59
C GLY B 69 1.95 -8.59 -28.60
N SER B 70 1.06 -8.73 -29.57
CA SER B 70 0.84 -7.68 -30.55
C SER B 70 0.29 -6.41 -29.91
N LYS B 71 -0.29 -6.50 -28.70
CA LYS B 71 -0.82 -5.33 -28.01
C LYS B 71 0.14 -4.71 -27.02
N ILE B 72 1.38 -5.21 -26.95
CA ILE B 72 2.36 -4.77 -25.97
C ILE B 72 3.45 -4.02 -26.72
N HIS B 73 3.62 -2.74 -26.39
CA HIS B 73 4.52 -1.85 -27.12
C HIS B 73 5.62 -1.38 -26.18
N ILE B 74 6.85 -1.79 -26.45
CA ILE B 74 8.00 -1.35 -25.65
C ILE B 74 8.66 -0.21 -26.41
N LEU B 75 8.57 1.00 -25.87
CA LEU B 75 9.05 2.20 -26.54
C LEU B 75 10.50 2.43 -26.14
N GLU B 76 11.42 2.20 -27.06
CA GLU B 76 12.85 2.27 -26.80
C GLU B 76 13.45 3.47 -27.50
N GLU B 77 14.20 4.27 -26.75
CA GLU B 77 14.80 5.48 -27.30
C GLU B 77 15.88 5.16 -28.32
N LEU B 78 16.65 4.12 -28.08
CA LEU B 78 17.79 3.80 -28.95
C LEU B 78 17.31 3.13 -30.24
N PRO B 79 18.15 3.08 -31.24
CA PRO B 79 17.77 2.45 -32.52
C PRO B 79 18.03 0.96 -32.59
N LYS B 80 19.06 0.46 -31.91
CA LYS B 80 19.46 -0.94 -32.09
C LYS B 80 20.59 -1.35 -31.13
N PRO B 91 31.55 3.28 -30.62
CA PRO B 91 31.76 2.01 -29.90
C PRO B 91 32.79 2.13 -28.77
N LEU B 92 32.74 1.20 -27.82
CA LEU B 92 33.66 1.23 -26.69
C LEU B 92 35.05 0.77 -27.12
N LYS B 93 36.07 1.39 -26.53
CA LYS B 93 37.45 1.02 -26.78
C LYS B 93 37.95 -0.09 -25.86
N GLY B 94 37.03 -0.80 -25.20
CA GLY B 94 37.38 -1.91 -24.32
C GLY B 94 36.11 -2.48 -23.71
N TYR B 95 36.28 -3.58 -22.96
CA TYR B 95 35.13 -4.17 -22.28
C TYR B 95 34.66 -3.27 -21.14
N VAL B 96 33.35 -3.22 -20.93
CA VAL B 96 32.76 -2.45 -19.84
C VAL B 96 31.84 -3.38 -19.08
N VAL B 97 32.02 -3.43 -17.76
CA VAL B 97 31.33 -4.38 -16.90
C VAL B 97 30.24 -3.67 -16.12
N ARG B 98 29.17 -4.41 -15.85
CA ARG B 98 28.27 -4.19 -14.71
C ARG B 98 27.08 -3.30 -15.05
N GLY B 99 26.56 -2.62 -14.04
CA GLY B 99 25.17 -2.21 -14.07
C GLY B 99 24.41 -3.33 -13.41
N GLY B 100 24.92 -4.55 -13.55
CA GLY B 100 24.44 -5.68 -12.78
C GLY B 100 25.12 -5.77 -11.43
N ARG B 101 24.61 -6.68 -10.60
CA ARG B 101 25.12 -6.84 -9.25
C ARG B 101 24.85 -8.27 -8.80
N ALA B 102 24.88 -8.51 -7.50
CA ALA B 102 24.65 -9.83 -6.95
C ALA B 102 23.16 -10.04 -6.67
N MET B 103 22.79 -11.31 -6.54
CA MET B 103 21.44 -11.71 -6.18
C MET B 103 21.50 -12.55 -4.91
N GLU B 104 20.33 -12.81 -4.35
CA GLU B 104 20.24 -13.66 -3.17
C GLU B 104 19.12 -14.65 -3.38
N ASN B 105 19.03 -15.62 -2.47
CA ASN B 105 18.03 -16.66 -2.62
C ASN B 105 16.63 -16.09 -2.43
N HIS B 106 16.47 -15.02 -1.66
CA HIS B 106 15.13 -14.52 -1.37
C HIS B 106 14.71 -13.34 -2.24
N PHE B 107 15.17 -13.32 -3.49
CA PHE B 107 14.61 -12.44 -4.52
C PHE B 107 13.32 -13.11 -5.01
N GLU B 108 12.26 -12.99 -4.19
CA GLU B 108 11.06 -13.82 -4.40
C GLU B 108 10.37 -13.53 -5.72
N CYS B 109 10.24 -12.25 -6.09
CA CYS B 109 9.55 -11.90 -7.32
C CYS B 109 10.38 -12.24 -8.55
N LEU B 110 11.68 -11.96 -8.47
CA LEU B 110 12.58 -12.23 -9.60
C LEU B 110 12.61 -13.73 -9.95
N TRP B 111 12.62 -14.60 -8.95
CA TRP B 111 12.62 -16.02 -9.29
C TRP B 111 11.24 -16.49 -9.77
N ASP B 112 10.16 -15.88 -9.30
CA ASP B 112 8.84 -16.15 -9.86
C ASP B 112 8.85 -15.88 -11.37
N LEU B 113 9.49 -14.80 -11.79
CA LEU B 113 9.57 -14.49 -13.21
C LEU B 113 10.54 -15.44 -13.93
N PHE B 114 11.75 -15.58 -13.43
CA PHE B 114 12.76 -16.22 -14.27
C PHE B 114 12.66 -17.74 -14.31
N ARG B 115 11.78 -18.35 -13.52
CA ARG B 115 11.44 -19.75 -13.73
C ARG B 115 10.70 -19.97 -15.05
N SER B 116 10.14 -18.91 -15.64
CA SER B 116 9.37 -19.02 -16.89
C SER B 116 10.14 -18.59 -18.11
N ILE B 117 11.34 -18.03 -17.94
CA ILE B 117 12.14 -17.53 -19.06
C ILE B 117 13.11 -18.63 -19.47
N PRO B 118 13.06 -19.12 -20.71
CA PRO B 118 14.01 -20.18 -21.12
C PRO B 118 15.46 -19.70 -21.09
N SER B 119 16.34 -20.59 -20.64
CA SER B 119 17.77 -20.33 -20.73
C SER B 119 18.17 -20.23 -22.20
N LEU B 120 19.10 -19.32 -22.50
CA LEU B 120 19.72 -19.26 -23.82
C LEU B 120 21.01 -20.07 -23.88
N GLU B 121 21.35 -20.77 -22.79
CA GLU B 121 22.58 -21.55 -22.68
C GLU B 121 22.32 -23.04 -22.56
N ILE B 122 21.30 -23.43 -21.81
CA ILE B 122 20.99 -24.82 -21.51
C ILE B 122 19.64 -25.15 -22.14
N ASP B 123 19.58 -26.26 -22.85
CA ASP B 123 18.32 -26.66 -23.46
C ASP B 123 17.35 -27.15 -22.40
N ASN B 124 16.06 -26.91 -22.63
CA ASN B 124 15.00 -27.39 -21.75
C ASN B 124 15.30 -27.03 -20.30
N ALA B 125 15.66 -25.77 -20.09
CA ALA B 125 15.93 -25.26 -18.76
C ALA B 125 15.57 -23.79 -18.72
N SER B 126 15.16 -23.32 -17.54
CA SER B 126 14.88 -21.91 -17.37
C SER B 126 16.15 -21.16 -16.96
N VAL B 127 16.10 -19.83 -17.04
CA VAL B 127 17.15 -19.00 -16.45
C VAL B 127 17.37 -19.36 -14.98
N LEU B 128 16.29 -19.59 -14.24
CA LEU B 128 16.42 -19.96 -12.83
C LEU B 128 17.20 -21.27 -12.69
N ASP B 129 16.85 -22.29 -13.49
CA ASP B 129 17.57 -23.56 -13.45
C ASP B 129 19.07 -23.34 -13.62
N GLU B 130 19.44 -22.69 -14.72
CA GLU B 130 20.84 -22.38 -15.03
C GLU B 130 21.54 -21.71 -13.85
N PHE B 131 20.91 -20.68 -13.30
CA PHE B 131 21.49 -19.97 -12.16
C PHE B 131 21.59 -20.88 -10.94
N TYR B 132 20.53 -21.62 -10.66
CA TYR B 132 20.46 -22.50 -9.50
C TYR B 132 21.58 -23.55 -9.54
N TRP B 133 21.69 -24.28 -10.65
CA TRP B 133 22.73 -25.29 -10.78
C TRP B 133 24.12 -24.66 -10.70
N LEU B 134 24.33 -23.53 -11.36
CA LEU B 134 25.65 -22.89 -11.35
C LEU B 134 26.07 -22.54 -9.94
N ASN B 135 25.19 -21.92 -9.15
CA ASN B 135 25.62 -21.45 -7.85
C ASN B 135 25.71 -22.58 -6.84
N LYS B 136 25.13 -23.74 -7.14
CA LYS B 136 25.40 -24.93 -6.35
C LYS B 136 26.78 -25.49 -6.66
N GLU B 137 27.12 -25.55 -7.94
CA GLU B 137 28.40 -26.13 -8.37
C GLU B 137 29.63 -25.25 -8.11
N ASP B 138 29.39 -23.97 -7.87
CA ASP B 138 30.48 -23.02 -7.60
C ASP B 138 29.95 -21.94 -6.66
N PRO B 139 29.74 -22.27 -5.39
CA PRO B 139 29.13 -21.31 -4.47
C PRO B 139 30.07 -20.15 -4.17
N ASN B 140 29.50 -18.97 -4.02
CA ASN B 140 30.28 -17.76 -3.87
C ASN B 140 30.67 -17.54 -2.41
N TYR B 141 31.94 -17.21 -2.19
CA TYR B 141 32.38 -16.68 -0.91
C TYR B 141 33.76 -16.07 -1.11
N SER B 142 34.13 -15.17 -0.21
CA SER B 142 35.38 -14.43 -0.29
C SER B 142 36.37 -14.93 0.76
N ARG B 143 37.61 -15.16 0.36
CA ARG B 143 38.68 -15.50 1.29
C ARG B 143 39.50 -14.28 1.69
N CYS B 144 39.15 -13.11 1.19
CA CYS B 144 39.84 -11.88 1.54
C CYS B 144 38.95 -10.70 1.16
N ARG B 145 38.32 -10.07 2.15
CA ARG B 145 37.30 -9.07 1.88
C ARG B 145 37.81 -7.64 1.93
N VAL B 146 38.85 -7.38 2.72
CA VAL B 146 39.35 -6.02 2.93
C VAL B 146 40.87 -6.08 3.02
N ILE B 147 41.54 -5.17 2.30
CA ILE B 147 42.99 -5.05 2.35
C ILE B 147 43.33 -3.61 2.71
N GLU B 148 44.60 -3.40 3.06
CA GLU B 148 45.11 -2.10 3.43
C GLU B 148 46.63 -2.15 3.28
N LYS B 149 47.26 -0.99 3.42
CA LYS B 149 48.72 -0.91 3.41
C LYS B 149 49.30 -1.62 2.19
N GLN B 150 48.72 -1.34 1.03
CA GLN B 150 49.23 -1.82 -0.25
C GLN B 150 49.29 -3.36 -0.29
N GLY B 151 48.15 -3.98 -0.01
CA GLY B 151 47.96 -5.38 -0.32
C GLY B 151 47.87 -6.34 0.85
N GLN B 152 47.85 -5.86 2.09
CA GLN B 152 47.78 -6.73 3.25
C GLN B 152 46.34 -6.94 3.67
N ARG B 153 46.00 -8.17 4.05
CA ARG B 153 44.66 -8.42 4.57
C ARG B 153 44.46 -7.71 5.91
N LEU B 154 43.31 -7.06 6.05
CA LEU B 154 42.93 -6.47 7.33
C LEU B 154 42.92 -7.53 8.43
N VAL B 155 43.57 -7.22 9.56
CA VAL B 155 43.78 -8.24 10.58
C VAL B 155 42.44 -8.70 11.20
N THR B 156 41.48 -7.80 11.37
CA THR B 156 40.17 -8.14 11.92
C THR B 156 39.16 -8.57 10.86
N ASP B 157 39.59 -8.82 9.63
CA ASP B 157 38.69 -9.21 8.55
C ASP B 157 37.86 -10.43 8.95
N GLY B 158 36.54 -10.32 8.78
CA GLY B 158 35.60 -11.33 9.23
C GLY B 158 34.82 -10.92 10.47
N ASP B 159 35.37 -10.03 11.29
CA ASP B 159 34.67 -9.49 12.44
C ASP B 159 33.98 -8.18 12.09
N PHE B 160 32.83 -7.93 12.74
CA PHE B 160 32.11 -6.69 12.59
C PHE B 160 32.72 -5.57 13.43
N THR B 161 33.40 -5.94 14.53
CA THR B 161 34.00 -5.01 15.49
C THR B 161 33.06 -3.87 15.84
N LEU B 162 31.82 -4.23 16.16
CA LEU B 162 30.83 -3.25 16.61
C LEU B 162 30.86 -3.20 18.13
N THR B 163 30.85 -1.99 18.68
CA THR B 163 30.66 -1.81 20.11
C THR B 163 29.19 -1.96 20.48
N LYS B 164 28.94 -2.10 21.78
CA LYS B 164 27.59 -2.22 22.28
C LYS B 164 26.78 -0.99 21.91
N THR B 165 27.44 0.18 21.89
CA THR B 165 26.76 1.42 21.53
C THR B 165 26.35 1.40 20.07
N ALA B 166 27.26 0.96 19.20
CA ALA B 166 26.96 0.86 17.78
C ALA B 166 25.79 -0.10 17.54
N ILE B 167 25.82 -1.25 18.21
CA ILE B 167 24.76 -2.25 18.04
C ILE B 167 23.42 -1.66 18.47
N LYS B 168 23.40 -0.91 19.57
CA LYS B 168 22.16 -0.28 20.00
C LYS B 168 21.66 0.74 18.98
N GLU B 169 22.58 1.47 18.34
CA GLU B 169 22.17 2.40 17.29
C GLU B 169 21.54 1.65 16.12
N ILE B 170 22.07 0.48 15.78
CA ILE B 170 21.47 -0.32 14.70
C ILE B 170 20.05 -0.71 15.08
N LEU B 171 19.88 -1.35 16.24
CA LEU B 171 18.54 -1.75 16.66
C LEU B 171 17.61 -0.54 16.80
N ASP B 172 18.13 0.57 17.35
CA ASP B 172 17.28 1.74 17.50
C ASP B 172 16.81 2.30 16.16
N LEU B 173 17.63 2.17 15.12
CA LEU B 173 17.18 2.58 13.78
C LEU B 173 16.05 1.68 13.31
N CYS B 174 16.21 0.36 13.46
CA CYS B 174 15.16 -0.56 13.01
C CYS B 174 13.87 -0.37 13.81
N LEU B 175 14.00 0.01 15.08
CA LEU B 175 12.83 0.27 15.91
C LEU B 175 12.22 1.65 15.69
N THR B 176 12.77 2.42 14.75
CA THR B 176 12.17 3.71 14.38
C THR B 176 11.18 3.49 13.25
N ASN B 177 9.99 4.10 13.37
CA ASN B 177 9.01 4.03 12.29
C ASN B 177 9.58 4.68 11.04
N GLU B 178 9.30 4.06 9.88
CA GLU B 178 9.76 4.66 8.63
C GLU B 178 9.27 6.09 8.49
N GLU B 179 8.04 6.37 8.93
CA GLU B 179 7.47 7.70 8.84
C GLU B 179 8.28 8.75 9.60
N ASP B 180 9.05 8.35 10.60
CA ASP B 180 9.83 9.31 11.37
C ASP B 180 11.22 9.53 10.80
N LEU B 181 11.50 9.01 9.61
CA LEU B 181 12.82 9.12 9.02
C LEU B 181 12.83 9.98 7.76
N ASP B 182 11.78 10.78 7.54
CA ASP B 182 11.74 11.71 6.42
C ASP B 182 13.01 12.57 6.41
N ASP B 183 13.73 12.51 5.29
CA ASP B 183 14.90 13.35 5.02
C ASP B 183 16.04 13.14 6.02
N VAL B 184 16.02 12.06 6.80
CA VAL B 184 17.07 11.80 7.77
C VAL B 184 18.25 11.13 7.09
N LYS B 185 19.46 11.64 7.36
CA LYS B 185 20.70 11.08 6.84
C LYS B 185 21.22 9.96 7.73
N ILE B 186 22.07 9.11 7.14
CA ILE B 186 22.72 8.06 7.91
C ILE B 186 23.56 8.65 9.04
N THR B 187 24.25 9.76 8.77
CA THR B 187 25.03 10.40 9.83
C THR B 187 24.16 10.98 10.93
N ASP B 188 22.85 11.13 10.71
CA ASP B 188 21.95 11.59 11.78
C ASP B 188 21.64 10.49 12.80
N VAL B 189 21.85 9.22 12.47
CA VAL B 189 21.39 8.16 13.34
C VAL B 189 22.53 7.26 13.82
N PHE B 190 23.76 7.48 13.38
CA PHE B 190 24.89 6.70 13.86
C PHE B 190 26.00 7.65 14.32
N SER B 191 26.80 7.18 15.27
CA SER B 191 27.91 7.97 15.81
C SER B 191 29.23 7.28 15.47
N ASP B 192 30.31 7.74 16.12
CA ASP B 192 31.66 7.37 15.67
C ASP B 192 31.91 5.88 15.80
N ASP B 193 31.47 5.28 16.92
CA ASP B 193 31.67 3.84 17.09
C ASP B 193 31.25 3.08 15.83
N PHE B 194 30.03 3.31 15.37
CA PHE B 194 29.53 2.59 14.21
C PHE B 194 30.38 2.87 12.98
N PHE B 195 30.70 4.15 12.74
CA PHE B 195 31.44 4.48 11.53
C PHE B 195 32.89 3.99 11.57
N ASN B 196 33.41 3.62 12.73
CA ASN B 196 34.73 2.99 12.82
C ASN B 196 34.67 1.47 12.82
N SER B 197 33.49 0.88 12.73
CA SER B 197 33.36 -0.57 12.78
C SER B 197 33.71 -1.19 11.43
N ASN B 198 34.19 -2.43 11.46
CA ASN B 198 34.31 -3.20 10.23
C ASN B 198 32.96 -3.38 9.54
N PHE B 199 31.89 -3.51 10.33
CA PHE B 199 30.55 -3.62 9.76
C PHE B 199 30.30 -2.53 8.73
N TRP B 200 30.59 -1.27 9.09
CA TRP B 200 30.32 -0.19 8.16
C TRP B 200 31.19 -0.30 6.91
N ILE B 201 32.43 -0.77 7.06
CA ILE B 201 33.25 -1.01 5.87
C ILE B 201 32.56 -2.00 4.93
N TYR B 202 32.15 -3.16 5.46
CA TYR B 202 31.52 -4.17 4.61
C TYR B 202 30.25 -3.63 4.00
N TRP B 203 29.43 -2.98 4.82
CA TRP B 203 28.10 -2.52 4.44
C TRP B 203 28.17 -1.44 3.37
N LYS B 204 28.94 -0.37 3.64
CA LYS B 204 28.93 0.78 2.75
C LYS B 204 29.47 0.41 1.38
N THR B 205 30.50 -0.45 1.34
CA THR B 205 31.13 -0.77 0.07
C THR B 205 30.31 -1.77 -0.74
N MET B 206 29.75 -2.79 -0.08
CA MET B 206 29.00 -3.78 -0.85
C MET B 206 27.68 -3.22 -1.36
N PHE B 207 27.12 -2.23 -0.67
CA PHE B 207 25.83 -1.67 -1.08
C PHE B 207 25.97 -0.28 -1.68
N ALA B 208 27.12 0.38 -1.52
CA ALA B 208 27.37 1.72 -2.03
C ALA B 208 26.56 2.78 -1.27
N PHE B 209 26.53 2.68 0.06
CA PHE B 209 25.99 3.75 0.88
C PHE B 209 27.05 4.81 1.13
N GLU B 210 26.67 6.06 0.99
CA GLU B 210 27.43 7.22 1.43
C GLU B 210 26.91 7.69 2.77
N PRO B 211 27.74 8.35 3.58
CA PRO B 211 27.27 8.83 4.90
C PRO B 211 26.06 9.74 4.84
N TRP B 212 25.85 10.49 3.74
CA TRP B 212 24.75 11.44 3.66
C TRP B 212 23.47 10.83 3.06
N HIS B 213 23.47 9.53 2.78
CA HIS B 213 22.34 8.88 2.14
C HIS B 213 21.20 8.63 3.14
N SER B 214 20.10 8.11 2.60
CA SER B 214 18.84 7.98 3.33
C SER B 214 18.96 6.95 4.46
N ALA B 215 18.71 7.38 5.70
CA ALA B 215 18.61 6.42 6.79
C ALA B 215 17.41 5.51 6.62
N MET B 216 16.35 6.01 5.99
CA MET B 216 15.17 5.18 5.73
C MET B 216 15.56 3.98 4.87
N GLU B 217 16.33 4.21 3.81
CA GLU B 217 16.73 3.10 2.96
C GLU B 217 17.70 2.18 3.69
N MET B 218 18.61 2.75 4.48
CA MET B 218 19.51 1.90 5.26
C MET B 218 18.73 1.00 6.20
N ARG B 219 17.69 1.53 6.83
CA ARG B 219 16.85 0.71 7.70
C ARG B 219 16.18 -0.42 6.92
N ARG B 220 15.63 -0.10 5.75
CA ARG B 220 15.04 -1.15 4.92
C ARG B 220 16.06 -2.24 4.61
N TYR B 221 17.30 -1.87 4.28
CA TYR B 221 18.35 -2.85 4.01
C TYR B 221 18.64 -3.71 5.23
N LEU B 222 18.74 -3.08 6.41
CA LEU B 222 19.02 -3.85 7.62
C LEU B 222 17.94 -4.91 7.84
N MET B 223 16.68 -4.52 7.68
CA MET B 223 15.61 -5.49 7.90
C MET B 223 15.46 -6.45 6.74
N ARG B 224 15.68 -5.99 5.52
CA ARG B 224 15.44 -6.83 4.35
C ARG B 224 16.43 -8.00 4.27
N PHE B 225 17.66 -7.81 4.72
CA PHE B 225 18.70 -8.80 4.50
C PHE B 225 19.22 -9.41 5.80
N VAL B 226 18.46 -9.31 6.90
CA VAL B 226 18.93 -9.77 8.19
C VAL B 226 19.23 -11.26 8.19
N HIS B 227 18.51 -12.04 7.38
CA HIS B 227 18.76 -13.48 7.32
C HIS B 227 20.13 -13.82 6.76
N HIS B 228 20.81 -12.87 6.12
CA HIS B 228 22.12 -13.12 5.53
C HIS B 228 23.25 -12.48 6.34
N ILE B 229 22.98 -12.07 7.58
CA ILE B 229 24.01 -11.41 8.37
C ILE B 229 25.26 -12.30 8.51
N SER B 230 25.06 -13.61 8.69
CA SER B 230 26.25 -14.47 8.80
C SER B 230 27.02 -14.57 7.49
N GLY B 231 26.49 -14.01 6.40
CA GLY B 231 27.18 -14.02 5.14
C GLY B 231 27.75 -12.67 4.74
N LEU B 232 27.56 -11.64 5.58
CA LEU B 232 27.90 -10.29 5.17
C LEU B 232 29.41 -10.14 4.96
N ALA B 233 30.21 -10.58 5.93
CA ALA B 233 31.64 -10.33 5.85
C ALA B 233 32.30 -11.16 4.75
N ASP B 234 31.84 -12.39 4.51
CA ASP B 234 32.49 -13.28 3.56
C ASP B 234 31.68 -13.49 2.29
N PHE B 235 30.62 -12.71 2.07
CA PHE B 235 29.84 -12.74 0.82
C PHE B 235 29.27 -14.13 0.51
N SER B 236 29.22 -15.03 1.49
CA SER B 236 28.71 -16.37 1.18
C SER B 236 27.21 -16.39 0.89
N ALA B 237 26.50 -15.29 1.15
CA ALA B 237 25.10 -15.17 0.75
C ALA B 237 24.93 -14.77 -0.71
N LEU B 238 25.98 -14.27 -1.35
CA LEU B 238 25.87 -13.74 -2.70
C LEU B 238 25.74 -14.86 -3.74
N LYS B 239 24.99 -14.58 -4.80
CA LYS B 239 24.90 -15.47 -5.94
C LYS B 239 24.96 -14.63 -7.22
N PHE B 240 25.67 -15.14 -8.23
CA PHE B 240 25.95 -14.37 -9.44
C PHE B 240 25.53 -15.16 -10.69
N THR B 241 25.15 -14.42 -11.73
CA THR B 241 24.88 -15.06 -13.02
C THR B 241 26.18 -15.57 -13.64
N LYS B 242 26.03 -16.37 -14.70
CA LYS B 242 27.18 -16.89 -15.43
C LYS B 242 27.98 -15.77 -16.10
N TYR B 243 27.30 -14.89 -16.84
CA TYR B 243 27.91 -13.77 -17.53
C TYR B 243 27.35 -12.45 -16.99
N ASN B 244 27.72 -11.35 -17.64
CA ASN B 244 27.20 -10.04 -17.26
C ASN B 244 25.67 -10.04 -17.27
N GLN B 245 25.08 -9.13 -16.48
CA GLN B 245 23.63 -9.10 -16.31
C GLN B 245 22.89 -9.04 -17.64
N TYR B 246 23.47 -8.38 -18.64
CA TYR B 246 22.78 -8.25 -19.92
C TYR B 246 22.70 -9.59 -20.64
N GLU B 247 23.83 -10.29 -20.72
CA GLU B 247 23.85 -11.60 -21.37
C GLU B 247 22.98 -12.61 -20.62
N SER B 248 22.92 -12.52 -19.29
CA SER B 248 22.26 -13.55 -18.50
C SER B 248 20.82 -13.23 -18.10
N LEU B 249 20.42 -11.97 -18.07
CA LEU B 249 19.07 -11.62 -17.64
C LEU B 249 18.26 -10.94 -18.72
N VAL B 250 18.81 -9.90 -19.35
CA VAL B 250 18.03 -9.11 -20.29
C VAL B 250 17.78 -9.88 -21.59
N LEU B 251 18.85 -10.43 -22.17
CA LEU B 251 18.70 -11.12 -23.45
C LEU B 251 17.72 -12.28 -23.38
N PRO B 252 17.76 -13.16 -22.37
CA PRO B 252 16.71 -14.20 -22.30
C PRO B 252 15.31 -13.60 -22.27
N MET B 253 15.11 -12.50 -21.55
CA MET B 253 13.79 -11.90 -21.48
C MET B 253 13.37 -11.36 -22.85
N VAL B 254 14.27 -10.66 -23.53
CA VAL B 254 13.98 -10.13 -24.86
C VAL B 254 13.60 -11.27 -25.81
N GLU B 255 14.32 -12.39 -25.75
CA GLU B 255 14.00 -13.53 -26.60
C GLU B 255 12.62 -14.09 -26.28
N TYR B 256 12.29 -14.21 -24.99
CA TYR B 256 10.95 -14.65 -24.60
C TYR B 256 9.88 -13.71 -25.12
N LEU B 257 10.10 -12.40 -25.00
CA LEU B 257 9.11 -11.45 -25.48
C LEU B 257 8.98 -11.50 -27.00
N LYS B 258 10.11 -11.59 -27.70
CA LYS B 258 10.06 -11.63 -29.16
C LYS B 258 9.37 -12.89 -29.64
N SER B 259 9.60 -14.03 -28.98
CA SER B 259 8.90 -15.25 -29.35
C SER B 259 7.40 -15.16 -29.10
N HIS B 260 6.94 -14.24 -28.25
CA HIS B 260 5.51 -14.06 -28.06
C HIS B 260 4.96 -12.87 -28.84
N GLY B 261 5.75 -12.32 -29.77
CA GLY B 261 5.25 -11.29 -30.65
C GLY B 261 5.14 -9.91 -30.06
N VAL B 262 5.86 -9.63 -28.97
CA VAL B 262 5.82 -8.31 -28.37
C VAL B 262 6.46 -7.32 -29.32
N GLN B 263 5.90 -6.10 -29.36
CA GLN B 263 6.30 -5.07 -30.30
C GLN B 263 7.37 -4.19 -29.66
N PHE B 264 8.58 -4.22 -30.23
CA PHE B 264 9.69 -3.38 -29.82
C PHE B 264 9.79 -2.21 -30.81
N GLU B 265 9.49 -1.00 -30.35
CA GLU B 265 9.52 0.19 -31.19
C GLU B 265 10.72 1.03 -30.82
N TYR B 266 11.62 1.24 -31.79
CA TYR B 266 12.90 1.89 -31.54
C TYR B 266 12.88 3.34 -32.04
N ASP B 267 13.87 4.11 -31.58
CA ASP B 267 13.98 5.52 -31.91
C ASP B 267 12.80 6.33 -31.40
N VAL B 268 12.23 5.94 -30.27
CA VAL B 268 11.09 6.63 -29.66
C VAL B 268 11.55 7.25 -28.36
N LYS B 269 11.53 8.58 -28.28
CA LYS B 269 11.80 9.30 -27.04
C LYS B 269 10.47 9.86 -26.54
N VAL B 270 10.09 9.49 -25.32
CA VAL B 270 8.84 9.96 -24.73
C VAL B 270 9.13 11.27 -24.00
N GLU B 271 8.47 12.35 -24.43
CA GLU B 271 8.73 13.64 -23.79
C GLU B 271 7.79 13.89 -22.62
N ASP B 272 6.53 13.48 -22.76
CA ASP B 272 5.53 13.74 -21.73
C ASP B 272 4.39 12.75 -21.93
N ILE B 273 3.60 12.59 -20.87
CA ILE B 273 2.35 11.86 -20.89
C ILE B 273 1.29 12.79 -20.32
N LYS B 274 0.29 13.14 -21.12
CA LYS B 274 -0.79 13.97 -20.61
C LYS B 274 -1.73 13.11 -19.77
N ILE B 275 -1.89 13.47 -18.50
CA ILE B 275 -2.67 12.71 -17.54
C ILE B 275 -3.79 13.61 -17.02
N ASP B 276 -5.02 13.12 -17.06
CA ASP B 276 -6.14 13.80 -16.40
C ASP B 276 -6.17 13.38 -14.93
N VAL B 277 -6.00 14.34 -14.04
CA VAL B 277 -6.04 14.11 -12.60
C VAL B 277 -7.28 14.82 -12.07
N THR B 278 -8.39 14.10 -11.93
CA THR B 278 -9.63 14.70 -11.48
C THR B 278 -9.84 14.40 -10.01
N THR B 279 -10.98 14.85 -9.47
CA THR B 279 -11.32 14.53 -8.09
C THR B 279 -11.61 13.04 -7.90
N SER B 280 -11.81 12.27 -8.97
CA SER B 280 -12.20 10.88 -8.83
C SER B 280 -11.28 9.89 -9.53
N GLN B 281 -10.50 10.32 -10.54
CA GLN B 281 -9.65 9.36 -11.25
C GLN B 281 -8.38 10.02 -11.77
N LYS B 282 -7.40 9.18 -12.08
CA LYS B 282 -6.25 9.57 -12.88
C LYS B 282 -6.18 8.68 -14.11
N ILE B 283 -6.15 9.30 -15.29
CA ILE B 283 -6.19 8.56 -16.56
C ILE B 283 -5.15 9.16 -17.47
N ALA B 284 -4.23 8.34 -17.97
CA ALA B 284 -3.30 8.80 -18.99
C ALA B 284 -4.06 8.91 -20.31
N ARG B 285 -3.90 10.04 -20.99
CA ARG B 285 -4.65 10.32 -22.21
C ARG B 285 -3.81 10.32 -23.47
N GLU B 286 -2.54 10.71 -23.37
CA GLU B 286 -1.74 10.92 -24.57
C GLU B 286 -0.27 10.72 -24.22
N ILE B 287 0.45 9.96 -25.02
CA ILE B 287 1.90 9.86 -24.93
C ILE B 287 2.50 10.73 -26.02
N LEU B 288 3.20 11.79 -25.62
CA LEU B 288 3.85 12.70 -26.56
C LEU B 288 5.28 12.21 -26.78
N ILE B 289 5.60 11.89 -28.04
CA ILE B 289 6.87 11.24 -28.36
C ILE B 289 7.53 11.94 -29.54
N ASP B 290 8.84 11.75 -29.61
CA ASP B 290 9.64 12.03 -30.80
C ASP B 290 10.02 10.68 -31.39
N ARG B 291 9.43 10.34 -32.52
CA ARG B 291 9.69 9.06 -33.19
C ARG B 291 10.64 9.32 -34.36
N ASN B 292 11.91 8.96 -34.16
CA ASN B 292 12.91 9.15 -35.21
C ASN B 292 12.92 10.59 -35.71
N GLY B 293 12.75 11.53 -34.79
CA GLY B 293 12.86 12.94 -35.09
C GLY B 293 11.56 13.66 -35.31
N ASN B 294 10.46 12.95 -35.53
CA ASN B 294 9.16 13.55 -35.84
C ASN B 294 8.27 13.54 -34.61
N ALA B 295 7.81 14.72 -34.21
CA ALA B 295 6.88 14.84 -33.08
C ALA B 295 5.58 14.13 -33.40
N GLU B 296 5.16 13.23 -32.51
CA GLU B 296 3.95 12.45 -32.71
C GLU B 296 3.25 12.27 -31.37
N SER B 297 2.03 11.73 -31.42
CA SER B 297 1.24 11.54 -30.22
C SER B 297 0.53 10.20 -30.29
N ILE B 298 0.61 9.42 -29.21
CA ILE B 298 -0.13 8.17 -29.07
C ILE B 298 -1.33 8.44 -28.16
N LYS B 299 -2.53 8.40 -28.72
CA LYS B 299 -3.75 8.63 -27.96
C LYS B 299 -4.13 7.36 -27.21
N LEU B 300 -4.45 7.51 -25.93
CA LEU B 300 -4.80 6.38 -25.08
C LEU B 300 -6.27 6.44 -24.67
N THR B 301 -6.85 5.27 -24.49
CA THR B 301 -8.11 5.12 -23.76
C THR B 301 -7.82 4.50 -22.41
N ILE B 302 -8.87 4.44 -21.58
CA ILE B 302 -8.74 3.83 -20.27
C ILE B 302 -8.25 2.38 -20.35
N ASN B 303 -8.41 1.73 -21.49
CA ASN B 303 -7.97 0.35 -21.64
C ASN B 303 -6.54 0.24 -22.18
N ASP B 304 -5.85 1.36 -22.41
CA ASP B 304 -4.46 1.36 -22.81
C ASP B 304 -3.63 1.71 -21.57
N LEU B 305 -2.84 0.75 -21.09
CA LEU B 305 -2.06 0.91 -19.87
C LEU B 305 -0.70 1.49 -20.18
N VAL B 306 -0.18 2.32 -19.28
CA VAL B 306 1.13 2.95 -19.45
C VAL B 306 1.99 2.64 -18.24
N PHE B 307 3.19 2.13 -18.49
CA PHE B 307 4.13 1.73 -17.44
C PHE B 307 5.35 2.63 -17.58
N VAL B 308 5.56 3.51 -16.61
CA VAL B 308 6.64 4.48 -16.64
C VAL B 308 7.73 4.05 -15.66
N THR B 309 8.94 3.82 -16.16
CA THR B 309 10.10 3.71 -15.29
C THR B 309 10.62 5.12 -15.03
N ASN B 310 10.22 5.71 -13.91
CA ASN B 310 10.55 7.10 -13.63
C ASN B 310 11.96 7.20 -13.05
N GLY B 311 12.78 8.06 -13.63
CA GLY B 311 14.14 8.25 -13.18
C GLY B 311 15.06 7.18 -13.71
N SER B 312 16.38 7.44 -13.61
CA SER B 312 17.37 6.50 -14.13
C SER B 312 18.73 6.77 -13.52
N ILE B 313 19.40 5.72 -13.05
CA ILE B 313 20.73 5.90 -12.48
C ILE B 313 21.82 5.87 -13.54
N THR B 314 21.50 5.45 -14.76
CA THR B 314 22.51 5.37 -15.82
C THR B 314 22.38 6.48 -16.86
N GLU B 315 21.35 7.31 -16.77
CA GLU B 315 21.14 8.38 -17.74
C GLU B 315 22.32 9.36 -17.73
N SER B 316 22.71 9.81 -18.91
CA SER B 316 23.74 10.84 -19.09
C SER B 316 25.14 10.33 -18.81
N SER B 317 25.33 9.02 -18.74
CA SER B 317 26.66 8.44 -18.55
C SER B 317 27.58 8.85 -19.69
N THR B 318 28.86 9.06 -19.37
CA THR B 318 29.89 9.30 -20.37
C THR B 318 31.02 8.30 -20.19
N TYR B 319 31.85 8.16 -21.21
CA TYR B 319 32.90 7.15 -21.22
C TYR B 319 34.23 7.81 -21.57
N GLY B 320 35.30 7.27 -20.98
CA GLY B 320 36.66 7.68 -21.32
C GLY B 320 37.35 6.52 -22.01
N ASP B 321 38.67 6.44 -21.93
CA ASP B 321 39.38 5.25 -22.39
C ASP B 321 40.69 5.15 -21.62
N ASN B 322 41.61 4.32 -22.11
CA ASN B 322 42.86 4.14 -21.37
C ASN B 322 43.62 5.45 -21.21
N ASP B 323 43.40 6.43 -22.08
CA ASP B 323 44.16 7.68 -22.02
C ASP B 323 43.32 8.92 -21.82
N THR B 324 42.01 8.80 -21.63
CA THR B 324 41.10 9.94 -21.51
C THR B 324 40.13 9.72 -20.35
N PRO B 325 39.96 10.71 -19.47
CA PRO B 325 38.91 10.58 -18.45
C PRO B 325 37.53 10.54 -19.09
N ALA B 326 36.60 9.90 -18.40
CA ALA B 326 35.19 10.06 -18.74
C ALA B 326 34.79 11.49 -18.34
N PRO B 327 34.30 12.31 -19.26
CA PRO B 327 34.10 13.74 -18.95
C PRO B 327 32.92 13.95 -18.04
N PRO B 328 33.12 14.59 -16.89
CA PRO B 328 32.02 14.85 -15.96
C PRO B 328 30.88 15.61 -16.66
N THR B 329 29.67 15.42 -16.12
CA THR B 329 28.48 16.04 -16.69
C THR B 329 27.40 16.10 -15.63
N ASP B 330 26.54 17.12 -15.74
CA ASP B 330 25.33 17.21 -14.93
C ASP B 330 24.08 17.31 -15.81
N GLU B 331 24.18 16.82 -17.03
CA GLU B 331 23.06 16.87 -17.97
C GLU B 331 21.88 16.06 -17.46
N LEU B 332 20.68 16.64 -17.55
CA LEU B 332 19.46 15.87 -17.35
C LEU B 332 19.06 15.28 -18.69
N GLY B 333 18.81 13.98 -18.70
CA GLY B 333 18.44 13.29 -19.93
C GLY B 333 16.93 13.14 -20.05
N GLY B 334 16.54 12.24 -20.96
CA GLY B 334 15.13 12.04 -21.20
C GLY B 334 14.39 11.46 -20.00
N SER B 335 15.04 10.58 -19.24
CA SER B 335 14.35 9.93 -18.13
C SER B 335 13.99 10.93 -17.04
N TRP B 336 14.95 11.78 -16.64
CA TRP B 336 14.68 12.74 -15.59
C TRP B 336 13.75 13.84 -16.07
N THR B 337 13.86 14.24 -17.34
CA THR B 337 12.97 15.25 -17.89
C THR B 337 11.54 14.76 -17.90
N LEU B 338 11.32 13.50 -18.30
CA LEU B 338 9.98 12.92 -18.29
C LEU B 338 9.40 12.88 -16.88
N TRP B 339 10.16 12.40 -15.90
CA TRP B 339 9.58 12.36 -14.56
C TRP B 339 9.25 13.76 -14.08
N LYS B 340 10.09 14.75 -14.42
CA LYS B 340 9.75 16.13 -14.08
C LYS B 340 8.44 16.55 -14.74
N ASN B 341 8.25 16.21 -16.00
CA ASN B 341 7.00 16.59 -16.66
C ASN B 341 5.79 15.90 -16.06
N LEU B 342 5.97 14.71 -15.46
CA LEU B 342 4.84 14.06 -14.80
C LEU B 342 4.59 14.67 -13.43
N ALA B 343 5.66 14.97 -12.70
CA ALA B 343 5.52 15.50 -11.36
C ALA B 343 4.79 16.84 -11.36
N ARG B 344 4.90 17.62 -12.43
CA ARG B 344 4.17 18.89 -12.43
C ARG B 344 2.69 18.71 -12.73
N GLN B 345 2.21 17.48 -12.89
CA GLN B 345 0.79 17.25 -13.07
C GLN B 345 0.11 16.72 -11.80
N SER B 346 0.89 16.22 -10.86
CA SER B 346 0.37 15.88 -9.54
C SER B 346 1.53 15.59 -8.59
N PRO B 347 1.45 16.07 -7.35
CA PRO B 347 2.44 15.65 -6.35
C PRO B 347 2.38 14.16 -6.05
N GLU B 348 1.30 13.47 -6.40
CA GLU B 348 1.30 12.02 -6.20
C GLU B 348 2.19 11.29 -7.19
N PHE B 349 2.76 12.00 -8.16
CA PHE B 349 3.69 11.39 -9.12
C PHE B 349 5.14 11.57 -8.68
N GLY B 350 5.36 12.05 -7.45
CA GLY B 350 6.68 12.05 -6.84
C GLY B 350 7.40 13.36 -7.04
N ASN B 351 8.64 13.37 -6.54
CA ASN B 351 9.48 14.56 -6.52
C ASN B 351 10.86 14.23 -7.07
N PRO B 352 11.03 14.25 -8.39
CA PRO B 352 12.32 13.85 -8.97
C PRO B 352 13.51 14.67 -8.48
N ASP B 353 13.31 15.94 -8.20
CA ASP B 353 14.43 16.79 -7.79
C ASP B 353 15.10 16.33 -6.49
N LYS B 354 14.38 15.61 -5.62
CA LYS B 354 15.03 15.09 -4.43
C LYS B 354 16.16 14.13 -4.79
N PHE B 355 16.06 13.50 -5.97
CA PHE B 355 17.00 12.47 -6.37
C PHE B 355 17.98 12.90 -7.45
N CYS B 356 17.64 13.85 -8.31
CA CYS B 356 18.63 14.16 -9.34
C CYS B 356 19.25 15.54 -9.18
N GLN B 357 18.89 16.32 -8.17
CA GLN B 357 19.49 17.62 -7.92
C GLN B 357 20.30 17.62 -6.63
N ASN B 358 21.32 18.47 -6.58
CA ASN B 358 22.11 18.64 -5.35
C ASN B 358 22.82 17.35 -4.94
N ILE B 359 23.24 16.55 -5.90
CA ILE B 359 24.03 15.36 -5.58
C ILE B 359 25.41 15.82 -5.15
N PRO B 360 25.89 15.48 -3.96
CA PRO B 360 27.16 16.04 -3.48
C PRO B 360 28.31 15.66 -4.40
N LYS B 361 29.26 16.59 -4.52
CA LYS B 361 30.37 16.38 -5.45
C LYS B 361 31.31 15.28 -4.99
N LYS B 362 31.21 14.87 -3.72
CA LYS B 362 31.99 13.74 -3.25
C LYS B 362 31.39 12.39 -3.64
N SER B 363 30.15 12.36 -4.13
CA SER B 363 29.49 11.09 -4.41
C SER B 363 30.26 10.23 -5.41
N TRP B 364 30.01 8.93 -5.33
CA TRP B 364 30.41 8.01 -6.37
C TRP B 364 29.89 8.47 -7.72
N PHE B 365 30.81 8.63 -8.70
CA PHE B 365 30.46 8.93 -10.08
C PHE B 365 31.14 7.95 -11.04
N VAL B 366 32.37 7.52 -10.72
CA VAL B 366 33.22 6.84 -11.68
C VAL B 366 33.35 5.36 -11.33
N SER B 367 33.20 4.52 -12.33
CA SER B 367 33.53 3.10 -12.29
C SER B 367 34.49 2.85 -13.44
N ALA B 368 35.22 1.74 -13.38
CA ALA B 368 36.12 1.43 -14.48
C ALA B 368 36.24 -0.08 -14.63
N THR B 369 36.36 -0.54 -15.89
CA THR B 369 36.63 -1.94 -16.19
C THR B 369 38.04 -2.05 -16.74
N SER B 370 38.89 -2.80 -16.05
CA SER B 370 40.29 -2.95 -16.41
C SER B 370 40.52 -4.37 -16.91
N THR B 371 40.97 -4.50 -18.15
CA THR B 371 41.18 -5.80 -18.79
C THR B 371 42.67 -6.02 -19.02
N THR B 372 43.14 -7.22 -18.69
CA THR B 372 44.55 -7.54 -18.87
C THR B 372 44.73 -9.03 -19.07
N ASN B 373 45.78 -9.38 -19.81
CA ASN B 373 46.29 -10.75 -19.84
C ASN B 373 47.65 -10.85 -19.18
N ASN B 374 48.07 -9.80 -18.47
CA ASN B 374 49.40 -9.76 -17.87
C ASN B 374 49.44 -10.65 -16.65
N LYS B 375 50.41 -11.57 -16.64
CA LYS B 375 50.58 -12.55 -15.57
C LYS B 375 50.87 -11.94 -14.21
N GLU B 376 51.74 -10.93 -14.19
CA GLU B 376 52.09 -10.29 -12.92
C GLU B 376 50.84 -9.78 -12.22
N ILE B 377 49.98 -9.06 -12.94
CA ILE B 377 48.74 -8.57 -12.35
C ILE B 377 47.86 -9.74 -11.91
N ILE B 378 47.61 -10.68 -12.83
CA ILE B 378 46.77 -11.83 -12.50
C ILE B 378 47.32 -12.57 -11.30
N ASP B 379 48.64 -12.79 -11.27
CA ASP B 379 49.26 -13.48 -10.14
C ASP B 379 49.14 -12.67 -8.85
N THR B 380 49.22 -11.35 -8.93
CA THR B 380 49.09 -10.54 -7.73
C THR B 380 47.69 -10.68 -7.16
N ILE B 381 46.67 -10.65 -8.02
CA ILE B 381 45.29 -10.85 -7.57
C ILE B 381 45.16 -12.22 -6.92
N GLU B 382 45.69 -13.26 -7.56
CA GLU B 382 45.61 -14.61 -7.00
C GLU B 382 46.28 -14.69 -5.63
N SER B 383 47.37 -13.95 -5.43
CA SER B 383 48.01 -13.98 -4.11
C SER B 383 47.15 -13.32 -3.04
N ILE B 384 46.24 -12.43 -3.43
CA ILE B 384 45.37 -11.76 -2.46
C ILE B 384 44.10 -12.57 -2.21
N CYS B 385 43.40 -12.97 -3.27
CA CYS B 385 42.12 -13.64 -3.15
C CYS B 385 42.26 -15.15 -3.03
N LYS B 386 43.46 -15.69 -3.23
CA LYS B 386 43.76 -17.11 -3.06
C LYS B 386 43.10 -17.99 -4.11
N ARG B 387 42.61 -17.42 -5.21
CA ARG B 387 41.99 -18.20 -6.27
C ARG B 387 42.56 -17.80 -7.62
N ASP B 388 42.61 -18.77 -8.53
CA ASP B 388 43.11 -18.58 -9.89
C ASP B 388 42.12 -17.78 -10.72
N PRO B 389 42.42 -16.53 -11.06
CA PRO B 389 41.43 -15.71 -11.80
C PRO B 389 41.01 -16.30 -13.13
N LEU B 390 41.85 -17.11 -13.77
CA LEU B 390 41.51 -17.61 -15.09
C LEU B 390 40.83 -18.98 -15.06
N ALA B 391 40.59 -19.56 -13.88
CA ALA B 391 40.03 -20.91 -13.82
C ALA B 391 38.57 -20.98 -14.24
N GLY B 392 37.87 -19.85 -14.34
CA GLY B 392 36.48 -19.87 -14.74
C GLY B 392 35.50 -20.05 -13.60
N LYS B 393 35.98 -20.14 -12.36
CA LYS B 393 35.15 -20.20 -11.17
C LYS B 393 35.24 -18.87 -10.42
N THR B 394 34.61 -18.83 -9.23
CA THR B 394 34.74 -17.68 -8.33
C THR B 394 36.19 -17.22 -8.23
N VAL B 395 36.39 -15.90 -8.18
CA VAL B 395 37.73 -15.33 -8.02
C VAL B 395 37.80 -14.59 -6.70
N THR B 396 37.43 -13.30 -6.70
CA THR B 396 37.37 -12.56 -5.45
C THR B 396 36.08 -12.83 -4.67
N GLY B 397 35.07 -13.42 -5.31
CA GLY B 397 33.81 -13.69 -4.64
C GLY B 397 33.05 -12.45 -4.26
N GLY B 398 33.20 -11.38 -5.02
CA GLY B 398 32.68 -10.07 -4.67
C GLY B 398 33.81 -9.09 -4.45
N ILE B 399 33.43 -7.87 -4.08
CA ILE B 399 34.42 -6.80 -4.05
C ILE B 399 35.46 -7.06 -2.95
N ILE B 400 36.68 -6.64 -3.22
CA ILE B 400 37.68 -6.41 -2.19
C ILE B 400 37.76 -4.90 -1.96
N THR B 401 37.67 -4.48 -0.70
CA THR B 401 37.74 -3.08 -0.36
C THR B 401 39.15 -2.72 0.07
N ILE B 402 39.65 -1.59 -0.44
CA ILE B 402 40.93 -1.06 0.00
C ILE B 402 40.61 -0.05 1.10
N ASN B 403 40.77 -0.49 2.35
CA ASN B 403 40.21 0.24 3.48
C ASN B 403 40.86 1.60 3.66
N ASP B 404 42.15 1.73 3.36
CA ASP B 404 42.86 2.99 3.56
C ASP B 404 43.08 3.75 2.25
N SER B 405 42.28 3.48 1.22
CA SER B 405 42.41 4.23 -0.03
C SER B 405 41.70 5.56 0.12
N ALA B 406 42.36 6.63 -0.34
CA ALA B 406 41.76 7.96 -0.26
C ALA B 406 40.45 8.03 -1.03
N TRP B 407 40.37 7.32 -2.16
CA TRP B 407 39.16 7.25 -2.96
C TRP B 407 38.10 6.32 -2.37
N GLN B 408 38.42 5.57 -1.32
CA GLN B 408 37.54 4.50 -0.84
C GLN B 408 37.12 3.59 -2.00
N MET B 409 38.15 3.02 -2.62
CA MET B 409 38.00 2.19 -3.80
C MET B 409 37.81 0.73 -3.40
N SER B 410 36.96 0.04 -4.16
CA SER B 410 36.82 -1.41 -4.09
C SER B 410 36.89 -1.98 -5.50
N PHE B 411 37.10 -3.29 -5.60
CA PHE B 411 37.19 -3.89 -6.92
C PHE B 411 36.79 -5.35 -6.83
N THR B 412 36.25 -5.87 -7.94
CA THR B 412 35.85 -7.26 -8.02
C THR B 412 36.31 -7.88 -9.33
N ILE B 413 36.59 -9.18 -9.28
CA ILE B 413 36.76 -10.02 -10.46
C ILE B 413 35.72 -11.13 -10.35
N ASN B 414 34.71 -11.10 -11.20
CA ASN B 414 33.71 -12.16 -11.16
C ASN B 414 34.27 -13.40 -11.85
N ARG B 415 33.49 -14.49 -11.85
CA ARG B 415 33.82 -15.62 -12.71
C ARG B 415 34.20 -15.12 -14.09
N GLN B 416 35.32 -15.63 -14.62
CA GLN B 416 35.88 -15.15 -15.87
C GLN B 416 35.77 -16.23 -16.94
N GLN B 417 35.48 -15.84 -18.18
CA GLN B 417 35.26 -14.45 -18.59
C GLN B 417 33.78 -14.09 -18.46
N GLN B 418 33.50 -12.80 -18.21
CA GLN B 418 32.13 -12.29 -18.08
C GLN B 418 31.50 -11.96 -19.42
N PHE B 419 32.25 -12.11 -20.51
CA PHE B 419 31.79 -11.80 -21.85
C PHE B 419 32.01 -13.01 -22.75
N LYS B 420 31.00 -13.35 -23.55
CA LYS B 420 30.98 -14.63 -24.25
C LYS B 420 32.16 -14.78 -25.19
N ASP B 421 32.54 -13.71 -25.90
CA ASP B 421 33.58 -13.79 -26.93
C ASP B 421 34.93 -13.28 -26.45
N GLN B 422 35.13 -13.13 -25.13
CA GLN B 422 36.40 -12.60 -24.63
C GLN B 422 37.46 -13.71 -24.60
N PRO B 423 38.71 -13.38 -24.93
CA PRO B 423 39.77 -14.40 -24.92
C PRO B 423 39.97 -15.01 -23.52
N GLU B 424 40.29 -16.31 -23.51
CA GLU B 424 40.29 -17.07 -22.27
C GLU B 424 41.52 -16.83 -21.41
N ASN B 425 42.45 -15.99 -21.86
CA ASN B 425 43.64 -15.66 -21.09
C ASN B 425 43.56 -14.28 -20.45
N GLU B 426 42.40 -13.64 -20.52
CA GLU B 426 42.21 -12.29 -19.99
C GLU B 426 41.27 -12.32 -18.79
N ILE B 427 41.45 -11.36 -17.90
CA ILE B 427 40.48 -11.05 -16.86
C ILE B 427 40.02 -9.61 -17.05
N SER B 428 38.79 -9.33 -16.62
CA SER B 428 38.28 -7.97 -16.54
C SER B 428 37.93 -7.67 -15.09
N THR B 429 38.56 -6.63 -14.54
CA THR B 429 38.34 -6.20 -13.16
C THR B 429 37.42 -4.99 -13.15
N TRP B 430 36.43 -5.00 -12.26
CA TRP B 430 35.54 -3.87 -12.09
C TRP B 430 35.96 -3.07 -10.86
N ILE B 431 36.09 -1.75 -11.03
CA ILE B 431 36.65 -0.86 -10.01
C ILE B 431 35.68 0.30 -9.80
N TYR B 432 35.41 0.65 -8.54
CA TYR B 432 34.67 1.88 -8.29
C TYR B 432 35.22 2.59 -7.06
N ALA B 433 34.92 3.89 -6.97
CA ALA B 433 35.40 4.73 -5.89
C ALA B 433 34.22 5.44 -5.25
N LEU B 434 34.09 5.32 -3.92
CA LEU B 434 33.00 5.98 -3.22
C LEU B 434 33.19 7.48 -3.11
N TYR B 435 34.43 7.98 -3.15
CA TYR B 435 34.73 9.39 -3.00
C TYR B 435 35.34 9.94 -4.29
N SER B 436 34.73 10.97 -4.86
CA SER B 436 35.09 11.42 -6.19
C SER B 436 35.87 12.72 -6.21
N ASP B 437 36.06 13.39 -5.08
CA ASP B 437 36.66 14.72 -5.07
C ASP B 437 37.90 14.77 -4.20
N VAL B 438 38.59 13.63 -4.06
CA VAL B 438 39.72 13.45 -3.16
C VAL B 438 40.90 12.94 -3.95
N ASN B 439 42.08 13.55 -3.75
CA ASN B 439 43.29 13.08 -4.44
C ASN B 439 43.63 11.65 -4.04
N GLY B 440 44.07 10.86 -5.02
CA GLY B 440 44.47 9.51 -4.72
C GLY B 440 45.77 9.45 -3.95
N ASP B 441 46.08 8.25 -3.48
CA ASP B 441 47.31 8.04 -2.71
C ASP B 441 48.54 7.93 -3.60
N TYR B 442 48.38 7.41 -4.82
CA TYR B 442 49.47 7.29 -5.77
C TYR B 442 49.33 8.29 -6.91
N ILE B 443 48.18 8.28 -7.60
CA ILE B 443 47.84 9.32 -8.56
C ILE B 443 47.16 10.45 -7.78
N LYS B 444 47.84 11.57 -7.64
CA LYS B 444 47.38 12.63 -6.74
C LYS B 444 46.35 13.52 -7.42
N LYS B 445 45.26 12.90 -7.85
CA LYS B 445 44.16 13.60 -8.50
C LYS B 445 42.84 12.97 -8.06
N PRO B 446 41.75 13.74 -8.09
CA PRO B 446 40.44 13.13 -7.91
C PRO B 446 40.19 12.14 -9.03
N ILE B 447 39.43 11.09 -8.74
CA ILE B 447 39.19 10.09 -9.77
C ILE B 447 38.52 10.71 -11.00
N THR B 448 37.72 11.76 -10.82
CA THR B 448 37.03 12.34 -11.98
C THR B 448 37.99 12.97 -12.97
N GLU B 449 39.24 13.20 -12.59
CA GLU B 449 40.23 13.76 -13.49
C GLU B 449 41.15 12.70 -14.08
N CYS B 450 40.86 11.42 -13.87
CA CYS B 450 41.79 10.36 -14.20
C CYS B 450 41.36 9.62 -15.47
N SER B 451 42.34 9.34 -16.33
CA SER B 451 42.12 8.42 -17.43
C SER B 451 42.01 7.00 -16.90
N GLY B 452 41.68 6.07 -17.80
CA GLY B 452 41.63 4.68 -17.41
C GLY B 452 42.97 4.19 -16.86
N ASN B 453 44.07 4.50 -17.55
CA ASN B 453 45.35 4.00 -17.05
C ASN B 453 45.68 4.58 -15.69
N GLU B 454 45.26 5.81 -15.43
CA GLU B 454 45.53 6.40 -14.11
C GLU B 454 44.70 5.73 -13.01
N ILE B 455 43.44 5.39 -13.28
CA ILE B 455 42.68 4.60 -12.32
C ILE B 455 43.34 3.25 -12.10
N CYS B 456 43.74 2.60 -13.20
CA CYS B 456 44.51 1.36 -13.08
C CYS B 456 45.74 1.54 -12.20
N GLN B 457 46.51 2.60 -12.40
CA GLN B 457 47.72 2.80 -11.62
C GLN B 457 47.42 2.91 -10.13
N GLU B 458 46.38 3.67 -9.76
CA GLU B 458 46.02 3.81 -8.35
C GLU B 458 45.61 2.46 -7.77
N TRP B 459 44.85 1.68 -8.54
CA TRP B 459 44.45 0.34 -8.10
C TRP B 459 45.66 -0.57 -7.93
N LEU B 460 46.54 -0.61 -8.92
CA LEU B 460 47.72 -1.47 -8.83
C LEU B 460 48.56 -1.10 -7.62
N TYR B 461 48.69 0.20 -7.35
CA TYR B 461 49.41 0.65 -6.16
C TYR B 461 48.87 0.01 -4.90
N HIS B 462 47.55 -0.02 -4.75
CA HIS B 462 46.96 -0.57 -3.53
C HIS B 462 46.98 -2.10 -3.51
N LEU B 463 47.24 -2.73 -4.65
CA LEU B 463 47.50 -4.17 -4.67
C LEU B 463 48.90 -4.52 -4.18
N GLY B 464 49.79 -3.54 -4.07
CA GLY B 464 51.15 -3.80 -3.65
C GLY B 464 52.13 -4.03 -4.78
N VAL B 465 51.74 -3.73 -6.02
CA VAL B 465 52.68 -3.83 -7.13
C VAL B 465 53.73 -2.73 -6.99
N SER B 466 54.99 -3.08 -7.26
CA SER B 466 56.05 -2.10 -7.11
C SER B 466 55.76 -0.86 -7.94
N THR B 467 55.95 0.32 -7.34
CA THR B 467 55.63 1.56 -8.05
C THR B 467 56.45 1.72 -9.32
N ASP B 468 57.63 1.09 -9.37
CA ASP B 468 58.44 1.14 -10.59
C ASP B 468 57.79 0.43 -11.75
N LYS B 469 56.88 -0.51 -11.50
CA LYS B 469 56.21 -1.24 -12.57
C LYS B 469 54.83 -0.70 -12.93
N ILE B 470 54.21 0.09 -12.04
CA ILE B 470 52.79 0.43 -12.16
C ILE B 470 52.52 1.12 -13.50
N GLU B 471 53.30 2.14 -13.84
CA GLU B 471 52.94 2.97 -14.98
C GLU B 471 52.85 2.16 -16.26
N ASP B 472 53.85 1.31 -16.52
CA ASP B 472 53.86 0.57 -17.78
C ASP B 472 52.82 -0.55 -17.79
N LEU B 473 52.57 -1.18 -16.65
CA LEU B 473 51.52 -2.19 -16.58
C LEU B 473 50.15 -1.60 -16.91
N ALA B 474 49.90 -0.37 -16.46
CA ALA B 474 48.60 0.27 -16.70
C ALA B 474 48.51 0.78 -18.14
N LYS B 475 49.58 1.38 -18.65
CA LYS B 475 49.51 1.98 -19.98
C LYS B 475 49.61 0.95 -21.09
N HIS B 476 50.45 -0.08 -20.92
CA HIS B 476 50.79 -0.96 -22.02
C HIS B 476 50.47 -2.43 -21.79
N ALA B 477 50.14 -2.85 -20.58
CA ALA B 477 49.78 -4.23 -20.32
C ALA B 477 48.32 -4.39 -19.94
N SER B 478 47.56 -3.30 -19.90
CA SER B 478 46.16 -3.32 -19.52
C SER B 478 45.40 -2.33 -20.39
N ASN B 479 44.08 -2.51 -20.46
CA ASN B 479 43.18 -1.55 -21.08
C ASN B 479 42.05 -1.28 -20.11
N THR B 480 41.89 -0.03 -19.70
CA THR B 480 40.95 0.33 -18.64
C THR B 480 39.99 1.41 -19.15
N ILE B 481 38.69 1.13 -19.09
CA ILE B 481 37.67 2.02 -19.62
C ILE B 481 36.88 2.61 -18.45
N PRO B 482 37.00 3.91 -18.18
CA PRO B 482 36.20 4.53 -17.12
C PRO B 482 34.85 5.01 -17.62
N VAL B 483 33.88 5.03 -16.70
CA VAL B 483 32.56 5.58 -16.98
C VAL B 483 32.21 6.58 -15.89
N TYR B 484 31.64 7.72 -16.28
CA TYR B 484 31.13 8.72 -15.35
C TYR B 484 29.61 8.70 -15.39
N MET B 485 28.98 8.45 -14.24
CA MET B 485 27.53 8.38 -14.14
C MET B 485 27.04 9.39 -13.12
N PRO B 486 26.48 10.51 -13.55
CA PRO B 486 26.07 11.53 -12.59
C PRO B 486 25.04 11.05 -11.58
N TYR B 487 24.20 10.07 -11.94
CA TYR B 487 23.07 9.68 -11.10
C TYR B 487 23.26 8.30 -10.45
N ILE B 488 24.48 7.76 -10.43
CA ILE B 488 24.63 6.40 -9.96
C ILE B 488 24.29 6.27 -8.48
N THR B 489 24.41 7.34 -7.67
CA THR B 489 24.00 7.28 -6.27
C THR B 489 22.55 7.73 -6.05
N SER B 490 21.79 8.00 -7.11
CA SER B 490 20.50 8.69 -6.93
C SER B 490 19.47 7.86 -6.17
N TYR B 491 19.53 6.52 -6.24
CA TYR B 491 18.51 5.71 -5.56
C TYR B 491 18.46 5.99 -4.06
N PHE B 492 19.60 6.32 -3.46
CA PHE B 492 19.76 6.41 -2.01
C PHE B 492 19.65 7.82 -1.44
N MET B 493 19.38 8.83 -2.26
CA MET B 493 19.30 10.19 -1.76
C MET B 493 18.25 10.30 -0.65
N THR B 494 18.52 11.12 0.37
CA THR B 494 17.55 11.32 1.43
C THR B 494 16.21 11.68 0.82
N ARG B 495 15.15 11.06 1.34
CA ARG B 495 13.84 11.21 0.77
C ARG B 495 12.81 11.25 1.88
N ALA B 496 11.63 11.77 1.54
CA ALA B 496 10.48 11.76 2.41
C ALA B 496 9.39 10.87 1.80
N ILE B 497 8.58 10.26 2.66
CA ILE B 497 7.37 9.58 2.18
C ILE B 497 6.62 10.52 1.24
N GLY B 498 6.27 10.02 0.05
CA GLY B 498 5.64 10.83 -0.96
C GLY B 498 6.57 11.26 -2.09
N ASP B 499 7.89 11.22 -1.87
CA ASP B 499 8.83 11.62 -2.93
C ASP B 499 8.86 10.62 -4.08
N ARG B 500 8.53 9.33 -3.80
CA ARG B 500 8.38 8.30 -4.81
C ARG B 500 6.91 8.02 -5.04
N PRO B 501 6.46 7.98 -6.29
CA PRO B 501 5.06 7.62 -6.56
C PRO B 501 4.79 6.17 -6.19
N LEU B 502 3.59 5.92 -5.65
CA LEU B 502 3.12 4.54 -5.54
C LEU B 502 3.16 3.87 -6.91
N VAL B 503 3.33 2.55 -6.91
CA VAL B 503 3.36 1.80 -8.17
C VAL B 503 2.10 2.05 -8.98
N VAL B 504 0.94 2.00 -8.32
CA VAL B 504 -0.29 2.49 -8.92
C VAL B 504 -0.82 3.60 -8.04
N PRO B 505 -0.68 4.86 -8.45
CA PRO B 505 -1.18 5.97 -7.63
C PRO B 505 -2.66 5.84 -7.33
N HIS B 506 -3.07 6.39 -6.19
CA HIS B 506 -4.47 6.41 -5.80
C HIS B 506 -5.36 6.87 -6.94
N GLN B 507 -6.37 6.05 -7.28
CA GLN B 507 -7.37 6.34 -8.29
C GLN B 507 -6.83 6.21 -9.70
N SER B 508 -5.60 5.72 -9.88
CA SER B 508 -5.07 5.58 -11.22
C SER B 508 -5.75 4.44 -11.95
N GLN B 509 -6.19 4.71 -13.17
CA GLN B 509 -6.92 3.74 -13.97
C GLN B 509 -6.05 2.98 -14.94
N ASN B 510 -5.07 3.65 -15.54
CA ASN B 510 -4.27 3.02 -16.59
C ASN B 510 -2.82 3.43 -16.52
N LEU B 511 -2.33 3.93 -15.39
CA LEU B 511 -0.98 4.45 -15.29
C LEU B 511 -0.27 3.81 -14.11
N ALA B 512 0.94 3.30 -14.33
CA ALA B 512 1.74 2.73 -13.26
C ALA B 512 3.14 3.26 -13.36
N PHE B 513 3.80 3.34 -12.19
CA PHE B 513 5.22 3.66 -12.09
C PHE B 513 5.95 2.43 -11.61
N ILE B 514 7.07 2.10 -12.25
CA ILE B 514 7.82 0.91 -11.92
C ILE B 514 9.30 1.26 -11.84
N GLY B 515 10.08 0.34 -11.31
CA GLY B 515 11.51 0.55 -11.17
C GLY B 515 11.88 1.07 -9.81
N ASN B 516 13.16 1.39 -9.65
CA ASN B 516 13.74 1.67 -8.34
C ASN B 516 13.51 3.11 -7.86
N PHE B 517 12.64 3.88 -8.53
CA PHE B 517 12.17 5.14 -7.96
C PHE B 517 10.68 5.13 -7.70
N ALA B 518 10.03 3.96 -7.75
CA ALA B 518 8.64 3.84 -7.36
C ALA B 518 8.56 3.32 -5.93
N GLU B 519 7.39 3.46 -5.33
CA GLU B 519 7.21 3.16 -3.91
C GLU B 519 6.45 1.87 -3.72
N THR B 520 7.02 0.96 -2.93
CA THR B 520 6.31 -0.20 -2.42
C THR B 520 6.89 -0.51 -1.04
N GLU B 521 6.12 -1.25 -0.23
CA GLU B 521 6.47 -1.47 1.16
C GLU B 521 7.71 -2.33 1.30
N ARG B 522 8.48 -1.99 2.34
CA ARG B 522 9.68 -2.67 2.82
C ARG B 522 10.78 -3.17 1.89
N ASP B 523 10.57 -3.23 0.58
CA ASP B 523 11.67 -3.77 -0.24
C ASP B 523 12.73 -2.70 -0.50
N THR B 524 13.91 -3.16 -0.94
CA THR B 524 15.11 -2.34 -1.00
C THR B 524 15.44 -2.00 -2.45
N VAL B 525 15.72 -0.71 -2.72
CA VAL B 525 16.06 -0.29 -4.07
C VAL B 525 17.54 -0.52 -4.37
N PHE B 526 17.95 -0.24 -5.60
CA PHE B 526 19.25 -0.68 -6.11
C PHE B 526 19.34 -2.20 -6.17
N THR B 527 18.21 -2.90 -6.34
CA THR B 527 18.25 -4.34 -6.58
C THR B 527 17.39 -4.69 -7.79
N THR B 528 17.80 -5.75 -8.49
CA THR B 528 16.99 -6.25 -9.60
C THR B 528 15.64 -6.76 -9.10
N GLU B 529 15.59 -7.29 -7.88
CA GLU B 529 14.33 -7.74 -7.29
C GLU B 529 13.32 -6.59 -7.20
N TYR B 530 13.77 -5.41 -6.77
CA TYR B 530 12.86 -4.27 -6.70
C TYR B 530 12.25 -3.98 -8.06
N SER B 531 13.05 -4.07 -9.12
CA SER B 531 12.54 -3.83 -10.47
C SER B 531 11.46 -4.84 -10.83
N VAL B 532 11.69 -6.13 -10.56
CA VAL B 532 10.70 -7.15 -10.92
C VAL B 532 9.46 -7.02 -10.03
N ARG B 533 9.66 -6.71 -8.74
CA ARG B 533 8.53 -6.60 -7.83
C ARG B 533 7.58 -5.49 -8.28
N THR B 534 8.12 -4.30 -8.53
CA THR B 534 7.25 -3.20 -8.92
C THR B 534 6.53 -3.52 -10.23
N ALA B 535 7.25 -4.16 -11.18
CA ALA B 535 6.61 -4.57 -12.44
C ALA B 535 5.46 -5.53 -12.20
N MET B 536 5.67 -6.53 -11.33
CA MET B 536 4.62 -7.50 -11.03
C MET B 536 3.44 -6.84 -10.32
N GLU B 537 3.73 -6.01 -9.32
CA GLU B 537 2.67 -5.30 -8.61
C GLU B 537 1.90 -4.38 -9.55
N ALA B 538 2.59 -3.75 -10.51
CA ALA B 538 1.89 -2.84 -11.42
C ALA B 538 0.94 -3.60 -12.34
N VAL B 539 1.43 -4.66 -12.97
CA VAL B 539 0.59 -5.46 -13.87
C VAL B 539 -0.58 -6.09 -13.11
N TYR B 540 -0.31 -6.68 -11.94
CA TYR B 540 -1.37 -7.35 -11.20
C TYR B 540 -2.47 -6.37 -10.79
N GLN B 541 -2.08 -5.18 -10.33
CA GLN B 541 -3.06 -4.18 -9.90
C GLN B 541 -3.83 -3.61 -11.08
N LEU B 542 -3.13 -3.24 -12.16
CA LEU B 542 -3.84 -2.63 -13.28
C LEU B 542 -4.78 -3.62 -13.96
N LEU B 543 -4.44 -4.90 -14.00
CA LEU B 543 -5.30 -5.89 -14.61
C LEU B 543 -6.17 -6.65 -13.62
N ASN B 544 -6.01 -6.40 -12.32
CA ASN B 544 -6.77 -7.08 -11.26
C ASN B 544 -6.57 -8.60 -11.32
N ILE B 545 -5.31 -9.02 -11.31
CA ILE B 545 -4.99 -10.44 -11.49
C ILE B 545 -5.22 -11.16 -10.17
N ASP B 546 -5.94 -12.28 -10.21
CA ASP B 546 -6.41 -12.95 -8.99
C ASP B 546 -5.40 -14.01 -8.53
N ARG B 547 -4.25 -13.51 -8.08
CA ARG B 547 -3.19 -14.36 -7.53
C ARG B 547 -2.34 -13.49 -6.61
N GLY B 548 -1.81 -14.10 -5.55
CA GLY B 548 -1.03 -13.33 -4.59
C GLY B 548 0.34 -12.95 -5.13
N ILE B 549 0.82 -11.80 -4.68
CA ILE B 549 2.19 -11.35 -4.93
C ILE B 549 3.02 -11.76 -3.73
N PRO B 550 4.20 -12.37 -3.93
CA PRO B 550 4.97 -12.79 -2.75
C PRO B 550 5.43 -11.57 -1.96
N GLU B 551 5.14 -11.56 -0.65
CA GLU B 551 5.61 -10.49 0.22
C GLU B 551 7.14 -10.47 0.27
N VAL B 552 7.71 -9.32 0.65
CA VAL B 552 9.13 -9.30 0.99
C VAL B 552 9.37 -10.33 2.09
N ILE B 553 10.46 -11.10 1.96
CA ILE B 553 10.65 -12.27 2.82
C ILE B 553 10.51 -11.86 4.28
N ASN B 554 9.87 -12.72 5.06
CA ASN B 554 9.45 -12.37 6.42
C ASN B 554 10.59 -12.45 7.45
N SER B 555 11.85 -12.36 7.03
CA SER B 555 12.92 -12.73 7.95
C SER B 555 13.04 -11.79 9.16
N PRO B 556 12.74 -10.49 9.05
CA PRO B 556 12.82 -9.63 10.25
C PRO B 556 11.75 -9.92 11.28
N PHE B 557 10.73 -10.72 10.96
CA PHE B 557 9.70 -11.11 11.91
C PHE B 557 9.91 -12.51 12.46
N ASP B 558 10.95 -13.21 11.98
CA ASP B 558 11.22 -14.60 12.31
C ASP B 558 12.16 -14.66 13.52
N LEU B 559 11.66 -15.18 14.64
CA LEU B 559 12.44 -15.22 15.87
C LEU B 559 13.75 -15.97 15.69
N ARG B 560 13.74 -17.03 14.87
CA ARG B 560 14.98 -17.77 14.62
C ARG B 560 16.01 -16.86 13.99
N VAL B 561 15.60 -16.07 12.99
CA VAL B 561 16.50 -15.17 12.30
C VAL B 561 16.98 -14.08 13.26
N LEU B 562 16.10 -13.58 14.12
CA LEU B 562 16.50 -12.52 15.03
C LEU B 562 17.53 -13.03 16.05
N MET B 563 17.39 -14.28 16.51
CA MET B 563 18.40 -14.84 17.39
C MET B 563 19.75 -14.91 16.69
N ASP B 564 19.77 -15.42 15.46
CA ASP B 564 21.02 -15.48 14.69
C ASP B 564 21.63 -14.10 14.55
N ALA B 565 20.80 -13.08 14.32
CA ALA B 565 21.32 -11.73 14.14
C ALA B 565 22.01 -11.22 15.40
N ILE B 566 21.42 -11.47 16.56
CA ILE B 566 22.04 -11.03 17.80
C ILE B 566 23.40 -11.70 17.97
N TYR B 567 23.43 -13.01 17.75
CA TYR B 567 24.68 -13.75 17.84
C TYR B 567 25.74 -13.18 16.92
N GLU B 568 25.37 -12.97 15.64
CA GLU B 568 26.34 -12.53 14.66
C GLU B 568 26.75 -11.08 14.88
N LEU B 569 25.77 -10.20 15.14
CA LEU B 569 26.09 -8.78 15.33
C LEU B 569 27.11 -8.59 16.46
N ASN B 570 27.03 -9.43 17.49
CA ASN B 570 27.92 -9.35 18.63
C ASN B 570 29.18 -10.18 18.46
N ASP B 571 29.51 -10.52 17.21
CA ASP B 571 30.73 -11.27 16.87
C ASP B 571 30.80 -12.61 17.60
N HIS B 572 29.68 -13.35 17.54
CA HIS B 572 29.58 -14.73 18.02
C HIS B 572 29.69 -14.83 19.54
N GLN B 573 28.98 -13.96 20.25
CA GLN B 573 28.92 -14.01 21.70
C GLN B 573 27.53 -14.45 22.16
N ASP B 574 27.50 -15.26 23.22
CA ASP B 574 26.21 -15.62 23.79
C ASP B 574 25.72 -14.52 24.73
N LEU B 575 24.46 -14.66 25.15
CA LEU B 575 23.81 -13.61 25.93
C LEU B 575 24.59 -13.28 27.20
N ARG B 576 25.30 -14.26 27.77
CA ARG B 576 26.07 -14.01 28.98
C ARG B 576 27.26 -13.09 28.70
N GLU B 577 27.96 -13.32 27.59
CA GLU B 577 29.03 -12.42 27.21
C GLU B 577 28.49 -11.05 26.81
N ILE B 578 27.37 -11.02 26.09
CA ILE B 578 26.84 -9.74 25.61
C ILE B 578 26.52 -8.81 26.76
N THR B 579 26.05 -9.35 27.88
CA THR B 579 25.64 -8.53 29.00
C THR B 579 26.70 -8.47 30.10
N LYS B 580 27.86 -9.10 29.89
CA LYS B 580 28.83 -9.30 30.97
C LYS B 580 29.15 -8.01 31.70
N ASP B 581 29.30 -6.90 30.99
CA ASP B 581 29.79 -5.66 31.58
C ASP B 581 28.68 -4.65 31.83
N SER B 582 27.41 -5.05 31.78
CA SER B 582 26.29 -4.17 32.07
C SER B 582 25.52 -4.71 33.28
N LYS B 583 25.43 -3.91 34.34
CA LYS B 583 24.82 -4.39 35.56
C LYS B 583 23.32 -4.58 35.42
N MET B 584 22.63 -3.65 34.76
CA MET B 584 21.20 -3.79 34.56
C MET B 584 20.88 -4.95 33.63
N GLN B 585 21.64 -5.09 32.54
CA GLN B 585 21.33 -6.14 31.57
C GLN B 585 21.52 -7.52 32.18
N LYS B 586 22.61 -7.72 32.93
CA LYS B 586 22.86 -8.98 33.63
C LYS B 586 21.70 -9.33 34.55
N LEU B 587 21.10 -8.31 35.18
CA LEU B 587 19.99 -8.53 36.08
C LEU B 587 18.77 -8.99 35.33
N ALA B 588 18.44 -8.30 34.23
CA ALA B 588 17.33 -8.74 33.40
C ALA B 588 17.56 -10.16 32.88
N LEU B 589 18.77 -10.43 32.38
CA LEU B 589 19.05 -11.75 31.83
C LEU B 589 18.87 -12.83 32.88
N ALA B 590 19.36 -12.58 34.09
CA ALA B 590 19.24 -13.57 35.17
C ALA B 590 17.78 -13.96 35.39
N GLY B 591 16.89 -12.97 35.45
CA GLY B 591 15.49 -13.27 35.66
C GLY B 591 14.87 -14.03 34.50
N PHE B 592 15.25 -13.65 33.28
CA PHE B 592 14.78 -14.36 32.09
C PHE B 592 15.22 -15.82 32.13
N LEU B 593 16.50 -16.06 32.36
CA LEU B 593 17.00 -17.44 32.33
C LEU B 593 16.33 -18.31 33.38
N LYS B 594 15.99 -17.74 34.54
CA LYS B 594 15.27 -18.54 35.54
C LYS B 594 13.88 -18.93 35.05
N LYS B 595 13.22 -18.05 34.29
CA LYS B 595 11.89 -18.36 33.79
C LYS B 595 11.92 -19.39 32.67
N ILE B 596 12.90 -19.29 31.76
CA ILE B 596 12.88 -20.10 30.55
C ILE B 596 13.67 -21.39 30.70
N LYS B 597 14.34 -21.58 31.83
CA LYS B 597 15.20 -22.74 32.00
C LYS B 597 14.40 -24.03 31.85
N GLY B 598 14.95 -24.97 31.09
CA GLY B 598 14.26 -26.21 30.85
C GLY B 598 13.11 -26.15 29.86
N THR B 599 12.87 -24.99 29.26
CA THR B 599 11.78 -24.82 28.29
C THR B 599 12.30 -24.82 26.86
N TYR B 600 11.34 -24.79 25.92
CA TYR B 600 11.63 -24.74 24.49
C TYR B 600 12.39 -23.47 24.11
N ILE B 601 12.16 -22.38 24.84
CA ILE B 601 12.89 -21.13 24.55
C ILE B 601 14.38 -21.29 24.85
N GLU B 602 14.71 -21.98 25.94
CA GLU B 602 16.11 -22.28 26.21
C GLU B 602 16.69 -23.15 25.10
N SER B 603 15.95 -24.16 24.66
CA SER B 603 16.44 -25.01 23.58
C SER B 603 16.70 -24.20 22.32
N LEU B 604 15.80 -23.27 22.01
CA LEU B 604 15.94 -22.44 20.81
C LEU B 604 17.17 -21.55 20.92
N LEU B 605 17.32 -20.88 22.06
CA LEU B 605 18.50 -20.03 22.25
C LEU B 605 19.78 -20.84 22.15
N LYS B 606 19.77 -22.07 22.69
CA LYS B 606 20.95 -22.91 22.60
C LYS B 606 21.24 -23.32 21.16
N GLU B 607 20.20 -23.70 20.41
CA GLU B 607 20.37 -24.03 19.01
C GLU B 607 21.00 -22.89 18.23
N HIS B 608 20.58 -21.65 18.51
CA HIS B 608 21.09 -20.49 17.81
C HIS B 608 22.27 -19.84 18.53
N LYS B 609 22.86 -20.53 19.49
CA LYS B 609 24.17 -20.22 20.07
C LYS B 609 24.15 -19.00 20.99
N LEU B 610 22.96 -18.54 21.41
CA LEU B 610 22.86 -17.46 22.37
C LEU B 610 23.00 -17.94 23.81
N LEU B 611 22.90 -19.25 24.03
CA LEU B 611 23.17 -19.88 25.31
C LEU B 611 24.01 -21.12 25.08
N SER C 19 21.15 -34.36 7.13
CA SER C 19 21.09 -35.73 6.65
C SER C 19 21.51 -35.79 5.20
N HIS C 20 20.73 -36.54 4.40
CA HIS C 20 20.85 -36.52 2.95
C HIS C 20 19.82 -35.59 2.31
N MET C 21 19.50 -34.49 3.01
CA MET C 21 18.50 -33.54 2.57
C MET C 21 18.70 -32.25 3.37
N TYR C 22 18.03 -31.18 2.93
CA TYR C 22 18.00 -29.94 3.68
C TYR C 22 16.63 -29.30 3.52
N TYR C 23 16.25 -28.49 4.51
CA TYR C 23 14.98 -27.78 4.50
C TYR C 23 15.19 -26.37 3.98
N SER C 24 14.18 -25.86 3.26
CA SER C 24 14.27 -24.51 2.72
C SER C 24 12.89 -23.87 2.75
N TYR C 25 12.82 -22.62 2.32
CA TYR C 25 11.55 -21.97 2.07
C TYR C 25 11.80 -20.86 1.07
N GLY C 26 10.72 -20.36 0.48
CA GLY C 26 10.84 -19.32 -0.52
C GLY C 26 10.80 -19.86 -1.94
N ASN C 27 10.65 -18.93 -2.89
CA ASN C 27 10.37 -19.29 -4.28
C ASN C 27 11.58 -19.88 -5.00
N TYR C 28 12.79 -19.47 -4.62
CA TYR C 28 14.01 -19.98 -5.27
C TYR C 28 14.04 -21.50 -5.25
N GLU C 29 13.96 -22.10 -4.07
CA GLU C 29 13.95 -23.56 -3.97
C GLU C 29 12.62 -24.14 -4.46
N ALA C 30 11.51 -23.42 -4.27
CA ALA C 30 10.22 -23.95 -4.73
C ALA C 30 10.26 -24.18 -6.24
N PHE C 31 10.74 -23.19 -6.99
CA PHE C 31 10.66 -23.23 -8.44
C PHE C 31 11.83 -23.97 -9.09
N ALA C 32 12.95 -24.11 -8.39
CA ALA C 32 14.11 -24.75 -8.97
C ALA C 32 13.85 -26.23 -9.20
N ARG C 33 14.51 -26.78 -10.23
CA ARG C 33 14.46 -28.19 -10.60
C ARG C 33 15.76 -28.86 -10.20
N PRO C 34 15.70 -30.04 -9.59
CA PRO C 34 16.94 -30.75 -9.23
C PRO C 34 17.56 -31.43 -10.44
N LYS C 35 18.89 -31.44 -10.47
CA LYS C 35 19.59 -32.26 -11.45
C LYS C 35 19.16 -33.72 -11.29
N LYS C 36 19.27 -34.48 -12.37
CA LYS C 36 19.01 -35.91 -12.30
C LYS C 36 19.90 -36.57 -11.26
N PRO C 37 19.35 -37.32 -10.30
CA PRO C 37 20.16 -37.94 -9.26
C PRO C 37 21.11 -38.96 -9.85
N GLU C 38 22.25 -39.14 -9.20
CA GLU C 38 23.32 -40.01 -9.68
C GLU C 38 23.00 -41.48 -9.70
N ASN C 39 23.25 -42.12 -10.85
CA ASN C 39 23.15 -43.56 -11.06
C ASN C 39 21.72 -44.07 -10.96
N VAL C 40 20.74 -43.16 -11.04
CA VAL C 40 19.37 -43.57 -10.85
C VAL C 40 18.95 -44.50 -11.97
N GLU C 41 19.65 -44.45 -13.11
CA GLU C 41 19.32 -45.37 -14.20
C GLU C 41 19.50 -46.82 -13.80
N ASN C 42 20.27 -47.09 -12.73
CA ASN C 42 20.53 -48.45 -12.28
C ASN C 42 19.74 -48.81 -11.03
N LYS C 43 18.70 -48.03 -10.70
CA LYS C 43 17.95 -48.24 -9.48
C LYS C 43 16.50 -48.58 -9.81
N SER C 44 15.84 -49.19 -8.83
CA SER C 44 14.45 -49.62 -8.91
C SER C 44 13.75 -49.22 -7.62
N ALA C 45 12.42 -49.30 -7.61
CA ALA C 45 11.67 -48.97 -6.42
C ALA C 45 10.49 -49.89 -6.24
N TYR C 46 10.25 -50.30 -4.99
CA TYR C 46 9.08 -51.06 -4.58
C TYR C 46 8.33 -50.27 -3.51
N LEU C 47 7.05 -50.06 -3.75
CA LEU C 47 6.22 -49.28 -2.82
C LEU C 47 5.11 -50.17 -2.31
N ILE C 48 5.03 -50.33 -0.98
CA ILE C 48 4.11 -51.28 -0.35
C ILE C 48 2.75 -50.63 -0.19
N GLY C 49 1.75 -51.10 -0.95
CA GLY C 49 0.40 -50.56 -0.89
C GLY C 49 0.21 -49.34 -1.78
N SER C 50 -1.06 -48.97 -1.99
CA SER C 50 -1.35 -47.84 -2.86
C SER C 50 -2.06 -46.71 -2.11
N GLY C 51 -1.79 -46.57 -0.81
CA GLY C 51 -2.22 -45.39 -0.08
C GLY C 51 -1.58 -44.13 -0.65
N LEU C 52 -1.99 -42.99 -0.10
CA LEU C 52 -1.57 -41.71 -0.68
C LEU C 52 -0.06 -41.51 -0.56
N ALA C 53 0.54 -41.90 0.57
CA ALA C 53 1.98 -41.66 0.72
C ALA C 53 2.77 -42.46 -0.30
N SER C 54 2.36 -43.71 -0.52
CA SER C 54 3.06 -44.56 -1.49
C SER C 54 2.90 -44.01 -2.91
N LEU C 55 1.70 -43.52 -3.27
CA LEU C 55 1.54 -42.92 -4.59
C LEU C 55 2.34 -41.62 -4.73
N ALA C 56 2.36 -40.79 -3.69
CA ALA C 56 3.17 -39.58 -3.73
C ALA C 56 4.65 -39.90 -3.93
N ALA C 57 5.17 -40.92 -3.22
CA ALA C 57 6.57 -41.26 -3.39
C ALA C 57 6.85 -41.70 -4.82
N ALA C 58 5.94 -42.47 -5.40
CA ALA C 58 6.07 -42.86 -6.80
C ALA C 58 6.10 -41.63 -7.72
N CYS C 59 5.25 -40.63 -7.44
CA CYS C 59 5.29 -39.41 -8.24
C CYS C 59 6.61 -38.68 -8.11
N PHE C 60 7.16 -38.59 -6.89
CA PHE C 60 8.44 -37.90 -6.75
C PHE C 60 9.57 -38.69 -7.40
N LEU C 61 9.51 -40.03 -7.35
CA LEU C 61 10.49 -40.84 -8.06
C LEU C 61 10.45 -40.57 -9.57
N ILE C 62 9.25 -40.45 -10.14
CA ILE C 62 9.14 -40.11 -11.56
C ILE C 62 9.64 -38.69 -11.83
N ARG C 63 9.10 -37.71 -11.09
CA ARG C 63 9.32 -36.31 -11.47
C ARG C 63 10.71 -35.84 -11.13
N ASP C 64 11.15 -36.05 -9.89
CA ASP C 64 12.44 -35.55 -9.42
C ASP C 64 13.52 -36.61 -9.42
N GLY C 65 13.17 -37.87 -9.16
CA GLY C 65 14.15 -38.94 -9.30
C GLY C 65 14.50 -39.19 -10.74
N GLN C 66 13.58 -38.92 -11.66
CA GLN C 66 13.73 -39.30 -13.06
C GLN C 66 14.02 -40.81 -13.17
N MET C 67 13.48 -41.57 -12.23
CA MET C 67 13.51 -43.02 -12.35
C MET C 67 12.56 -43.46 -13.47
N GLU C 68 12.98 -44.47 -14.25
CA GLU C 68 12.11 -44.95 -15.31
C GLU C 68 10.89 -45.64 -14.71
N GLY C 69 9.71 -45.37 -15.30
CA GLY C 69 8.48 -45.90 -14.72
C GLY C 69 8.47 -47.42 -14.66
N SER C 70 9.07 -48.07 -15.66
CA SER C 70 9.05 -49.54 -15.67
C SER C 70 9.77 -50.14 -14.47
N LYS C 71 10.62 -49.38 -13.79
CA LYS C 71 11.35 -49.89 -12.63
C LYS C 71 10.70 -49.54 -11.30
N ILE C 72 9.51 -48.94 -11.33
CA ILE C 72 8.74 -48.58 -10.14
C ILE C 72 7.58 -49.54 -10.04
N HIS C 73 7.48 -50.27 -8.92
CA HIS C 73 6.50 -51.33 -8.74
C HIS C 73 5.67 -51.02 -7.51
N ILE C 74 4.39 -50.77 -7.70
CA ILE C 74 3.47 -50.54 -6.58
C ILE C 74 2.78 -51.86 -6.25
N LEU C 75 3.01 -52.36 -5.04
CA LEU C 75 2.50 -53.66 -4.62
C LEU C 75 1.22 -53.41 -3.81
N GLU C 76 0.06 -53.67 -4.43
CA GLU C 76 -1.17 -53.29 -3.76
C GLU C 76 -1.61 -54.38 -2.78
N GLU C 77 -2.43 -55.32 -3.25
CA GLU C 77 -3.10 -56.29 -2.39
C GLU C 77 -4.48 -56.59 -2.92
N LEU C 78 -5.33 -55.56 -3.03
CA LEU C 78 -6.64 -55.74 -3.63
C LEU C 78 -6.49 -56.19 -5.07
N PRO C 79 -7.49 -56.89 -5.61
CA PRO C 79 -7.44 -57.35 -6.99
C PRO C 79 -7.83 -56.24 -7.97
N LYS C 80 -6.87 -55.79 -8.77
CA LYS C 80 -7.08 -54.75 -9.77
C LYS C 80 -7.99 -53.63 -9.26
N PRO C 91 -17.97 -54.79 -2.04
CA PRO C 91 -19.33 -54.69 -2.57
C PRO C 91 -20.31 -54.06 -1.56
N LEU C 92 -20.29 -52.73 -1.42
CA LEU C 92 -21.03 -52.06 -0.36
C LEU C 92 -22.47 -51.76 -0.79
N LYS C 93 -23.32 -51.57 0.21
CA LYS C 93 -24.75 -51.33 0.01
C LYS C 93 -25.10 -49.86 -0.18
N GLY C 94 -24.11 -49.00 -0.39
CA GLY C 94 -24.40 -47.58 -0.49
C GLY C 94 -23.10 -46.78 -0.56
N TYR C 95 -23.27 -45.48 -0.77
CA TYR C 95 -22.11 -44.57 -0.80
C TYR C 95 -21.45 -44.48 0.57
N VAL C 96 -20.13 -44.40 0.58
CA VAL C 96 -19.35 -44.22 1.80
C VAL C 96 -18.34 -43.11 1.54
N VAL C 97 -18.41 -42.04 2.32
CA VAL C 97 -17.41 -40.99 2.24
C VAL C 97 -16.30 -41.33 3.23
N ARG C 98 -15.07 -41.46 2.72
CA ARG C 98 -13.89 -41.76 3.50
C ARG C 98 -13.20 -40.49 3.92
N GLY C 99 -13.94 -39.49 4.37
CA GLY C 99 -13.34 -38.19 4.50
C GLY C 99 -13.81 -37.39 5.69
N GLY C 100 -12.87 -36.94 6.49
CA GLY C 100 -13.12 -35.95 7.51
C GLY C 100 -11.96 -34.99 7.63
N ARG C 101 -11.17 -34.86 6.57
CA ARG C 101 -9.94 -34.08 6.61
C ARG C 101 -9.89 -33.08 5.45
N ALA C 102 -9.89 -31.80 5.80
CA ALA C 102 -9.77 -30.70 4.85
C ALA C 102 -8.29 -30.48 4.51
N MET C 103 -8.03 -29.44 3.72
CA MET C 103 -6.66 -29.01 3.44
C MET C 103 -6.55 -27.53 3.77
N GLU C 104 -5.32 -27.02 3.78
CA GLU C 104 -5.06 -25.60 4.06
C GLU C 104 -4.02 -25.08 3.08
N ASN C 105 -3.92 -23.74 2.98
CA ASN C 105 -2.96 -23.18 2.03
C ASN C 105 -1.54 -23.64 2.32
N HIS C 106 -1.16 -23.87 3.58
CA HIS C 106 0.24 -24.15 3.90
C HIS C 106 0.57 -25.65 4.00
N PHE C 107 -0.12 -26.47 3.20
CA PHE C 107 0.32 -27.85 2.92
C PHE C 107 1.44 -27.75 1.87
N GLU C 108 2.63 -27.35 2.33
CA GLU C 108 3.69 -26.94 1.41
C GLU C 108 4.15 -28.07 0.51
N CYS C 109 4.28 -29.29 1.06
CA CYS C 109 4.78 -30.40 0.26
C CYS C 109 3.70 -30.91 -0.69
N LEU C 110 2.46 -30.94 -0.22
CA LEU C 110 1.37 -31.42 -1.05
C LEU C 110 1.19 -30.54 -2.29
N TRP C 111 1.29 -29.22 -2.13
CA TRP C 111 1.10 -28.37 -3.31
C TRP C 111 2.30 -28.42 -4.22
N ASP C 112 3.49 -28.66 -3.66
CA ASP C 112 4.66 -28.92 -4.52
C ASP C 112 4.39 -30.13 -5.41
N LEU C 113 3.78 -31.19 -4.86
CA LEU C 113 3.43 -32.35 -5.66
C LEU C 113 2.34 -32.02 -6.67
N PHE C 114 1.21 -31.51 -6.21
CA PHE C 114 0.04 -31.52 -7.08
C PHE C 114 0.05 -30.41 -8.12
N ARG C 115 1.02 -29.49 -8.07
CA ARG C 115 1.16 -28.58 -9.21
C ARG C 115 1.67 -29.31 -10.44
N SER C 116 2.21 -30.52 -10.28
CA SER C 116 2.73 -31.32 -11.39
C SER C 116 1.76 -32.41 -11.85
N ILE C 117 0.65 -32.60 -11.17
CA ILE C 117 -0.29 -33.67 -11.48
C ILE C 117 -1.42 -33.06 -12.33
N PRO C 118 -1.60 -33.51 -13.57
CA PRO C 118 -2.68 -32.94 -14.41
C PRO C 118 -4.04 -33.16 -13.77
N SER C 119 -4.89 -32.14 -13.86
CA SER C 119 -6.25 -32.31 -13.39
C SER C 119 -6.98 -33.28 -14.31
N LEU C 120 -7.88 -34.07 -13.74
CA LEU C 120 -8.77 -34.92 -14.53
C LEU C 120 -10.05 -34.20 -14.91
N GLU C 121 -10.28 -33.00 -14.38
CA GLU C 121 -11.54 -32.30 -14.58
C GLU C 121 -11.42 -31.10 -15.51
N ILE C 122 -10.25 -30.47 -15.58
CA ILE C 122 -10.06 -29.22 -16.31
C ILE C 122 -8.84 -29.35 -17.21
N ASP C 123 -9.02 -29.04 -18.49
CA ASP C 123 -7.93 -29.11 -19.46
C ASP C 123 -6.82 -28.12 -19.14
N ASN C 124 -5.58 -28.50 -19.47
CA ASN C 124 -4.42 -27.63 -19.32
C ASN C 124 -4.34 -27.04 -17.92
N ALA C 125 -4.60 -27.85 -16.91
CA ALA C 125 -4.55 -27.36 -15.54
C ALA C 125 -4.09 -28.48 -14.63
N SER C 126 -3.37 -28.12 -13.58
CA SER C 126 -2.98 -29.10 -12.59
C SER C 126 -4.10 -29.30 -11.57
N VAL C 127 -3.93 -30.33 -10.72
CA VAL C 127 -4.81 -30.51 -9.57
C VAL C 127 -4.78 -29.28 -8.69
N LEU C 128 -3.59 -28.69 -8.50
CA LEU C 128 -3.51 -27.47 -7.70
C LEU C 128 -4.36 -26.36 -8.32
N ASP C 129 -4.17 -26.11 -9.63
CA ASP C 129 -4.98 -25.10 -10.31
C ASP C 129 -6.47 -25.31 -10.07
N GLU C 130 -6.95 -26.53 -10.29
CA GLU C 130 -8.38 -26.80 -10.14
C GLU C 130 -8.85 -26.48 -8.74
N PHE C 131 -8.09 -26.96 -7.75
CA PHE C 131 -8.39 -26.74 -6.33
C PHE C 131 -8.33 -25.26 -5.97
N TYR C 132 -7.29 -24.57 -6.43
CA TYR C 132 -7.09 -23.15 -6.14
C TYR C 132 -8.26 -22.32 -6.64
N TRP C 133 -8.64 -22.52 -7.91
CA TRP C 133 -9.74 -21.75 -8.47
C TRP C 133 -11.06 -22.10 -7.80
N LEU C 134 -11.28 -23.39 -7.53
CA LEU C 134 -12.54 -23.80 -6.89
C LEU C 134 -12.71 -23.15 -5.53
N ASN C 135 -11.63 -23.11 -4.73
CA ASN C 135 -11.78 -22.58 -3.38
C ASN C 135 -11.78 -21.05 -3.37
N LYS C 136 -11.40 -20.40 -4.47
CA LYS C 136 -11.68 -18.97 -4.62
C LYS C 136 -13.10 -18.70 -5.11
N GLU C 137 -13.65 -19.57 -5.97
CA GLU C 137 -15.02 -19.37 -6.46
C GLU C 137 -16.05 -19.61 -5.36
N ASP C 138 -15.73 -20.51 -4.43
CA ASP C 138 -16.68 -20.99 -3.43
C ASP C 138 -15.91 -21.19 -2.13
N PRO C 139 -15.51 -20.09 -1.49
CA PRO C 139 -14.67 -20.21 -0.29
C PRO C 139 -15.42 -20.86 0.86
N ASN C 140 -14.71 -21.74 1.58
CA ASN C 140 -15.34 -22.45 2.68
C ASN C 140 -15.51 -21.57 3.91
N TYR C 141 -16.67 -21.68 4.54
CA TYR C 141 -16.89 -21.15 5.87
C TYR C 141 -18.17 -21.78 6.41
N SER C 142 -18.31 -21.77 7.73
CA SER C 142 -19.45 -22.35 8.42
C SER C 142 -20.35 -21.23 8.91
N ARG C 143 -21.65 -21.39 8.72
CA ARG C 143 -22.63 -20.48 9.28
C ARG C 143 -23.28 -21.03 10.54
N CYS C 144 -22.86 -22.20 10.99
CA CYS C 144 -23.36 -22.74 12.24
C CYS C 144 -22.46 -23.92 12.60
N ARG C 145 -21.63 -23.73 13.62
CA ARG C 145 -20.59 -24.71 13.95
C ARG C 145 -20.98 -25.68 15.04
N VAL C 146 -21.83 -25.26 15.99
CA VAL C 146 -22.24 -26.09 17.12
C VAL C 146 -23.74 -25.93 17.34
N ILE C 147 -24.45 -27.05 17.48
CA ILE C 147 -25.85 -27.04 17.85
C ILE C 147 -26.03 -27.82 19.14
N GLU C 148 -27.22 -27.68 19.72
CA GLU C 148 -27.59 -28.32 20.98
C GLU C 148 -29.11 -28.25 21.10
N LYS C 149 -29.63 -28.99 22.08
CA LYS C 149 -31.06 -28.98 22.38
C LYS C 149 -31.88 -29.26 21.12
N GLN C 150 -31.46 -30.28 20.39
CA GLN C 150 -32.20 -30.76 19.23
C GLN C 150 -32.36 -29.67 18.17
N GLY C 151 -31.24 -29.04 17.81
CA GLY C 151 -31.18 -28.26 16.60
C GLY C 151 -31.01 -26.79 16.78
N GLN C 152 -30.76 -26.32 18.01
CA GLN C 152 -30.58 -24.90 18.28
C GLN C 152 -29.10 -24.55 18.22
N ARG C 153 -28.79 -23.38 17.68
CA ARG C 153 -27.40 -22.97 17.63
C ARG C 153 -26.89 -22.63 19.02
N LEU C 154 -25.64 -22.99 19.29
CA LEU C 154 -25.00 -22.62 20.56
C LEU C 154 -24.88 -21.11 20.67
N VAL C 155 -25.24 -20.57 21.85
CA VAL C 155 -25.32 -19.13 22.01
C VAL C 155 -23.95 -18.48 21.82
N THR C 156 -22.91 -19.06 22.41
CA THR C 156 -21.57 -18.47 22.36
C THR C 156 -20.77 -18.95 21.16
N ASP C 157 -21.41 -19.65 20.22
CA ASP C 157 -20.74 -20.07 18.99
C ASP C 157 -19.99 -18.90 18.38
N GLY C 158 -18.69 -19.10 18.11
CA GLY C 158 -17.82 -18.05 17.63
C GLY C 158 -16.75 -17.62 18.62
N ASP C 159 -17.06 -17.68 19.92
CA ASP C 159 -16.10 -17.37 20.98
C ASP C 159 -15.33 -18.61 21.42
N PHE C 160 -14.08 -18.40 21.85
CA PHE C 160 -13.30 -19.50 22.42
C PHE C 160 -13.62 -19.73 23.90
N THR C 161 -14.21 -18.74 24.57
CA THR C 161 -14.47 -18.75 26.02
C THR C 161 -13.34 -19.40 26.81
N LEU C 162 -12.13 -18.95 26.53
CA LEU C 162 -10.93 -19.38 27.27
C LEU C 162 -10.68 -18.42 28.43
N THR C 163 -10.44 -18.96 29.62
CA THR C 163 -9.96 -18.13 30.74
C THR C 163 -8.45 -17.91 30.63
N LYS C 164 -7.96 -16.96 31.42
CA LYS C 164 -6.54 -16.65 31.45
C LYS C 164 -5.77 -17.91 31.81
N THR C 165 -6.30 -18.68 32.76
CA THR C 165 -5.66 -19.92 33.17
C THR C 165 -5.56 -20.88 31.99
N ALA C 166 -6.65 -21.05 31.24
CA ALA C 166 -6.63 -21.95 30.10
C ALA C 166 -5.64 -21.45 29.04
N ILE C 167 -5.66 -20.15 28.74
CA ILE C 167 -4.69 -19.61 27.78
C ILE C 167 -3.27 -19.86 28.25
N LYS C 168 -3.01 -19.66 29.54
CA LYS C 168 -1.68 -19.90 30.07
C LYS C 168 -1.27 -21.36 29.92
N GLU C 169 -2.21 -22.31 30.01
CA GLU C 169 -1.86 -23.71 29.83
C GLU C 169 -1.54 -24.03 28.36
N ILE C 170 -2.24 -23.38 27.43
CA ILE C 170 -1.92 -23.54 26.02
C ILE C 170 -0.50 -23.10 25.73
N LEU C 171 -0.15 -21.87 26.16
CA LEU C 171 1.20 -21.40 25.88
C LEU C 171 2.23 -22.25 26.61
N ASP C 172 1.92 -22.66 27.84
CA ASP C 172 2.86 -23.49 28.59
C ASP C 172 3.11 -24.83 27.88
N LEU C 173 2.08 -25.39 27.25
CA LEU C 173 2.30 -26.61 26.47
C LEU C 173 3.27 -26.33 25.31
N CYS C 174 3.05 -25.25 24.58
CA CYS C 174 3.90 -24.92 23.43
C CYS C 174 5.34 -24.70 23.86
N LEU C 175 5.55 -24.15 25.05
CA LEU C 175 6.86 -23.85 25.59
C LEU C 175 7.53 -25.07 26.21
N THR C 176 6.88 -26.24 26.19
CA THR C 176 7.47 -27.47 26.68
C THR C 176 8.26 -28.12 25.54
N ASN C 177 9.45 -28.61 25.84
CA ASN C 177 10.19 -29.35 24.83
C ASN C 177 9.45 -30.63 24.48
N GLU C 178 9.38 -30.94 23.18
CA GLU C 178 8.73 -32.18 22.75
C GLU C 178 9.31 -33.38 23.49
N GLU C 179 10.62 -33.38 23.72
CA GLU C 179 11.28 -34.47 24.42
C GLU C 179 10.69 -34.72 25.82
N ASP C 180 10.09 -33.71 26.45
CA ASP C 180 9.53 -33.87 27.79
C ASP C 180 8.08 -34.34 27.78
N LEU C 181 7.52 -34.64 26.61
CA LEU C 181 6.12 -35.06 26.50
C LEU C 181 5.97 -36.54 26.16
N ASP C 182 7.04 -37.33 26.24
CA ASP C 182 6.94 -38.77 26.05
C ASP C 182 5.79 -39.34 26.88
N ASP C 183 4.83 -39.95 26.19
CA ASP C 183 3.72 -40.69 26.79
C ASP C 183 2.77 -39.82 27.60
N VAL C 184 2.85 -38.50 27.46
CA VAL C 184 1.99 -37.61 28.23
C VAL C 184 0.65 -37.45 27.53
N LYS C 185 -0.43 -37.46 28.31
CA LYS C 185 -1.79 -37.32 27.82
C LYS C 185 -2.23 -35.87 27.84
N ILE C 186 -3.23 -35.58 27.01
CA ILE C 186 -3.82 -34.25 26.98
C ILE C 186 -4.40 -33.90 28.35
N THR C 187 -5.00 -34.88 29.03
CA THR C 187 -5.56 -34.59 30.35
C THR C 187 -4.46 -34.25 31.35
N ASP C 188 -3.21 -34.65 31.09
CA ASP C 188 -2.10 -34.34 31.98
C ASP C 188 -1.64 -32.88 31.92
N VAL C 189 -1.98 -32.13 30.87
CA VAL C 189 -1.44 -30.78 30.70
C VAL C 189 -2.50 -29.71 30.65
N PHE C 190 -3.78 -30.06 30.74
CA PHE C 190 -4.83 -29.06 30.78
C PHE C 190 -5.75 -29.36 31.96
N SER C 191 -6.40 -28.32 32.46
CA SER C 191 -7.28 -28.42 33.61
C SER C 191 -8.71 -28.00 33.23
N ASP C 192 -9.55 -27.79 34.24
CA ASP C 192 -10.99 -27.72 34.01
C ASP C 192 -11.39 -26.54 33.13
N ASP C 193 -10.80 -25.37 33.35
CA ASP C 193 -11.15 -24.21 32.52
C ASP C 193 -11.03 -24.53 31.03
N PHE C 194 -9.92 -25.16 30.65
CA PHE C 194 -9.69 -25.45 29.24
C PHE C 194 -10.72 -26.43 28.70
N PHE C 195 -10.95 -27.52 29.43
CA PHE C 195 -11.90 -28.53 28.98
C PHE C 195 -13.33 -28.04 29.01
N ASN C 196 -13.60 -26.92 29.67
CA ASN C 196 -14.92 -26.32 29.61
C ASN C 196 -15.03 -25.21 28.56
N SER C 197 -13.98 -24.97 27.77
CA SER C 197 -14.02 -23.86 26.82
C SER C 197 -14.66 -24.29 25.50
N ASN C 198 -15.20 -23.31 24.77
CA ASN C 198 -15.61 -23.56 23.39
C ASN C 198 -14.42 -23.98 22.55
N PHE C 199 -13.23 -23.44 22.85
CA PHE C 199 -12.01 -23.81 22.13
C PHE C 199 -11.87 -25.32 22.06
N TRP C 200 -12.01 -25.98 23.21
CA TRP C 200 -11.86 -27.43 23.25
C TRP C 200 -12.95 -28.12 22.45
N ILE C 201 -14.19 -27.60 22.47
CA ILE C 201 -15.23 -28.18 21.61
C ILE C 201 -14.81 -28.12 20.15
N TYR C 202 -14.43 -26.92 19.69
CA TYR C 202 -14.00 -26.79 18.29
C TYR C 202 -12.81 -27.70 18.00
N TRP C 203 -11.82 -27.69 18.89
CA TRP C 203 -10.56 -28.36 18.64
C TRP C 203 -10.71 -29.87 18.57
N LYS C 204 -11.34 -30.46 19.59
CA LYS C 204 -11.38 -31.91 19.72
C LYS C 204 -12.22 -32.54 18.61
N THR C 205 -13.31 -31.86 18.20
CA THR C 205 -14.17 -32.41 17.16
C THR C 205 -13.57 -32.23 15.76
N MET C 206 -12.97 -31.08 15.47
CA MET C 206 -12.49 -30.87 14.11
C MET C 206 -11.28 -31.75 13.81
N PHE C 207 -10.47 -32.06 14.83
CA PHE C 207 -9.30 -32.90 14.62
C PHE C 207 -9.45 -34.31 15.17
N ALA C 208 -10.53 -34.61 15.89
CA ALA C 208 -10.77 -35.91 16.51
C ALA C 208 -9.72 -36.26 17.58
N PHE C 209 -9.43 -35.30 18.47
CA PHE C 209 -8.61 -35.59 19.64
C PHE C 209 -9.48 -36.16 20.76
N GLU C 210 -9.02 -37.24 21.37
CA GLU C 210 -9.64 -37.71 22.60
C GLU C 210 -8.82 -37.24 23.79
N PRO C 211 -9.42 -37.16 24.99
CA PRO C 211 -8.70 -36.60 26.13
C PRO C 211 -7.46 -37.39 26.51
N TRP C 212 -7.42 -38.68 26.22
CA TRP C 212 -6.27 -39.52 26.53
C TRP C 212 -5.22 -39.55 25.41
N HIS C 213 -5.35 -38.69 24.41
CA HIS C 213 -4.45 -38.73 23.27
C HIS C 213 -3.15 -37.98 23.58
N SER C 214 -2.21 -38.08 22.63
CA SER C 214 -0.87 -37.54 22.77
C SER C 214 -0.88 -36.03 22.98
N ALA C 215 -0.35 -35.59 24.12
CA ALA C 215 -0.12 -34.16 24.31
C ALA C 215 0.97 -33.65 23.36
N MET C 216 1.94 -34.51 23.05
CA MET C 216 2.97 -34.15 22.07
C MET C 216 2.34 -33.77 20.73
N GLU C 217 1.40 -34.58 20.25
CA GLU C 217 0.76 -34.27 18.98
C GLU C 217 -0.12 -33.04 19.10
N MET C 218 -0.84 -32.88 20.22
CA MET C 218 -1.65 -31.68 20.37
C MET C 218 -0.78 -30.42 20.28
N ARG C 219 0.39 -30.45 20.92
CA ARG C 219 1.33 -29.34 20.84
C ARG C 219 1.76 -29.08 19.41
N ARG C 220 2.09 -30.14 18.65
CA ARG C 220 2.45 -29.96 17.24
C ARG C 220 1.32 -29.26 16.49
N TYR C 221 0.07 -29.66 16.73
CA TYR C 221 -1.08 -29.04 16.06
C TYR C 221 -1.21 -27.57 16.44
N LEU C 222 -1.05 -27.24 17.72
CA LEU C 222 -1.15 -25.86 18.16
C LEU C 222 -0.16 -24.98 17.42
N MET C 223 1.09 -25.44 17.34
CA MET C 223 2.14 -24.67 16.70
C MET C 223 2.00 -24.72 15.19
N ARG C 224 1.55 -25.85 14.68
CA ARG C 224 1.50 -26.06 13.23
C ARG C 224 0.48 -25.14 12.57
N PHE C 225 -0.65 -24.91 13.22
CA PHE C 225 -1.74 -24.21 12.58
C PHE C 225 -2.02 -22.85 13.20
N VAL C 226 -1.09 -22.33 13.99
CA VAL C 226 -1.36 -21.08 14.72
C VAL C 226 -1.69 -19.95 13.77
N HIS C 227 -1.20 -20.00 12.52
CA HIS C 227 -1.54 -18.95 11.57
C HIS C 227 -3.02 -18.92 11.20
N HIS C 228 -3.77 -19.98 11.48
CA HIS C 228 -5.20 -20.04 11.15
C HIS C 228 -6.10 -19.95 12.38
N ILE C 229 -5.59 -19.44 13.50
CA ILE C 229 -6.41 -19.38 14.70
C ILE C 229 -7.68 -18.55 14.44
N SER C 230 -7.55 -17.50 13.63
CA SER C 230 -8.73 -16.67 13.36
C SER C 230 -9.78 -17.40 12.54
N GLY C 231 -9.43 -18.54 11.96
CA GLY C 231 -10.39 -19.28 11.16
C GLY C 231 -10.77 -20.60 11.79
N LEU C 232 -10.59 -20.75 13.11
CA LEU C 232 -10.87 -22.04 13.73
C LEU C 232 -12.35 -22.21 14.05
N ALA C 233 -13.02 -21.15 14.51
CA ALA C 233 -14.42 -21.30 14.90
C ALA C 233 -15.34 -21.37 13.69
N ASP C 234 -15.03 -20.64 12.62
CA ASP C 234 -15.90 -20.62 11.45
C ASP C 234 -15.35 -21.41 10.26
N PHE C 235 -14.26 -22.14 10.44
CA PHE C 235 -13.70 -22.97 9.37
C PHE C 235 -13.36 -22.17 8.12
N SER C 236 -13.10 -20.87 8.23
CA SER C 236 -12.75 -20.08 7.05
C SER C 236 -11.35 -20.41 6.53
N ALA C 237 -10.54 -21.16 7.29
CA ALA C 237 -9.23 -21.58 6.82
C ALA C 237 -9.24 -22.89 6.03
N LEU C 238 -10.36 -23.61 6.01
CA LEU C 238 -10.43 -24.92 5.39
C LEU C 238 -10.63 -24.80 3.88
N LYS C 239 -10.08 -25.76 3.16
CA LYS C 239 -10.20 -25.85 1.72
C LYS C 239 -10.46 -27.31 1.38
N PHE C 240 -11.34 -27.55 0.41
CA PHE C 240 -11.79 -28.89 0.09
C PHE C 240 -11.68 -29.13 -1.40
N THR C 241 -11.41 -30.39 -1.77
CA THR C 241 -11.40 -30.79 -3.17
C THR C 241 -12.83 -30.82 -3.71
N LYS C 242 -12.94 -30.86 -5.03
CA LYS C 242 -14.24 -30.86 -5.69
C LYS C 242 -15.05 -32.11 -5.35
N TYR C 243 -14.41 -33.27 -5.36
CA TYR C 243 -15.06 -34.55 -5.12
C TYR C 243 -14.39 -35.26 -3.95
N ASN C 244 -14.82 -36.49 -3.70
CA ASN C 244 -14.20 -37.30 -2.67
C ASN C 244 -12.71 -37.48 -2.97
N GLN C 245 -11.95 -37.79 -1.92
CA GLN C 245 -10.51 -37.82 -2.03
C GLN C 245 -10.01 -38.82 -3.06
N TYR C 246 -10.70 -39.96 -3.22
CA TYR C 246 -10.24 -40.90 -4.24
C TYR C 246 -10.30 -40.26 -5.62
N GLU C 247 -11.42 -39.62 -5.95
CA GLU C 247 -11.60 -39.03 -7.26
C GLU C 247 -10.68 -37.83 -7.48
N SER C 248 -10.46 -37.02 -6.44
CA SER C 248 -9.80 -35.72 -6.57
C SER C 248 -8.30 -35.76 -6.33
N LEU C 249 -7.80 -36.70 -5.53
CA LEU C 249 -6.36 -36.77 -5.28
C LEU C 249 -5.74 -38.06 -5.79
N VAL C 250 -6.37 -39.20 -5.49
CA VAL C 250 -5.74 -40.49 -5.78
C VAL C 250 -5.75 -40.75 -7.28
N LEU C 251 -6.93 -40.70 -7.88
CA LEU C 251 -7.07 -40.99 -9.31
C LEU C 251 -6.17 -40.12 -10.18
N PRO C 252 -6.07 -38.81 -9.97
CA PRO C 252 -5.11 -38.02 -10.77
C PRO C 252 -3.67 -38.50 -10.64
N MET C 253 -3.26 -38.89 -9.44
CA MET C 253 -1.92 -39.44 -9.28
C MET C 253 -1.78 -40.77 -10.02
N VAL C 254 -2.77 -41.64 -9.88
CA VAL C 254 -2.71 -42.93 -10.57
C VAL C 254 -2.58 -42.72 -12.06
N GLU C 255 -3.34 -41.77 -12.64
CA GLU C 255 -3.25 -41.55 -14.08
C GLU C 255 -1.88 -41.01 -14.46
N TYR C 256 -1.35 -40.08 -13.67
CA TYR C 256 0.00 -39.59 -13.90
C TYR C 256 0.99 -40.74 -13.93
N LEU C 257 0.92 -41.63 -12.94
CA LEU C 257 1.88 -42.73 -12.83
C LEU C 257 1.73 -43.70 -14.01
N LYS C 258 0.49 -44.09 -14.34
CA LYS C 258 0.29 -45.00 -15.46
C LYS C 258 0.77 -44.36 -16.76
N SER C 259 0.56 -43.05 -16.92
CA SER C 259 1.06 -42.37 -18.11
C SER C 259 2.57 -42.48 -18.23
N HIS C 260 3.26 -42.67 -17.12
CA HIS C 260 4.71 -42.80 -17.14
C HIS C 260 5.18 -44.25 -17.02
N GLY C 261 4.28 -45.22 -17.18
CA GLY C 261 4.69 -46.60 -17.23
C GLY C 261 4.94 -47.27 -15.90
N VAL C 262 4.45 -46.71 -14.79
CA VAL C 262 4.64 -47.33 -13.49
C VAL C 262 3.89 -48.66 -13.46
N GLN C 263 4.47 -49.64 -12.78
CA GLN C 263 3.90 -50.98 -12.70
C GLN C 263 3.03 -51.11 -11.45
N PHE C 264 1.77 -51.48 -11.66
CA PHE C 264 0.86 -51.76 -10.54
C PHE C 264 0.68 -53.28 -10.48
N GLU C 265 0.96 -53.84 -9.31
CA GLU C 265 0.85 -55.28 -9.10
C GLU C 265 -0.21 -55.53 -8.05
N TYR C 266 -1.23 -56.31 -8.41
CA TYR C 266 -2.39 -56.53 -7.55
C TYR C 266 -2.38 -57.93 -6.94
N ASP C 267 -3.13 -58.07 -5.86
CA ASP C 267 -3.21 -59.32 -5.10
C ASP C 267 -1.87 -59.69 -4.48
N VAL C 268 -1.10 -58.68 -4.06
CA VAL C 268 0.20 -58.87 -3.43
C VAL C 268 0.08 -58.43 -1.97
N LYS C 269 0.17 -59.37 -1.05
CA LYS C 269 0.25 -59.05 0.37
C LYS C 269 1.69 -59.24 0.84
N VAL C 270 2.27 -58.20 1.42
CA VAL C 270 3.63 -58.25 1.95
C VAL C 270 3.55 -58.68 3.41
N GLU C 271 4.24 -59.77 3.74
CA GLU C 271 4.22 -60.32 5.09
C GLU C 271 5.44 -59.91 5.91
N ASP C 272 6.59 -59.80 5.26
CA ASP C 272 7.80 -59.41 5.95
C ASP C 272 8.78 -58.87 4.93
N ILE C 273 9.74 -58.11 5.43
CA ILE C 273 10.90 -57.67 4.67
C ILE C 273 12.12 -58.06 5.48
N LYS C 274 12.96 -58.91 4.93
CA LYS C 274 14.16 -59.29 5.65
C LYS C 274 15.18 -58.17 5.47
N ILE C 275 15.65 -57.62 6.59
CA ILE C 275 16.57 -56.49 6.59
C ILE C 275 17.85 -56.93 7.29
N ASP C 276 18.98 -56.73 6.62
CA ASP C 276 20.29 -56.95 7.23
C ASP C 276 20.69 -55.71 8.00
N VAL C 277 20.74 -55.81 9.32
CA VAL C 277 21.07 -54.69 10.20
C VAL C 277 22.47 -54.92 10.75
N THR C 278 23.38 -53.97 10.51
CA THR C 278 24.76 -54.11 10.95
C THR C 278 25.26 -52.78 11.49
N THR C 279 26.53 -52.81 11.90
CA THR C 279 27.12 -51.64 12.55
C THR C 279 27.02 -50.41 11.65
N SER C 280 27.28 -50.57 10.35
CA SER C 280 27.40 -49.44 9.46
C SER C 280 26.29 -49.33 8.41
N GLN C 281 25.35 -50.28 8.36
CA GLN C 281 24.36 -50.31 7.29
C GLN C 281 23.11 -51.02 7.74
N LYS C 282 21.97 -50.55 7.23
CA LYS C 282 20.73 -51.33 7.19
C LYS C 282 20.34 -51.49 5.72
N ILE C 283 20.16 -52.73 5.29
CA ILE C 283 19.90 -53.01 3.88
C ILE C 283 18.75 -53.99 3.77
N ALA C 284 17.70 -53.62 3.04
CA ALA C 284 16.62 -54.55 2.75
C ALA C 284 17.10 -55.56 1.71
N ARG C 285 16.88 -56.86 1.99
CA ARG C 285 17.38 -57.94 1.15
C ARG C 285 16.29 -58.72 0.44
N GLU C 286 15.09 -58.77 0.99
CA GLU C 286 14.06 -59.65 0.46
C GLU C 286 12.69 -59.18 0.91
N ILE C 287 11.76 -59.09 -0.02
CA ILE C 287 10.36 -58.86 0.29
C ILE C 287 9.64 -60.20 0.25
N LEU C 288 9.08 -60.62 1.38
CA LEU C 288 8.34 -61.87 1.47
C LEU C 288 6.85 -61.58 1.26
N ILE C 289 6.28 -62.17 0.20
CA ILE C 289 4.93 -61.80 -0.21
C ILE C 289 4.07 -63.04 -0.40
N ASP C 290 2.77 -62.80 -0.38
CA ASP C 290 1.75 -63.73 -0.82
C ASP C 290 1.14 -63.12 -2.07
N ARG C 291 1.47 -63.69 -3.23
CA ARG C 291 0.94 -63.22 -4.52
C ARG C 291 -0.18 -64.16 -4.92
N ASN C 292 -1.42 -63.77 -4.62
CA ASN C 292 -2.60 -64.57 -4.92
C ASN C 292 -2.43 -66.01 -4.43
N GLY C 293 -2.31 -66.11 -3.11
CA GLY C 293 -2.19 -67.39 -2.44
C GLY C 293 -0.86 -68.09 -2.59
N ASN C 294 0.01 -67.64 -3.50
CA ASN C 294 1.32 -68.26 -3.72
C ASN C 294 2.39 -67.51 -2.93
N ALA C 295 3.06 -68.21 -2.03
CA ALA C 295 4.20 -67.65 -1.31
C ALA C 295 5.34 -67.37 -2.29
N GLU C 296 5.87 -66.15 -2.25
CA GLU C 296 6.98 -65.76 -3.11
C GLU C 296 7.85 -64.75 -2.39
N SER C 297 8.99 -64.46 -2.99
CA SER C 297 9.89 -63.44 -2.47
C SER C 297 10.49 -62.65 -3.60
N ILE C 298 10.58 -61.34 -3.41
CA ILE C 298 11.26 -60.43 -4.32
C ILE C 298 12.64 -60.18 -3.73
N LYS C 299 13.69 -60.57 -4.47
CA LYS C 299 15.06 -60.37 -4.01
C LYS C 299 15.51 -58.94 -4.30
N LEU C 300 16.09 -58.28 -3.30
CA LEU C 300 16.53 -56.90 -3.40
C LEU C 300 18.06 -56.81 -3.40
N THR C 301 18.57 -55.86 -4.19
CA THR C 301 19.93 -55.36 -4.00
C THR C 301 19.85 -53.97 -3.37
N ILE C 302 21.04 -53.45 -3.00
CA ILE C 302 21.09 -52.12 -2.41
C ILE C 302 20.49 -51.07 -3.33
N ASN C 303 20.48 -51.34 -4.64
CA ASN C 303 19.92 -50.40 -5.63
C ASN C 303 18.42 -50.56 -5.83
N ASP C 304 17.75 -51.45 -5.09
CA ASP C 304 16.31 -51.58 -5.13
C ASP C 304 15.75 -50.93 -3.86
N LEU C 305 15.08 -49.78 -4.03
CA LEU C 305 14.49 -49.05 -2.92
C LEU C 305 13.14 -49.64 -2.54
N VAL C 306 12.87 -49.71 -1.24
CA VAL C 306 11.58 -50.18 -0.77
C VAL C 306 11.03 -49.14 0.21
N PHE C 307 9.77 -48.76 0.00
CA PHE C 307 9.10 -47.72 0.78
C PHE C 307 7.94 -48.39 1.51
N VAL C 308 8.01 -48.40 2.84
CA VAL C 308 7.01 -49.06 3.66
C VAL C 308 6.10 -48.02 4.31
N THR C 309 4.80 -48.13 4.09
CA THR C 309 3.82 -47.36 4.87
C THR C 309 3.49 -48.19 6.10
N ASN C 310 4.18 -47.91 7.21
CA ASN C 310 4.08 -48.76 8.39
C ASN C 310 2.83 -48.38 9.17
N GLY C 311 1.96 -49.35 9.40
CA GLY C 311 0.72 -49.11 10.12
C GLY C 311 -0.36 -48.50 9.25
N SER C 312 -1.60 -48.61 9.72
CA SER C 312 -2.74 -48.12 8.94
C SER C 312 -3.92 -47.82 9.86
N ILE C 313 -4.53 -46.65 9.67
CA ILE C 313 -5.74 -46.33 10.44
C ILE C 313 -6.98 -46.98 9.87
N THR C 314 -6.94 -47.49 8.64
CA THR C 314 -8.11 -48.09 8.02
C THR C 314 -8.07 -49.61 8.00
N GLU C 315 -6.94 -50.20 8.38
CA GLU C 315 -6.81 -51.66 8.43
C GLU C 315 -7.92 -52.30 9.26
N SER C 316 -8.38 -53.47 8.82
CA SER C 316 -9.37 -54.27 9.54
C SER C 316 -10.75 -53.59 9.61
N SER C 317 -11.02 -52.59 8.76
CA SER C 317 -12.33 -51.96 8.77
C SER C 317 -13.40 -52.96 8.36
N THR C 318 -14.57 -52.83 8.98
CA THR C 318 -15.75 -53.62 8.62
C THR C 318 -16.89 -52.69 8.29
N TYR C 319 -17.86 -53.20 7.53
CA TYR C 319 -18.97 -52.41 7.02
C TYR C 319 -20.30 -53.04 7.40
N GLY C 320 -21.24 -52.20 7.80
CA GLY C 320 -22.62 -52.60 7.97
C GLY C 320 -23.48 -52.09 6.82
N ASP C 321 -24.76 -51.94 7.08
CA ASP C 321 -25.66 -51.35 6.09
C ASP C 321 -26.83 -50.72 6.83
N ASN C 322 -27.90 -50.35 6.09
CA ASN C 322 -29.00 -49.67 6.75
C ASN C 322 -29.61 -50.49 7.88
N ASP C 323 -29.49 -51.82 7.79
CA ASP C 323 -30.14 -52.70 8.75
C ASP C 323 -29.19 -53.42 9.68
N THR C 324 -27.87 -53.32 9.48
CA THR C 324 -26.97 -54.09 10.33
C THR C 324 -25.77 -53.26 10.76
N PRO C 325 -25.34 -53.41 12.01
CA PRO C 325 -24.14 -52.69 12.46
C PRO C 325 -22.90 -53.21 11.76
N ALA C 326 -21.91 -52.34 11.62
CA ALA C 326 -20.59 -52.79 11.22
C ALA C 326 -20.01 -53.63 12.36
N PRO C 327 -19.68 -54.90 12.13
CA PRO C 327 -19.27 -55.77 13.24
C PRO C 327 -17.95 -55.32 13.86
N PRO C 328 -17.93 -55.04 15.17
CA PRO C 328 -16.66 -54.69 15.82
C PRO C 328 -15.63 -55.80 15.65
N THR C 329 -14.36 -55.39 15.57
CA THR C 329 -13.26 -56.33 15.36
C THR C 329 -12.01 -55.78 16.02
N ASP C 330 -11.10 -56.70 16.37
CA ASP C 330 -9.81 -56.34 16.94
C ASP C 330 -8.66 -56.93 16.13
N GLU C 331 -8.93 -57.37 14.92
CA GLU C 331 -7.93 -58.05 14.10
C GLU C 331 -6.79 -57.11 13.71
N LEU C 332 -5.55 -57.59 13.85
CA LEU C 332 -4.42 -56.94 13.20
C LEU C 332 -4.45 -57.31 11.73
N GLY C 333 -4.42 -56.32 10.85
CA GLY C 333 -4.40 -56.63 9.43
C GLY C 333 -3.00 -56.97 8.98
N GLY C 334 -2.83 -56.99 7.66
CA GLY C 334 -1.50 -57.16 7.11
C GLY C 334 -0.60 -55.99 7.41
N SER C 335 -1.18 -54.79 7.55
CA SER C 335 -0.37 -53.60 7.78
C SER C 335 0.31 -53.65 9.14
N TRP C 336 -0.47 -53.92 10.19
CA TRP C 336 0.11 -53.95 11.53
C TRP C 336 1.00 -55.17 11.71
N THR C 337 0.64 -56.30 11.10
CA THR C 337 1.51 -57.47 11.15
C THR C 337 2.86 -57.19 10.51
N LEU C 338 2.87 -56.48 9.38
CA LEU C 338 4.14 -56.18 8.73
C LEU C 338 5.02 -55.31 9.63
N TRP C 339 4.45 -54.22 10.19
CA TRP C 339 5.24 -53.35 11.03
C TRP C 339 5.78 -54.10 12.25
N LYS C 340 4.96 -54.98 12.84
CA LYS C 340 5.46 -55.79 13.94
C LYS C 340 6.61 -56.68 13.50
N ASN C 341 6.51 -57.27 12.30
CA ASN C 341 7.60 -58.12 11.82
C ASN C 341 8.87 -57.31 11.57
N LEU C 342 8.75 -56.06 11.12
CA LEU C 342 9.92 -55.21 10.95
C LEU C 342 10.48 -54.75 12.29
N ALA C 343 9.61 -54.43 13.24
CA ALA C 343 10.07 -53.92 14.53
C ALA C 343 10.94 -54.93 15.27
N ARG C 344 10.72 -56.23 15.05
CA ARG C 344 11.54 -57.24 15.71
C ARG C 344 12.98 -57.22 15.22
N GLN C 345 13.26 -56.62 14.08
CA GLN C 345 14.61 -56.66 13.53
C GLN C 345 15.46 -55.48 13.95
N SER C 346 14.89 -54.45 14.59
CA SER C 346 15.66 -53.29 15.02
C SER C 346 14.80 -52.33 15.84
N PRO C 347 15.29 -51.87 17.00
CA PRO C 347 14.53 -50.86 17.76
C PRO C 347 14.37 -49.55 17.02
N GLU C 348 15.19 -49.30 16.00
CA GLU C 348 15.05 -48.10 15.19
C GLU C 348 13.89 -48.16 14.21
N PHE C 349 13.18 -49.28 14.14
CA PHE C 349 12.04 -49.40 13.26
C PHE C 349 10.72 -49.15 13.99
N GLY C 350 10.78 -48.68 15.24
CA GLY C 350 9.59 -48.23 15.93
C GLY C 350 8.93 -49.30 16.78
N ASN C 351 7.85 -48.87 17.43
CA ASN C 351 7.08 -49.68 18.38
C ASN C 351 5.61 -49.67 17.96
N PRO C 352 5.23 -50.54 17.04
CA PRO C 352 3.84 -50.51 16.57
C PRO C 352 2.82 -50.72 17.67
N ASP C 353 3.14 -51.50 18.71
CA ASP C 353 2.19 -51.78 19.78
C ASP C 353 1.74 -50.53 20.52
N LYS C 354 2.54 -49.47 20.51
CA LYS C 354 2.09 -48.23 21.15
C LYS C 354 0.84 -47.68 20.46
N PHE C 355 0.64 -48.00 19.19
CA PHE C 355 -0.46 -47.42 18.42
C PHE C 355 -1.60 -48.39 18.16
N CYS C 356 -1.35 -49.70 18.07
CA CYS C 356 -2.40 -50.65 17.71
C CYS C 356 -2.89 -51.52 18.86
N GLN C 357 -2.35 -51.38 20.08
CA GLN C 357 -2.82 -52.12 21.23
C GLN C 357 -3.34 -51.17 22.29
N ASN C 358 -4.18 -51.69 23.18
CA ASN C 358 -4.67 -50.91 24.33
C ASN C 358 -5.44 -49.67 23.91
N ILE C 359 -6.14 -49.74 22.78
CA ILE C 359 -6.97 -48.62 22.33
C ILE C 359 -8.25 -48.64 23.15
N PRO C 360 -8.53 -47.59 23.93
CA PRO C 360 -9.71 -47.61 24.82
C PRO C 360 -11.01 -47.88 24.07
N LYS C 361 -11.91 -48.62 24.73
CA LYS C 361 -13.18 -48.94 24.10
C LYS C 361 -14.11 -47.75 23.96
N LYS C 362 -13.85 -46.64 24.64
CA LYS C 362 -14.61 -45.42 24.41
C LYS C 362 -14.18 -44.69 23.14
N SER C 363 -13.08 -45.11 22.52
CA SER C 363 -12.52 -44.41 21.36
C SER C 363 -13.49 -44.39 20.18
N TRP C 364 -13.36 -43.35 19.36
CA TRP C 364 -14.00 -43.33 18.04
C TRP C 364 -13.68 -44.61 17.28
N PHE C 365 -14.73 -45.31 16.85
CA PHE C 365 -14.60 -46.47 15.98
C PHE C 365 -15.48 -46.32 14.75
N VAL C 366 -16.65 -45.70 14.91
CA VAL C 366 -17.71 -45.78 13.91
C VAL C 366 -17.88 -44.43 13.22
N SER C 367 -17.95 -44.48 11.89
CA SER C 367 -18.40 -43.38 11.05
C SER C 367 -19.51 -43.93 10.18
N ALA C 368 -20.36 -43.04 9.66
CA ALA C 368 -21.45 -43.49 8.81
C ALA C 368 -21.71 -42.45 7.74
N THR C 369 -22.06 -42.92 6.56
CA THR C 369 -22.45 -42.06 5.44
C THR C 369 -23.93 -42.28 5.18
N SER C 370 -24.73 -41.22 5.34
CA SER C 370 -26.19 -41.29 5.22
C SER C 370 -26.60 -40.54 3.97
N THR C 371 -27.19 -41.25 3.01
CA THR C 371 -27.55 -40.69 1.73
C THR C 371 -29.06 -40.60 1.60
N THR C 372 -29.56 -39.47 1.08
CA THR C 372 -30.99 -39.28 0.95
C THR C 372 -31.29 -38.28 -0.17
N ASN C 373 -32.46 -38.43 -0.78
CA ASN C 373 -33.04 -37.38 -1.61
C ASN C 373 -34.30 -36.80 -0.98
N ASN C 374 -34.56 -37.09 0.30
CA ASN C 374 -35.81 -36.71 0.94
C ASN C 374 -35.81 -35.23 1.30
N LYS C 375 -36.88 -34.52 0.90
CA LYS C 375 -36.89 -33.07 1.06
C LYS C 375 -37.05 -32.63 2.51
N GLU C 376 -37.74 -33.41 3.35
CA GLU C 376 -37.85 -33.02 4.76
C GLU C 376 -36.50 -33.06 5.47
N ILE C 377 -35.68 -34.07 5.17
CA ILE C 377 -34.36 -34.11 5.78
C ILE C 377 -33.50 -32.98 5.25
N ILE C 378 -33.50 -32.78 3.93
CA ILE C 378 -32.66 -31.76 3.32
C ILE C 378 -33.09 -30.36 3.76
N ASP C 379 -34.41 -30.11 3.82
CA ASP C 379 -34.91 -28.83 4.31
C ASP C 379 -34.55 -28.62 5.78
N THR C 380 -34.56 -29.69 6.57
CA THR C 380 -34.13 -29.54 7.96
C THR C 380 -32.66 -29.13 8.04
N ILE C 381 -31.82 -29.75 7.23
CA ILE C 381 -30.40 -29.38 7.19
C ILE C 381 -30.24 -27.94 6.73
N GLU C 382 -30.98 -27.54 5.70
CA GLU C 382 -30.91 -26.17 5.23
C GLU C 382 -31.25 -25.17 6.34
N SER C 383 -32.25 -25.48 7.16
CA SER C 383 -32.65 -24.53 8.20
C SER C 383 -31.57 -24.38 9.26
N ILE C 384 -30.72 -25.39 9.42
CA ILE C 384 -29.63 -25.32 10.39
C ILE C 384 -28.38 -24.70 9.77
N CYS C 385 -27.89 -25.23 8.66
CA CYS C 385 -26.65 -24.69 8.11
C CYS C 385 -26.83 -23.44 7.27
N LYS C 386 -28.06 -23.12 6.87
CA LYS C 386 -28.43 -21.85 6.23
C LYS C 386 -28.11 -21.82 4.75
N ARG C 387 -27.77 -22.96 4.14
CA ARG C 387 -27.49 -23.04 2.72
C ARG C 387 -28.21 -24.24 2.14
N ASP C 388 -28.54 -24.16 0.86
CA ASP C 388 -29.20 -25.26 0.16
C ASP C 388 -28.23 -26.41 -0.06
N PRO C 389 -28.42 -27.58 0.57
CA PRO C 389 -27.47 -28.69 0.37
C PRO C 389 -27.34 -29.12 -1.08
N LEU C 390 -28.37 -28.93 -1.91
CA LEU C 390 -28.34 -29.41 -3.28
C LEU C 390 -27.82 -28.38 -4.29
N ALA C 391 -27.37 -27.21 -3.84
CA ALA C 391 -26.96 -26.18 -4.79
C ALA C 391 -25.62 -26.47 -5.45
N GLY C 392 -24.80 -27.37 -4.90
CA GLY C 392 -23.50 -27.66 -5.49
C GLY C 392 -22.36 -26.87 -4.90
N LYS C 393 -22.61 -26.01 -3.91
CA LYS C 393 -21.56 -25.26 -3.25
C LYS C 393 -21.45 -25.72 -1.81
N THR C 394 -20.61 -25.02 -1.03
CA THR C 394 -20.46 -25.31 0.38
C THR C 394 -21.83 -25.48 1.04
N VAL C 395 -21.92 -26.44 1.98
CA VAL C 395 -23.18 -26.71 2.67
C VAL C 395 -23.00 -26.43 4.16
N THR C 396 -22.35 -27.32 4.89
CA THR C 396 -22.04 -27.06 6.29
C THR C 396 -20.69 -26.38 6.48
N GLY C 397 -19.82 -26.41 5.47
CA GLY C 397 -18.50 -25.81 5.60
C GLY C 397 -17.57 -26.56 6.53
N GLY C 398 -17.76 -27.86 6.69
CA GLY C 398 -17.12 -28.63 7.73
C GLY C 398 -18.14 -29.12 8.75
N ILE C 399 -17.65 -29.86 9.74
CA ILE C 399 -18.56 -30.54 10.65
C ILE C 399 -19.41 -29.53 11.42
N ILE C 400 -20.62 -29.94 11.72
CA ILE C 400 -21.45 -29.36 12.77
C ILE C 400 -21.38 -30.30 13.96
N THR C 401 -21.07 -29.75 15.14
CA THR C 401 -20.96 -30.54 16.34
C THR C 401 -22.25 -30.43 17.15
N ILE C 402 -22.77 -31.58 17.59
CA ILE C 402 -23.92 -31.63 18.49
C ILE C 402 -23.34 -31.69 19.90
N ASN C 403 -23.29 -30.53 20.56
CA ASN C 403 -22.48 -30.42 21.77
C ASN C 403 -23.05 -31.25 22.92
N ASP C 404 -24.37 -31.44 22.98
CA ASP C 404 -24.98 -32.16 24.08
C ASP C 404 -25.39 -33.57 23.69
N SER C 405 -24.73 -34.17 22.70
CA SER C 405 -24.99 -35.55 22.33
C SER C 405 -24.16 -36.49 23.21
N ALA C 406 -24.81 -37.55 23.70
CA ALA C 406 -24.09 -38.55 24.49
C ALA C 406 -22.92 -39.14 23.71
N TRP C 407 -23.13 -39.43 22.43
CA TRP C 407 -22.07 -39.97 21.57
C TRP C 407 -21.00 -38.94 21.25
N GLN C 408 -21.23 -37.67 21.55
CA GLN C 408 -20.38 -36.59 21.09
C GLN C 408 -20.16 -36.70 19.58
N MET C 409 -21.26 -36.61 18.85
CA MET C 409 -21.23 -36.78 17.42
C MET C 409 -21.22 -35.44 16.70
N SER C 410 -20.59 -35.46 15.52
CA SER C 410 -20.56 -34.35 14.58
C SER C 410 -20.89 -34.90 13.20
N PHE C 411 -21.24 -34.01 12.29
CA PHE C 411 -21.57 -34.44 10.93
C PHE C 411 -21.22 -33.31 9.98
N THR C 412 -20.89 -33.68 8.74
CA THR C 412 -20.57 -32.68 7.75
C THR C 412 -21.24 -33.06 6.44
N ILE C 413 -21.53 -32.04 5.65
CA ILE C 413 -22.02 -32.19 4.29
C ILE C 413 -21.15 -31.31 3.41
N ASN C 414 -20.29 -31.95 2.61
CA ASN C 414 -19.42 -31.23 1.69
C ASN C 414 -20.21 -30.74 0.48
N ARG C 415 -19.53 -30.05 -0.43
CA ARG C 415 -20.14 -29.72 -1.72
C ARG C 415 -20.75 -30.96 -2.36
N GLN C 416 -22.00 -30.85 -2.80
CA GLN C 416 -22.75 -32.01 -3.31
C GLN C 416 -22.88 -31.92 -4.83
N GLN C 417 -22.74 -33.05 -5.53
CA GLN C 417 -22.48 -34.37 -4.95
C GLN C 417 -20.98 -34.67 -4.88
N GLN C 418 -20.58 -35.52 -3.94
CA GLN C 418 -19.17 -35.87 -3.79
C GLN C 418 -18.74 -37.02 -4.67
N PHE C 419 -19.69 -37.67 -5.36
CA PHE C 419 -19.42 -38.80 -6.23
C PHE C 419 -19.93 -38.49 -7.64
N LYS C 420 -19.12 -38.78 -8.65
CA LYS C 420 -19.47 -38.37 -10.00
C LYS C 420 -20.67 -39.13 -10.57
N ASP C 421 -20.96 -40.33 -10.07
CA ASP C 421 -22.10 -41.14 -10.53
C ASP C 421 -23.37 -40.88 -9.73
N GLN C 422 -23.34 -39.98 -8.76
CA GLN C 422 -24.49 -39.86 -7.86
C GLN C 422 -25.56 -38.94 -8.46
N PRO C 423 -26.83 -39.26 -8.24
CA PRO C 423 -27.91 -38.43 -8.78
C PRO C 423 -27.86 -37.02 -8.21
N GLU C 424 -28.32 -36.07 -9.02
CA GLU C 424 -28.24 -34.65 -8.67
C GLU C 424 -29.23 -34.23 -7.59
N ASN C 425 -30.17 -35.09 -7.20
CA ASN C 425 -31.13 -34.73 -6.17
C ASN C 425 -30.82 -35.39 -4.82
N GLU C 426 -29.63 -35.97 -4.65
CA GLU C 426 -29.24 -36.64 -3.43
C GLU C 426 -28.11 -35.90 -2.73
N ILE C 427 -28.08 -36.01 -1.40
CA ILE C 427 -26.93 -35.62 -0.62
C ILE C 427 -26.40 -36.85 0.12
N SER C 428 -25.13 -36.79 0.49
CA SER C 428 -24.50 -37.75 1.38
C SER C 428 -23.89 -36.99 2.55
N THR C 429 -24.31 -37.36 3.77
CA THR C 429 -23.86 -36.76 5.01
C THR C 429 -22.90 -37.71 5.71
N TRP C 430 -21.78 -37.18 6.20
CA TRP C 430 -20.81 -37.96 6.97
C TRP C 430 -20.98 -37.67 8.45
N ILE C 431 -21.06 -38.73 9.25
CA ILE C 431 -21.38 -38.67 10.67
C ILE C 431 -20.32 -39.46 11.42
N TYR C 432 -19.85 -38.92 12.55
CA TYR C 432 -18.96 -39.72 13.40
C TYR C 432 -19.23 -39.39 14.86
N ALA C 433 -18.81 -40.31 15.72
CA ALA C 433 -19.05 -40.22 17.16
C ALA C 433 -17.73 -40.38 17.88
N LEU C 434 -17.39 -39.39 18.71
CA LEU C 434 -16.13 -39.49 19.45
C LEU C 434 -16.19 -40.56 20.55
N TYR C 435 -17.38 -40.86 21.08
CA TYR C 435 -17.53 -41.80 22.21
C TYR C 435 -18.29 -43.02 21.73
N SER C 436 -17.72 -44.22 21.90
CA SER C 436 -18.27 -45.43 21.33
C SER C 436 -18.97 -46.35 22.31
N ASP C 437 -18.91 -46.08 23.62
CA ASP C 437 -19.45 -47.02 24.59
C ASP C 437 -20.51 -46.38 25.48
N VAL C 438 -21.25 -45.41 24.91
CA VAL C 438 -22.22 -44.63 25.67
C VAL C 438 -23.56 -44.72 24.97
N ASN C 439 -24.63 -44.95 25.72
CA ASN C 439 -25.96 -45.02 25.14
C ASN C 439 -26.32 -43.67 24.51
N GLY C 440 -26.96 -43.73 23.35
CA GLY C 440 -27.41 -42.52 22.68
C GLY C 440 -28.52 -41.85 23.47
N ASP C 441 -28.88 -40.65 23.01
CA ASP C 441 -29.97 -39.90 23.65
C ASP C 441 -31.34 -40.31 23.12
N TYR C 442 -31.42 -40.76 21.87
CA TYR C 442 -32.67 -41.22 21.30
C TYR C 442 -32.65 -42.72 21.07
N ILE C 443 -31.59 -43.23 20.47
CA ILE C 443 -31.34 -44.67 20.39
C ILE C 443 -30.45 -45.01 21.58
N LYS C 444 -31.05 -45.62 22.60
CA LYS C 444 -30.38 -45.85 23.87
C LYS C 444 -29.40 -47.02 23.80
N LYS C 445 -28.51 -47.00 22.83
CA LYS C 445 -27.49 -48.02 22.63
C LYS C 445 -26.19 -47.34 22.30
N PRO C 446 -25.04 -47.97 22.57
CA PRO C 446 -23.78 -47.47 22.04
C PRO C 446 -23.76 -47.57 20.54
N ILE C 447 -22.97 -46.68 19.91
CA ILE C 447 -22.99 -46.61 18.45
C ILE C 447 -22.50 -47.91 17.84
N THR C 448 -21.59 -48.61 18.52
CA THR C 448 -21.08 -49.86 17.97
C THR C 448 -22.15 -50.94 17.87
N GLU C 449 -23.29 -50.76 18.53
CA GLU C 449 -24.37 -51.72 18.43
C GLU C 449 -25.47 -51.27 17.46
N CYS C 450 -25.22 -50.20 16.70
CA CYS C 450 -26.28 -49.55 15.92
C CYS C 450 -26.17 -49.85 14.44
N SER C 451 -27.32 -50.18 13.84
CA SER C 451 -27.38 -50.29 12.39
C SER C 451 -27.24 -48.91 11.76
N GLY C 452 -27.07 -48.91 10.44
CA GLY C 452 -27.06 -47.64 9.73
C GLY C 452 -28.28 -46.79 10.04
N ASN C 453 -29.48 -47.41 10.02
CA ASN C 453 -30.68 -46.59 10.23
C ASN C 453 -30.78 -46.09 11.66
N GLU C 454 -30.21 -46.82 12.63
CA GLU C 454 -30.24 -46.35 14.01
C GLU C 454 -29.30 -45.16 14.23
N ILE C 455 -28.13 -45.18 13.61
CA ILE C 455 -27.27 -43.99 13.68
C ILE C 455 -27.98 -42.80 13.04
N CYS C 456 -28.64 -43.02 11.92
CA CYS C 456 -29.36 -41.94 11.26
C CYS C 456 -30.48 -41.41 12.16
N GLN C 457 -31.16 -42.31 12.89
CA GLN C 457 -32.25 -41.88 13.78
C GLN C 457 -31.73 -40.97 14.90
N GLU C 458 -30.64 -41.38 15.56
CA GLU C 458 -30.01 -40.54 16.58
C GLU C 458 -29.62 -39.18 16.01
N TRP C 459 -29.07 -39.16 14.79
CA TRP C 459 -28.69 -37.92 14.16
C TRP C 459 -29.90 -37.03 13.88
N LEU C 460 -30.94 -37.60 13.25
CA LEU C 460 -32.18 -36.85 12.98
C LEU C 460 -32.80 -36.31 14.26
N TYR C 461 -32.75 -37.06 15.35
CA TYR C 461 -33.22 -36.55 16.62
C TYR C 461 -32.51 -35.25 16.97
N HIS C 462 -31.18 -35.24 16.91
CA HIS C 462 -30.42 -34.04 17.26
C HIS C 462 -30.55 -32.92 16.23
N LEU C 463 -31.09 -33.19 15.04
CA LEU C 463 -31.39 -32.12 14.12
C LEU C 463 -32.71 -31.43 14.43
N GLY C 464 -33.50 -31.96 15.35
CA GLY C 464 -34.81 -31.42 15.64
C GLY C 464 -35.93 -31.95 14.80
N VAL C 465 -35.74 -33.06 14.08
CA VAL C 465 -36.84 -33.70 13.38
C VAL C 465 -37.85 -34.20 14.40
N SER C 466 -39.13 -34.05 14.10
CA SER C 466 -40.13 -34.45 15.07
C SER C 466 -40.09 -35.95 15.25
N THR C 467 -40.11 -36.40 16.52
CA THR C 467 -39.87 -37.81 16.80
C THR C 467 -40.83 -38.72 16.05
N ASP C 468 -42.00 -38.21 15.70
CA ASP C 468 -42.98 -39.05 14.99
C ASP C 468 -42.54 -39.42 13.58
N LYS C 469 -41.64 -38.66 12.96
CA LYS C 469 -41.16 -38.92 11.61
C LYS C 469 -39.81 -39.60 11.57
N ILE C 470 -39.09 -39.66 12.69
CA ILE C 470 -37.67 -40.04 12.65
C ILE C 470 -37.51 -41.45 12.10
N GLU C 471 -38.29 -42.40 12.61
CA GLU C 471 -38.05 -43.79 12.23
C GLU C 471 -38.25 -44.00 10.73
N ASP C 472 -39.33 -43.43 10.17
CA ASP C 472 -39.60 -43.60 8.74
C ASP C 472 -38.56 -42.89 7.89
N LEU C 473 -38.14 -41.69 8.30
CA LEU C 473 -37.14 -40.96 7.50
C LEU C 473 -35.79 -41.68 7.52
N ALA C 474 -35.43 -42.31 8.64
CA ALA C 474 -34.17 -43.04 8.70
C ALA C 474 -34.24 -44.36 7.93
N LYS C 475 -35.34 -45.10 8.08
CA LYS C 475 -35.41 -46.45 7.51
C LYS C 475 -35.81 -46.44 6.06
N HIS C 476 -36.75 -45.59 5.66
CA HIS C 476 -37.30 -45.67 4.33
C HIS C 476 -36.83 -44.56 3.40
N ALA C 477 -36.52 -43.38 3.93
CA ALA C 477 -36.11 -42.28 3.08
C ALA C 477 -34.60 -42.08 3.04
N SER C 478 -33.83 -42.87 3.78
CA SER C 478 -32.36 -42.72 3.79
C SER C 478 -31.69 -44.08 3.69
N ASN C 479 -30.46 -44.07 3.20
CA ASN C 479 -29.59 -45.24 3.22
C ASN C 479 -28.29 -44.85 3.91
N THR C 480 -28.02 -45.46 5.06
CA THR C 480 -26.89 -45.11 5.89
C THR C 480 -25.97 -46.32 6.03
N ILE C 481 -24.69 -46.14 5.72
CA ILE C 481 -23.71 -47.22 5.75
C ILE C 481 -22.73 -46.94 6.90
N PRO C 482 -22.72 -47.76 7.95
CA PRO C 482 -21.72 -47.58 9.00
C PRO C 482 -20.46 -48.35 8.69
N VAL C 483 -19.34 -47.78 9.17
CA VAL C 483 -18.01 -48.40 9.09
C VAL C 483 -17.45 -48.48 10.51
N TYR C 484 -16.88 -49.62 10.86
CA TYR C 484 -16.18 -49.79 12.12
C TYR C 484 -14.70 -49.90 11.82
N MET C 485 -13.91 -49.02 12.41
CA MET C 485 -12.49 -48.90 12.10
C MET C 485 -11.71 -49.02 13.41
N PRO C 486 -11.15 -50.20 13.70
CA PRO C 486 -10.48 -50.37 14.99
C PRO C 486 -9.37 -49.38 15.25
N TYR C 487 -8.69 -48.90 14.21
CA TYR C 487 -7.47 -48.11 14.35
C TYR C 487 -7.64 -46.65 13.96
N ILE C 488 -8.87 -46.16 13.85
CA ILE C 488 -9.05 -44.82 13.30
C ILE C 488 -8.43 -43.74 14.20
N THR C 489 -8.31 -43.99 15.50
CA THR C 489 -7.65 -43.04 16.41
C THR C 489 -6.18 -43.35 16.63
N SER C 490 -5.61 -44.29 15.88
CA SER C 490 -4.27 -44.79 16.21
C SER C 490 -3.17 -43.76 16.02
N TYR C 491 -3.34 -42.79 15.10
CA TYR C 491 -2.29 -41.80 14.87
C TYR C 491 -1.96 -41.02 16.14
N PHE C 492 -2.96 -40.83 17.01
CA PHE C 492 -2.90 -39.88 18.12
C PHE C 492 -2.59 -40.55 19.45
N MET C 493 -2.39 -41.85 19.49
CA MET C 493 -2.09 -42.53 20.74
C MET C 493 -0.82 -41.94 21.36
N THR C 494 -0.81 -41.85 22.70
CA THR C 494 0.36 -41.33 23.41
C THR C 494 1.60 -42.09 22.99
N ARG C 495 2.68 -41.35 22.74
CA ARG C 495 3.88 -41.91 22.16
C ARG C 495 5.11 -41.28 22.78
N ALA C 496 6.23 -41.98 22.64
CA ALA C 496 7.54 -41.48 23.04
C ALA C 496 8.42 -41.35 21.81
N ILE C 497 9.38 -40.42 21.88
CA ILE C 497 10.38 -40.30 20.83
C ILE C 497 11.02 -41.67 20.63
N GLY C 498 11.07 -42.12 19.38
CA GLY C 498 11.55 -43.44 19.05
C GLY C 498 10.46 -44.47 18.78
N ASP C 499 9.22 -44.19 19.17
CA ASP C 499 8.13 -45.11 18.82
C ASP C 499 7.85 -45.10 17.31
N ARG C 500 8.13 -44.01 16.63
CA ARG C 500 7.95 -43.96 15.18
C ARG C 500 9.32 -44.04 14.49
N PRO C 501 9.50 -44.85 13.45
CA PRO C 501 10.81 -44.86 12.79
C PRO C 501 11.02 -43.57 12.00
N LEU C 502 12.28 -43.15 11.91
CA LEU C 502 12.63 -42.08 11.00
C LEU C 502 12.26 -42.46 9.57
N VAL C 503 11.91 -41.45 8.77
CA VAL C 503 11.60 -41.68 7.37
C VAL C 503 12.72 -42.50 6.72
N VAL C 504 13.96 -42.11 6.94
CA VAL C 504 15.10 -42.96 6.57
C VAL C 504 15.89 -43.24 7.83
N PRO C 505 15.75 -44.44 8.42
CA PRO C 505 16.50 -44.75 9.64
C PRO C 505 18.00 -44.56 9.43
N HIS C 506 18.70 -44.30 10.53
CA HIS C 506 20.14 -44.06 10.46
C HIS C 506 20.85 -45.22 9.77
N GLN C 507 21.65 -44.89 8.76
CA GLN C 507 22.45 -45.83 7.97
C GLN C 507 21.61 -46.73 7.08
N SER C 508 20.31 -46.44 6.92
CA SER C 508 19.50 -47.19 5.97
C SER C 508 19.94 -46.87 4.54
N GLN C 509 20.19 -47.91 3.75
CA GLN C 509 20.69 -47.72 2.39
C GLN C 509 19.57 -47.72 1.35
N ASN C 510 18.54 -48.55 1.54
CA ASN C 510 17.51 -48.69 0.51
C ASN C 510 16.13 -48.86 1.11
N LEU C 511 15.91 -48.42 2.34
CA LEU C 511 14.64 -48.63 3.03
C LEU C 511 14.16 -47.35 3.67
N ALA C 512 12.90 -47.00 3.42
CA ALA C 512 12.29 -45.84 4.03
C ALA C 512 10.91 -46.19 4.57
N PHE C 513 10.50 -45.44 5.58
CA PHE C 513 9.17 -45.53 6.17
C PHE C 513 8.42 -44.25 5.85
N ILE C 514 7.21 -44.38 5.34
CA ILE C 514 6.45 -43.19 4.95
C ILE C 514 5.04 -43.32 5.53
N GLY C 515 4.30 -42.22 5.47
CA GLY C 515 2.96 -42.18 6.04
C GLY C 515 2.97 -41.58 7.43
N ASN C 516 1.80 -41.67 8.07
CA ASN C 516 1.53 -40.94 9.31
C ASN C 516 1.96 -41.69 10.58
N PHE C 517 2.67 -42.82 10.45
CA PHE C 517 3.37 -43.42 11.59
C PHE C 517 4.88 -43.36 11.41
N ALA C 518 5.39 -42.59 10.47
CA ALA C 518 6.81 -42.31 10.37
C ALA C 518 7.11 -40.96 11.02
N GLU C 519 8.37 -40.74 11.36
CA GLU C 519 8.80 -39.60 12.16
C GLU C 519 9.49 -38.53 11.32
N THR C 520 9.01 -37.29 11.40
CA THR C 520 9.73 -36.14 10.88
C THR C 520 9.45 -34.98 11.80
N GLU C 521 10.28 -33.93 11.71
CA GLU C 521 10.17 -32.83 12.66
C GLU C 521 8.91 -31.99 12.42
N ARG C 522 8.30 -31.56 13.53
CA ARG C 522 7.28 -30.52 13.64
C ARG C 522 5.92 -30.80 13.00
N ASP C 523 5.86 -31.53 11.90
CA ASP C 523 4.60 -31.61 11.15
C ASP C 523 3.60 -32.53 11.85
N THR C 524 2.32 -32.35 11.47
CA THR C 524 1.19 -32.96 12.18
C THR C 524 0.64 -34.16 11.41
N VAL C 525 0.41 -35.27 12.13
CA VAL C 525 -0.13 -36.47 11.49
C VAL C 525 -1.65 -36.36 11.39
N PHE C 526 -2.27 -37.35 10.76
CA PHE C 526 -3.67 -37.30 10.37
C PHE C 526 -3.91 -36.16 9.38
N THR C 527 -2.93 -35.85 8.54
CA THR C 527 -3.10 -34.90 7.45
C THR C 527 -2.51 -35.48 6.17
N THR C 528 -3.11 -35.14 5.03
CA THR C 528 -2.53 -35.58 3.77
C THR C 528 -1.16 -34.95 3.54
N GLU C 529 -0.93 -33.75 4.09
CA GLU C 529 0.38 -33.11 3.97
C GLU C 529 1.47 -34.01 4.57
N TYR C 530 1.19 -34.62 5.72
CA TYR C 530 2.21 -35.45 6.36
C TYR C 530 2.55 -36.64 5.48
N SER C 531 1.55 -37.25 4.84
CA SER C 531 1.81 -38.32 3.88
C SER C 531 2.73 -37.89 2.75
N VAL C 532 2.46 -36.72 2.14
CA VAL C 532 3.29 -36.27 1.02
C VAL C 532 4.67 -35.85 1.50
N ARG C 533 4.75 -35.18 2.66
CA ARG C 533 6.05 -34.78 3.18
C ARG C 533 6.96 -36.00 3.39
N THR C 534 6.45 -37.05 4.04
CA THR C 534 7.31 -38.20 4.28
C THR C 534 7.71 -38.86 2.96
N ALA C 535 6.80 -38.90 1.99
CA ALA C 535 7.14 -39.45 0.67
C ALA C 535 8.28 -38.66 0.03
N MET C 536 8.19 -37.34 0.10
CA MET C 536 9.20 -36.48 -0.51
C MET C 536 10.54 -36.65 0.19
N GLU C 537 10.53 -36.63 1.53
CA GLU C 537 11.77 -36.77 2.30
C GLU C 537 12.38 -38.15 2.08
N ALA C 538 11.55 -39.19 1.93
CA ALA C 538 12.06 -40.53 1.68
C ALA C 538 12.77 -40.60 0.34
N VAL C 539 12.10 -40.15 -0.72
CA VAL C 539 12.68 -40.19 -2.06
C VAL C 539 13.93 -39.32 -2.14
N TYR C 540 13.87 -38.10 -1.59
CA TYR C 540 14.99 -37.18 -1.68
C TYR C 540 16.20 -37.72 -0.94
N GLN C 541 16.00 -38.33 0.23
CA GLN C 541 17.14 -38.87 0.98
C GLN C 541 17.71 -40.11 0.30
N LEU C 542 16.85 -41.04 -0.12
CA LEU C 542 17.38 -42.29 -0.66
C LEU C 542 18.08 -42.07 -2.00
N LEU C 543 17.62 -41.12 -2.80
CA LEU C 543 18.28 -40.86 -4.09
C LEU C 543 19.26 -39.69 -4.02
N ASN C 544 19.39 -39.05 -2.87
CA ASN C 544 20.28 -37.89 -2.71
C ASN C 544 19.98 -36.79 -3.73
N ILE C 545 18.71 -36.39 -3.78
CA ILE C 545 18.26 -35.38 -4.73
C ILE C 545 18.69 -34.01 -4.21
N ASP C 546 19.28 -33.20 -5.09
CA ASP C 546 19.90 -31.95 -4.70
C ASP C 546 18.92 -30.78 -4.93
N ARG C 547 17.94 -30.73 -4.03
CA ARG C 547 16.94 -29.66 -3.99
C ARG C 547 16.38 -29.64 -2.58
N GLY C 548 16.01 -28.45 -2.13
CA GLY C 548 15.48 -28.33 -0.78
C GLY C 548 14.07 -28.85 -0.64
N ILE C 549 13.79 -29.39 0.54
CA ILE C 549 12.44 -29.78 0.95
C ILE C 549 11.86 -28.61 1.74
N PRO C 550 10.64 -28.15 1.42
CA PRO C 550 10.09 -27.01 2.17
C PRO C 550 9.87 -27.38 3.63
N GLU C 551 10.37 -26.53 4.52
CA GLU C 551 10.16 -26.73 5.94
C GLU C 551 8.67 -26.60 6.28
N VAL C 552 8.28 -27.23 7.37
CA VAL C 552 6.98 -26.91 7.96
C VAL C 552 6.90 -25.40 8.09
N ILE C 553 5.76 -24.82 7.69
CA ILE C 553 5.64 -23.37 7.60
C ILE C 553 6.07 -22.70 8.91
N ASN C 554 6.80 -21.58 8.80
CA ASN C 554 7.46 -20.93 9.93
C ASN C 554 6.52 -20.12 10.83
N SER C 555 5.23 -20.40 10.82
CA SER C 555 4.28 -19.50 11.47
C SER C 555 4.47 -19.39 12.99
N PRO C 556 4.84 -20.43 13.73
CA PRO C 556 5.04 -20.25 15.18
C PRO C 556 6.26 -19.42 15.53
N PHE C 557 7.16 -19.14 14.57
CA PHE C 557 8.30 -18.27 14.81
C PHE C 557 8.06 -16.85 14.31
N ASP C 558 6.88 -16.58 13.74
CA ASP C 558 6.61 -15.31 13.08
C ASP C 558 5.92 -14.37 14.07
N LEU C 559 6.62 -13.28 14.45
CA LEU C 559 6.11 -12.35 15.44
C LEU C 559 4.73 -11.83 15.09
N ARG C 560 4.46 -11.62 13.80
CA ARG C 560 3.15 -11.11 13.38
C ARG C 560 2.05 -12.14 13.65
N VAL C 561 2.35 -13.42 13.41
CA VAL C 561 1.40 -14.49 13.67
C VAL C 561 1.15 -14.63 15.17
N LEU C 562 2.22 -14.54 15.97
CA LEU C 562 2.08 -14.67 17.42
C LEU C 562 1.25 -13.54 17.99
N MET C 563 1.44 -12.33 17.51
CA MET C 563 0.59 -11.21 17.93
C MET C 563 -0.87 -11.51 17.64
N ASP C 564 -1.17 -11.95 16.42
CA ASP C 564 -2.54 -12.33 16.07
C ASP C 564 -3.07 -13.40 17.01
N ALA C 565 -2.24 -14.40 17.33
CA ALA C 565 -2.69 -15.47 18.21
C ALA C 565 -3.12 -14.93 19.57
N ILE C 566 -2.33 -14.01 20.13
CA ILE C 566 -2.68 -13.43 21.43
C ILE C 566 -4.02 -12.71 21.35
N TYR C 567 -4.21 -11.92 20.29
CA TYR C 567 -5.47 -11.22 20.11
C TYR C 567 -6.64 -12.19 20.02
N GLU C 568 -6.50 -13.23 19.20
CA GLU C 568 -7.62 -14.12 18.96
C GLU C 568 -7.90 -15.02 20.16
N LEU C 569 -6.84 -15.55 20.79
CA LEU C 569 -7.06 -16.43 21.93
C LEU C 569 -7.82 -15.72 23.04
N ASN C 570 -7.58 -14.43 23.23
CA ASN C 570 -8.25 -13.64 24.25
C ASN C 570 -9.57 -13.05 23.74
N ASP C 571 -10.17 -13.66 22.72
CA ASP C 571 -11.45 -13.25 22.14
C ASP C 571 -11.47 -11.75 21.81
N HIS C 572 -10.43 -11.32 21.09
CA HIS C 572 -10.35 -9.99 20.46
C HIS C 572 -10.22 -8.87 21.49
N GLN C 573 -9.36 -9.04 22.49
CA GLN C 573 -9.06 -8.02 23.47
C GLN C 573 -7.65 -7.49 23.26
N ASP C 574 -7.46 -6.18 23.45
CA ASP C 574 -6.12 -5.62 23.38
C ASP C 574 -5.41 -5.82 24.72
N LEU C 575 -4.12 -5.47 24.77
CA LEU C 575 -3.32 -5.76 25.95
C LEU C 575 -3.87 -5.08 27.19
N ARG C 576 -4.50 -3.92 27.03
CA ARG C 576 -5.04 -3.21 28.18
C ARG C 576 -6.21 -3.99 28.79
N GLU C 577 -7.17 -4.40 27.96
CA GLU C 577 -8.27 -5.22 28.45
C GLU C 577 -7.76 -6.55 29.00
N ILE C 578 -6.83 -7.19 28.28
CA ILE C 578 -6.31 -8.47 28.73
C ILE C 578 -5.75 -8.37 30.14
N THR C 579 -5.14 -7.25 30.47
CA THR C 579 -4.42 -7.11 31.73
C THR C 579 -5.25 -6.42 32.82
N LYS C 580 -6.48 -6.00 32.51
CA LYS C 580 -7.15 -5.03 33.36
C LYS C 580 -7.27 -5.51 34.81
N ASP C 581 -7.55 -6.80 35.03
CA ASP C 581 -7.73 -7.24 36.42
C ASP C 581 -6.40 -7.35 37.15
N SER C 582 -5.47 -8.14 36.65
CA SER C 582 -4.17 -8.22 37.31
C SER C 582 -3.50 -6.86 37.33
N LYS C 583 -2.79 -6.56 38.41
CA LYS C 583 -2.05 -5.31 38.49
C LYS C 583 -0.55 -5.48 38.37
N MET C 584 -0.08 -6.70 38.59
CA MET C 584 1.31 -7.02 38.36
C MET C 584 1.45 -6.96 36.84
N GLN C 585 0.37 -7.27 36.13
CA GLN C 585 0.35 -7.20 34.68
C GLN C 585 0.06 -5.78 34.19
N LYS C 586 -0.95 -5.14 34.78
CA LYS C 586 -1.23 -3.76 34.43
C LYS C 586 0.01 -2.89 34.60
N LEU C 587 0.83 -3.20 35.61
CA LEU C 587 2.05 -2.43 35.82
C LEU C 587 3.12 -2.84 34.82
N ALA C 588 3.30 -4.14 34.62
CA ALA C 588 4.24 -4.61 33.60
C ALA C 588 3.92 -3.98 32.25
N LEU C 589 2.64 -4.05 31.85
CA LEU C 589 2.22 -3.42 30.60
C LEU C 589 2.55 -1.93 30.61
N ALA C 590 2.22 -1.26 31.71
CA ALA C 590 2.47 0.18 31.82
C ALA C 590 3.93 0.50 31.56
N GLY C 591 4.84 -0.25 32.19
CA GLY C 591 6.25 -0.01 31.97
C GLY C 591 6.68 -0.35 30.56
N PHE C 592 6.20 -1.49 30.03
CA PHE C 592 6.53 -1.89 28.68
C PHE C 592 6.09 -0.83 27.67
N LEU C 593 4.86 -0.35 27.81
CA LEU C 593 4.34 0.66 26.89
C LEU C 593 5.14 1.95 26.92
N LYS C 594 5.87 2.20 28.01
CA LYS C 594 6.71 3.40 28.07
C LYS C 594 7.97 3.23 27.25
N LYS C 595 8.60 2.05 27.32
CA LYS C 595 9.83 1.80 26.60
C LYS C 595 9.62 1.65 25.09
N ILE C 596 8.41 1.32 24.64
CA ILE C 596 8.15 1.16 23.22
C ILE C 596 7.30 2.30 22.66
N LYS C 597 6.94 3.30 23.47
CA LYS C 597 6.14 4.41 22.97
C LYS C 597 6.83 5.06 21.78
N GLY C 598 6.05 5.31 20.73
CA GLY C 598 6.53 5.99 19.55
C GLY C 598 7.42 5.18 18.63
N THR C 599 7.60 3.88 18.88
CA THR C 599 8.52 3.06 18.12
C THR C 599 7.77 2.12 17.16
N TYR C 600 8.54 1.41 16.34
CA TYR C 600 7.97 0.45 15.40
C TYR C 600 7.20 -0.65 16.11
N ILE C 601 7.66 -1.07 17.30
CA ILE C 601 6.96 -2.12 18.02
C ILE C 601 5.56 -1.68 18.39
N GLU C 602 5.39 -0.41 18.79
CA GLU C 602 4.07 0.08 19.09
C GLU C 602 3.18 0.05 17.85
N SER C 603 3.74 0.45 16.70
CA SER C 603 2.97 0.40 15.46
C SER C 603 2.58 -1.02 15.10
N LEU C 604 3.49 -1.98 15.29
CA LEU C 604 3.18 -3.38 15.01
C LEU C 604 2.02 -3.86 15.89
N LEU C 605 2.10 -3.57 17.19
CA LEU C 605 1.07 -4.02 18.12
C LEU C 605 -0.27 -3.36 17.82
N LYS C 606 -0.27 -2.09 17.37
CA LYS C 606 -1.53 -1.49 16.95
C LYS C 606 -2.04 -2.12 15.67
N GLU C 607 -1.14 -2.38 14.71
CA GLU C 607 -1.57 -2.99 13.46
C GLU C 607 -2.22 -4.35 13.69
N HIS C 608 -1.79 -5.07 14.73
CA HIS C 608 -2.34 -6.38 15.02
C HIS C 608 -3.35 -6.34 16.17
N LYS C 609 -3.82 -5.14 16.52
CA LYS C 609 -4.96 -4.89 17.39
C LYS C 609 -4.69 -5.17 18.87
N LEU C 610 -3.42 -5.29 19.26
CA LEU C 610 -3.08 -5.45 20.66
C LEU C 610 -2.90 -4.12 21.38
N LEU C 611 -2.87 -3.01 20.65
CA LEU C 611 -2.87 -1.68 21.24
C LEU C 611 -3.92 -0.82 20.55
#